data_8WD9
#
_entry.id   8WD9
#
_cell.length_a   1.00
_cell.length_b   1.00
_cell.length_c   1.00
_cell.angle_alpha   90.00
_cell.angle_beta   90.00
_cell.angle_gamma   90.00
#
_symmetry.space_group_name_H-M   'P 1'
#
loop_
_entity.id
_entity.type
_entity.pdbx_description
1 polymer 'Probable dipeptide-transport integral membrane protein ABC transporter DppB'
2 polymer 'Probable dipeptide-transport integral membrane protein ABC transporter DppC'
3 polymer 'Probable dipeptide-transport ATP-binding protein ABC transporter DppD'
4 polymer 'Probable periplasmic dipeptide-binding lipoprotein DppA'
5 non-polymer 'PALMITIC ACID'
6 non-polymer '(2S)-1-(hexadecanoyloxy)propan-2-yl (10S)-10-methyloctadecanoate'
#
loop_
_entity_poly.entity_id
_entity_poly.type
_entity_poly.pdbx_seq_one_letter_code
_entity_poly.pdbx_strand_id
1 'polypeptide(L)'
;MGWYVARRVAVMVPVFLGATLLIYGMVFLLPGDPVAALAGDRPLTPAVAAQLRSHYHLDDPFLVQYLRYLGGILHGDLGR
AYSGLPVSAVLAHAFPVTIRLALIALAVEAVLGIGFGVIAGLRQGGIFDSAVLVTGLVIIAIPIFVLGFLAQFLFGVQLE
IAPVTVGERASVGRLLLPGIVLGAMSFAYVVRLTRSAVAANAHADYVRTATAKGLSRPRVVTVHILRNSLIPVVTFLGAD
LGALMGGAIVTEGIFNIHGVGGVLYQAVTRQETPTVVSIVTVLVLIYLITNLLVDLLYAALDPRIRYG
;
B
2 'polypeptide(L)'
;MAEHTGFWLDAWRGLRRRPKFVIAAALILLILVVAAFPSLFTAADPTYADPSQSMLAPSAAHWFGTDLQGHDIYSRTVYG
ARASVTVGLGATLAVFVVGGALGALAGFYGSWIDAVVSRVTDVFLGLPLLLAAIVLMQVMHHRTVWTVIAILALFGWPQV
ARIARGAVLEVRASDYVLAAKALGLNRFQILLRHALPNAVGPVIAVATVALGIFIVTEATLSYLGVGLPTSVVSWGGDIN
VAQTRLRSGSPILFYPAGALAITVLAFMMMGDALRDALDPASRAWRA
;
C
3 'polypeptide(L)'
;MSVPAAPLLSVEGLEVTFGTDAPAVCGVDLAVRSGQTVAVVGESGSGKSTTAAAILGLLPAGGRITAGRVVFDGRDITGA
DAKRLRSIRGREIGYVPQDPMTNLNPVWKVGFQVTEALRANTDGRAARRRAVELLAEAGLPDPAKQAGRYPHQLSGGMCQ
RALIAIGLAGRPRLLIADEPTSALDVTVQRQVLDHLQGLTDELGTALLLITHDLALAAQRAEAVVVVRRGVVVESGAAQS
ILQSPQHEYTRRLVAAAPSLTARSRRPPESRSRATTQAGDILVVSELTKIYRESRGAPWRRVESRAVDGVSFRLPRASTL
AIVGESGSGKSTLARMVLGLLQPTSGTVVFDGTYDVGALARDQVLAFRRRVQPVFQNPYSSLDPMYSVFRAIEEPLRVHH
VGDRRQRQRAVRELVDQVALPSSILGRRPRELSGGQRQRVAIARALALRPEVLVCDEAVSALDVLVQAQILDLLADLQAD
LGLTYLFISHDLAVIRQIADDVLVMRAGRVVEHASTEEVFSRPRHEYTRQLLQAIPGAPSAPRKVGNL
;
D
4 'polypeptide(L)'
;CGGGVLSPDVVLVNGGEPPNPLIPTGTNDSNGGRIIDRLFAGLMSYDAVGKPSLEVAQSIESADNVNYRITVKPGWKFTD
GSPVTAHSFVDAWNYGALSTNAQLQQHFFSPIEGFDDVAGAPGDKSRTTMSGLRVVNDLEFTVRLKAPTIDFTLRLGHSS
FYPLPDSAFRDMAAFGRNPIGNGPYKLADGPAGPAWEHNVRIDLVPNPDYHGNRKPRNKGLRFEFYANLDTAYADLLSGN
LDVLDTIPPSALTVYQRDLGDHATSGPAAINQTLDTPLRLPHFGGEEGRLRRLALSAAINRPQICQQIFAGTRSPARDFT
ARSLPGFDPNLPGNEVLDYDPQRARRLWAQADAISPWSGRYAIAYNADAGHRDWVDAVANSIKNVLGIDAVAAPQPTFAG
FRTQITNRAIDSAFRAGWRGDYPSMIEFLAPLFTAGAGSNDVGYINPEFDAALAAAEAAPTLTESHELVNDAQRILFHDM
PVVPLWDYISVVGWSSQVSNVTVTWNGLPDYENIVKA
;
A
#
# COMPACT_ATOMS: atom_id res chain seq x y z
N MET A 1 -14.20 18.59 24.19
CA MET A 1 -13.50 18.96 22.97
C MET A 1 -12.23 19.72 23.30
N GLY A 2 -12.38 20.82 24.04
CA GLY A 2 -11.22 21.59 24.45
C GLY A 2 -10.27 20.82 25.34
N TRP A 3 -10.80 19.90 26.14
CA TRP A 3 -9.98 19.03 26.96
C TRP A 3 -9.79 17.66 26.32
N TYR A 4 -10.19 17.50 25.07
CA TYR A 4 -9.82 16.34 24.26
C TYR A 4 -8.67 16.64 23.32
N VAL A 5 -8.61 17.86 22.79
CA VAL A 5 -7.50 18.23 21.93
C VAL A 5 -6.20 18.28 22.72
N ALA A 6 -6.24 18.82 23.93
CA ALA A 6 -5.05 18.90 24.77
C ALA A 6 -4.56 17.53 25.22
N ARG A 7 -5.23 16.47 24.74
CA ARG A 7 -4.88 15.08 25.11
C ARG A 7 -4.59 14.25 23.88
N ARG A 8 -5.25 14.55 22.77
CA ARG A 8 -4.91 14.00 21.47
C ARG A 8 -3.62 14.60 20.93
N VAL A 9 -3.24 15.78 21.42
CA VAL A 9 -1.95 16.35 21.05
C VAL A 9 -0.83 15.88 21.97
N ALA A 10 -1.12 15.73 23.27
CA ALA A 10 -0.12 15.20 24.18
C ALA A 10 0.27 13.77 23.82
N VAL A 11 -0.64 13.04 23.18
CA VAL A 11 -0.35 11.65 22.83
C VAL A 11 0.33 11.64 21.47
N MET A 12 0.69 12.80 20.96
CA MET A 12 1.33 12.92 19.66
C MET A 12 2.82 13.21 19.73
N VAL A 13 3.29 13.92 20.75
CA VAL A 13 4.70 14.28 20.88
C VAL A 13 5.59 13.05 20.95
N PRO A 14 5.32 12.07 21.83
CA PRO A 14 6.21 10.90 21.86
C PRO A 14 6.19 10.12 20.56
N VAL A 15 5.07 10.11 19.84
CA VAL A 15 5.02 9.42 18.55
C VAL A 15 5.99 10.07 17.58
N PHE A 16 5.91 11.40 17.45
CA PHE A 16 6.84 12.16 16.65
C PHE A 16 8.29 11.83 16.99
N LEU A 17 8.64 12.00 18.26
CA LEU A 17 10.02 11.80 18.68
C LEU A 17 10.47 10.38 18.42
N GLY A 18 9.64 9.39 18.74
CA GLY A 18 10.03 8.00 18.56
C GLY A 18 10.21 7.62 17.11
N ALA A 19 9.32 8.12 16.24
CA ALA A 19 9.46 7.81 14.82
C ALA A 19 10.74 8.41 14.26
N THR A 20 11.03 9.67 14.59
CA THR A 20 12.24 10.30 14.08
C THR A 20 13.48 9.61 14.62
N LEU A 21 13.49 9.27 15.91
CA LEU A 21 14.63 8.60 16.49
C LEU A 21 14.82 7.20 15.91
N LEU A 22 13.73 6.50 15.61
CA LEU A 22 13.84 5.19 15.00
C LEU A 22 14.45 5.30 13.61
N ILE A 23 13.98 6.26 12.81
CA ILE A 23 14.55 6.43 11.47
C ILE A 23 16.03 6.80 11.55
N TYR A 24 16.38 7.68 12.48
CA TYR A 24 17.78 8.08 12.62
C TYR A 24 18.61 7.08 13.39
N GLY A 25 18.01 6.01 13.90
CA GLY A 25 18.79 4.96 14.51
C GLY A 25 19.09 3.85 13.52
N MET A 26 18.05 3.40 12.80
CA MET A 26 18.25 2.37 11.79
C MET A 26 19.40 2.70 10.85
N VAL A 27 19.60 3.98 10.56
CA VAL A 27 20.85 4.45 10.00
C VAL A 27 21.67 5.01 11.16
N PHE A 28 22.99 4.86 11.08
CA PHE A 28 23.95 5.38 12.06
C PHE A 28 24.03 4.56 13.34
N LEU A 29 23.23 3.53 13.44
CA LEU A 29 23.37 2.70 14.66
C LEU A 29 23.86 1.29 14.48
N LEU A 30 24.17 0.99 13.24
CA LEU A 30 24.23 -0.38 12.70
C LEU A 30 25.55 -0.82 12.07
N PRO A 31 25.74 -0.57 10.76
CA PRO A 31 26.97 -0.93 10.10
C PRO A 31 28.29 -0.26 10.51
N GLY A 32 28.76 -0.42 11.75
CA GLY A 32 30.02 0.27 11.96
C GLY A 32 30.10 1.61 11.29
N ASP A 33 30.93 1.71 10.26
CA ASP A 33 31.15 2.97 9.58
C ASP A 33 29.94 3.29 8.71
N PRO A 34 29.18 4.34 9.02
CA PRO A 34 27.98 4.65 8.21
C PRO A 34 28.30 5.36 6.92
N VAL A 35 29.43 6.08 6.83
CA VAL A 35 29.77 6.80 5.61
C VAL A 35 29.94 5.87 4.43
N ALA A 36 30.18 4.58 4.69
CA ALA A 36 30.25 3.62 3.59
C ALA A 36 28.88 3.45 2.93
N ALA A 37 27.81 3.43 3.73
CA ALA A 37 26.48 3.18 3.18
C ALA A 37 25.87 4.43 2.57
N LEU A 38 26.29 5.61 3.00
CA LEU A 38 25.73 6.86 2.50
C LEU A 38 26.36 7.26 1.17
N ALA A 39 27.22 6.41 0.62
CA ALA A 39 27.92 6.72 -0.61
C ALA A 39 27.14 6.35 -1.86
N GLY A 40 26.07 5.57 -1.74
CA GLY A 40 25.33 5.17 -2.92
C GLY A 40 26.17 4.26 -3.78
N ASP A 41 26.30 4.62 -5.07
CA ASP A 41 27.08 3.84 -6.01
C ASP A 41 28.38 4.52 -6.45
N ARG A 42 28.44 5.85 -6.39
CA ARG A 42 29.63 6.56 -6.83
C ARG A 42 30.84 6.15 -5.98
N PRO A 43 32.04 6.20 -6.56
CA PRO A 43 33.23 5.80 -5.80
C PRO A 43 33.50 6.75 -4.65
N LEU A 44 34.09 6.19 -3.59
CA LEU A 44 34.38 6.93 -2.38
C LEU A 44 35.82 7.39 -2.40
N THR A 45 36.02 8.70 -2.30
CA THR A 45 37.33 9.33 -2.18
C THR A 45 37.33 10.26 -0.98
N PRO A 46 38.49 10.46 -0.34
CA PRO A 46 38.55 11.35 0.84
C PRO A 46 37.98 12.75 0.61
N ALA A 47 37.65 13.09 -0.62
CA ALA A 47 36.96 14.34 -0.91
C ALA A 47 35.44 14.20 -0.91
N VAL A 48 34.91 12.97 -0.86
CA VAL A 48 33.48 12.75 -0.76
C VAL A 48 33.15 12.26 0.65
N ALA A 49 34.08 11.54 1.26
CA ALA A 49 33.87 11.08 2.63
C ALA A 49 34.06 12.18 3.64
N ALA A 50 34.18 13.44 3.19
CA ALA A 50 34.30 14.58 4.08
C ALA A 50 33.25 15.65 3.84
N GLN A 51 32.57 15.64 2.69
CA GLN A 51 31.51 16.62 2.45
C GLN A 51 30.27 16.32 3.27
N LEU A 52 30.04 15.05 3.60
CA LEU A 52 28.87 14.65 4.37
C LEU A 52 29.15 14.53 5.86
N ARG A 53 30.41 14.38 6.24
CA ARG A 53 30.76 14.38 7.66
C ARG A 53 30.53 15.76 8.27
N SER A 54 30.80 16.82 7.49
CA SER A 54 30.55 18.16 7.97
C SER A 54 29.07 18.49 8.03
N HIS A 55 28.24 17.77 7.27
CA HIS A 55 26.80 17.98 7.26
C HIS A 55 26.05 17.04 8.20
N TYR A 56 26.70 15.96 8.66
CA TYR A 56 26.09 15.02 9.58
C TYR A 56 26.74 14.99 10.96
N HIS A 57 27.98 15.46 11.09
CA HIS A 57 28.66 15.55 12.38
C HIS A 57 28.81 14.18 13.03
N LEU A 58 29.53 13.29 12.35
CA LEU A 58 29.62 11.90 12.78
C LEU A 58 30.73 11.65 13.78
N ASP A 59 31.20 12.70 14.45
CA ASP A 59 32.36 12.58 15.34
C ASP A 59 31.99 12.57 16.82
N ASP A 60 30.77 12.92 17.18
CA ASP A 60 30.34 13.17 18.54
C ASP A 60 29.18 12.27 18.91
N PRO A 61 28.81 12.18 20.22
CA PRO A 61 27.77 11.23 20.65
C PRO A 61 26.45 11.36 19.91
N PHE A 62 25.61 10.33 20.07
CA PHE A 62 24.42 10.19 19.25
C PHE A 62 23.37 11.25 19.55
N LEU A 63 23.27 11.69 20.81
CA LEU A 63 22.22 12.63 21.19
C LEU A 63 22.37 13.96 20.45
N VAL A 64 23.59 14.50 20.42
CA VAL A 64 23.80 15.82 19.85
C VAL A 64 23.57 15.80 18.34
N GLN A 65 24.02 14.74 17.66
CA GLN A 65 23.82 14.70 16.21
C GLN A 65 22.38 14.37 15.85
N TYR A 66 21.66 13.65 16.71
CA TYR A 66 20.23 13.46 16.46
C TYR A 66 19.47 14.77 16.61
N LEU A 67 19.78 15.53 17.66
CA LEU A 67 19.16 16.83 17.84
C LEU A 67 19.46 17.75 16.66
N ARG A 68 20.71 17.77 16.21
CA ARG A 68 21.06 18.61 15.08
C ARG A 68 20.39 18.15 13.80
N TYR A 69 20.19 16.84 13.63
CA TYR A 69 19.47 16.37 12.46
C TYR A 69 18.03 16.85 12.46
N LEU A 70 17.36 16.75 13.62
CA LEU A 70 15.99 17.23 13.70
C LEU A 70 15.91 18.73 13.44
N GLY A 71 16.80 19.50 14.07
CA GLY A 71 16.79 20.94 13.85
C GLY A 71 17.07 21.32 12.40
N GLY A 72 17.98 20.60 11.75
CA GLY A 72 18.26 20.87 10.35
C GLY A 72 17.07 20.56 9.46
N ILE A 73 16.39 19.45 9.73
CA ILE A 73 15.20 19.12 8.96
C ILE A 73 14.14 20.20 9.14
N LEU A 74 14.00 20.71 10.36
CA LEU A 74 12.95 21.68 10.62
C LEU A 74 13.27 23.06 10.05
N HIS A 75 14.53 23.47 10.07
CA HIS A 75 14.87 24.78 9.50
C HIS A 75 14.77 24.81 7.98
N GLY A 76 14.49 23.70 7.33
CA GLY A 76 14.44 23.67 5.88
C GLY A 76 15.79 23.38 5.28
N ASP A 77 16.43 22.31 5.76
CA ASP A 77 17.75 21.88 5.28
C ASP A 77 17.69 20.36 5.18
N LEU A 78 17.26 19.87 4.03
CA LEU A 78 17.03 18.45 3.82
C LEU A 78 18.23 17.75 3.17
N GLY A 79 19.30 18.48 2.85
CA GLY A 79 20.49 17.89 2.27
C GLY A 79 20.83 18.53 0.95
N ARG A 80 21.47 17.74 0.08
CA ARG A 80 21.85 18.18 -1.25
C ARG A 80 21.65 17.01 -2.20
N ALA A 81 20.92 17.24 -3.28
CA ALA A 81 20.53 16.18 -4.18
C ALA A 81 21.73 15.72 -5.00
N TYR A 82 21.48 14.82 -5.95
CA TYR A 82 22.56 14.30 -6.79
C TYR A 82 23.09 15.36 -7.74
N SER A 83 22.20 16.08 -8.40
CA SER A 83 22.60 17.06 -9.40
C SER A 83 23.10 18.36 -8.80
N GLY A 84 23.39 18.40 -7.50
CA GLY A 84 23.92 19.59 -6.87
C GLY A 84 22.89 20.55 -6.34
N LEU A 85 21.64 20.27 -6.51
CA LEU A 85 20.63 21.20 -6.03
C LEU A 85 20.13 20.78 -4.66
N PRO A 86 19.73 21.74 -3.83
CA PRO A 86 19.19 21.38 -2.51
C PRO A 86 17.86 20.65 -2.65
N VAL A 87 17.72 19.57 -1.88
CA VAL A 87 16.53 18.72 -1.99
C VAL A 87 15.27 19.52 -1.69
N SER A 88 15.35 20.51 -0.80
CA SER A 88 14.17 21.31 -0.49
C SER A 88 13.62 21.99 -1.74
N ALA A 89 14.49 22.51 -2.59
CA ALA A 89 14.02 23.15 -3.82
C ALA A 89 13.31 22.16 -4.72
N VAL A 90 13.87 20.95 -4.86
CA VAL A 90 13.26 19.95 -5.73
C VAL A 90 11.88 19.55 -5.22
N LEU A 91 11.75 19.38 -3.90
CA LEU A 91 10.45 19.03 -3.33
C LEU A 91 9.45 20.17 -3.53
N ALA A 92 9.87 21.40 -3.27
CA ALA A 92 8.97 22.53 -3.42
C ALA A 92 8.55 22.72 -4.86
N HIS A 93 9.38 22.28 -5.81
CA HIS A 93 9.02 22.41 -7.21
C HIS A 93 8.25 21.20 -7.74
N ALA A 94 8.29 20.07 -7.06
CA ALA A 94 7.63 18.87 -7.55
C ALA A 94 6.40 18.46 -6.75
N PHE A 95 6.05 19.16 -5.68
CA PHE A 95 4.83 18.83 -4.98
C PHE A 95 3.53 19.15 -5.72
N PRO A 96 3.44 20.24 -6.50
CA PRO A 96 2.17 20.51 -7.21
C PRO A 96 1.65 19.35 -8.03
N VAL A 97 2.50 18.64 -8.77
CA VAL A 97 2.01 17.60 -9.65
C VAL A 97 1.56 16.38 -8.86
N THR A 98 2.29 16.01 -7.80
CA THR A 98 1.85 14.87 -7.03
C THR A 98 0.57 15.17 -6.25
N ILE A 99 0.36 16.44 -5.88
CA ILE A 99 -0.93 16.80 -5.29
C ILE A 99 -2.03 16.71 -6.34
N ARG A 100 -1.75 17.18 -7.55
CA ARG A 100 -2.73 17.09 -8.64
C ARG A 100 -3.08 15.65 -8.97
N LEU A 101 -2.18 14.71 -8.69
CA LEU A 101 -2.47 13.30 -8.93
C LEU A 101 -3.23 12.69 -7.76
N ALA A 102 -2.79 12.97 -6.53
CA ALA A 102 -3.47 12.44 -5.36
C ALA A 102 -4.91 12.94 -5.28
N LEU A 103 -5.18 14.14 -5.79
CA LEU A 103 -6.55 14.64 -5.75
C LEU A 103 -7.46 13.81 -6.64
N ILE A 104 -7.01 13.45 -7.84
CA ILE A 104 -7.82 12.60 -8.70
C ILE A 104 -8.04 11.23 -8.07
N ALA A 105 -6.95 10.66 -7.52
CA ALA A 105 -7.08 9.35 -6.87
C ALA A 105 -8.10 9.40 -5.74
N LEU A 106 -8.00 10.40 -4.87
CA LEU A 106 -8.90 10.49 -3.73
C LEU A 106 -10.32 10.84 -4.17
N ALA A 107 -10.47 11.58 -5.25
CA ALA A 107 -11.81 11.91 -5.73
C ALA A 107 -12.53 10.68 -6.22
N VAL A 108 -11.89 9.90 -7.11
CA VAL A 108 -12.53 8.67 -7.57
C VAL A 108 -12.80 7.76 -6.38
N GLU A 109 -11.80 7.59 -5.51
CA GLU A 109 -11.98 6.77 -4.32
C GLU A 109 -13.23 7.17 -3.55
N ALA A 110 -13.25 8.40 -3.04
CA ALA A 110 -14.36 8.86 -2.21
C ALA A 110 -15.69 8.74 -2.94
N VAL A 111 -15.83 9.43 -4.06
CA VAL A 111 -17.14 9.52 -4.72
C VAL A 111 -17.64 8.13 -5.11
N LEU A 112 -16.86 7.42 -5.92
CA LEU A 112 -17.35 6.14 -6.44
C LEU A 112 -17.55 5.13 -5.31
N GLY A 113 -16.56 4.99 -4.42
CA GLY A 113 -16.70 4.06 -3.32
C GLY A 113 -17.94 4.32 -2.49
N ILE A 114 -18.12 5.56 -2.06
CA ILE A 114 -19.26 5.87 -1.19
C ILE A 114 -20.57 5.65 -1.92
N GLY A 115 -20.66 6.11 -3.17
CA GLY A 115 -21.90 5.93 -3.92
C GLY A 115 -22.27 4.46 -4.07
N PHE A 116 -21.33 3.65 -4.56
CA PHE A 116 -21.64 2.26 -4.81
C PHE A 116 -21.85 1.49 -3.51
N GLY A 117 -21.14 1.86 -2.44
CA GLY A 117 -21.35 1.19 -1.18
C GLY A 117 -22.71 1.48 -0.59
N VAL A 118 -23.18 2.72 -0.70
CA VAL A 118 -24.52 3.04 -0.20
C VAL A 118 -25.57 2.33 -1.04
N ILE A 119 -25.40 2.32 -2.37
CA ILE A 119 -26.40 1.66 -3.20
C ILE A 119 -26.41 0.16 -2.96
N ALA A 120 -25.28 -0.43 -2.59
CA ALA A 120 -25.24 -1.86 -2.33
C ALA A 120 -25.63 -2.20 -0.90
N GLY A 121 -25.56 -1.25 0.02
CA GLY A 121 -25.96 -1.51 1.38
C GLY A 121 -27.44 -1.32 1.60
N LEU A 122 -28.03 -0.34 0.91
CA LEU A 122 -29.46 -0.10 1.06
C LEU A 122 -30.31 -1.18 0.41
N ARG A 123 -29.68 -2.18 -0.20
CA ARG A 123 -30.40 -3.33 -0.74
C ARG A 123 -29.47 -4.55 -0.67
N GLN A 124 -29.55 -5.30 0.41
CA GLN A 124 -28.67 -6.44 0.63
C GLN A 124 -29.29 -7.71 0.06
N GLY A 125 -28.43 -8.67 -0.26
CA GLY A 125 -28.85 -9.90 -0.89
C GLY A 125 -29.10 -9.81 -2.37
N GLY A 126 -28.88 -8.65 -2.98
CA GLY A 126 -29.16 -8.49 -4.38
C GLY A 126 -28.01 -8.91 -5.27
N ILE A 127 -28.33 -9.08 -6.55
CA ILE A 127 -27.31 -9.43 -7.53
C ILE A 127 -26.27 -8.33 -7.61
N PHE A 128 -26.70 -7.07 -7.57
CA PHE A 128 -25.75 -5.96 -7.54
C PHE A 128 -24.84 -6.06 -6.33
N ASP A 129 -25.42 -6.38 -5.17
CA ASP A 129 -24.62 -6.50 -3.95
C ASP A 129 -23.54 -7.55 -4.11
N SER A 130 -23.93 -8.76 -4.54
CA SER A 130 -22.95 -9.84 -4.68
C SER A 130 -21.90 -9.49 -5.71
N ALA A 131 -22.31 -8.87 -6.83
CA ALA A 131 -21.37 -8.51 -7.87
C ALA A 131 -20.33 -7.54 -7.34
N VAL A 132 -20.78 -6.48 -6.67
CA VAL A 132 -19.83 -5.48 -6.21
C VAL A 132 -18.92 -6.04 -5.13
N LEU A 133 -19.44 -6.91 -4.27
CA LEU A 133 -18.58 -7.50 -3.24
C LEU A 133 -17.50 -8.37 -3.85
N VAL A 134 -17.85 -9.23 -4.80
CA VAL A 134 -16.86 -10.11 -5.40
C VAL A 134 -15.86 -9.29 -6.23
N THR A 135 -16.33 -8.25 -6.90
CA THR A 135 -15.40 -7.44 -7.69
C THR A 135 -14.42 -6.70 -6.80
N GLY A 136 -14.87 -6.19 -5.66
CA GLY A 136 -13.94 -5.58 -4.73
C GLY A 136 -12.94 -6.58 -4.18
N LEU A 137 -13.41 -7.79 -3.86
CA LEU A 137 -12.49 -8.82 -3.37
C LEU A 137 -11.43 -9.16 -4.40
N VAL A 138 -11.81 -9.15 -5.69
CA VAL A 138 -10.82 -9.42 -6.73
C VAL A 138 -9.86 -8.27 -6.89
N ILE A 139 -10.38 -7.04 -6.92
CA ILE A 139 -9.53 -5.86 -7.14
C ILE A 139 -8.50 -5.72 -6.04
N ILE A 140 -8.86 -6.09 -4.80
CA ILE A 140 -7.90 -5.98 -3.71
C ILE A 140 -6.66 -6.84 -3.96
N ALA A 141 -6.83 -7.98 -4.63
CA ALA A 141 -5.74 -8.94 -4.74
C ALA A 141 -4.61 -8.46 -5.65
N ILE A 142 -4.93 -7.70 -6.67
CA ILE A 142 -3.91 -7.29 -7.65
C ILE A 142 -3.01 -6.23 -7.02
N PRO A 143 -1.69 -6.39 -7.06
CA PRO A 143 -0.80 -5.34 -6.55
C PRO A 143 -0.90 -4.09 -7.41
N ILE A 144 -0.30 -3.00 -6.90
CA ILE A 144 -0.42 -1.73 -7.59
C ILE A 144 0.38 -1.73 -8.89
N PHE A 145 1.62 -2.20 -8.85
CA PHE A 145 2.45 -2.13 -10.05
C PHE A 145 1.97 -3.11 -11.11
N VAL A 146 1.43 -4.26 -10.73
CA VAL A 146 0.87 -5.20 -11.70
C VAL A 146 -0.31 -4.56 -12.42
N LEU A 147 -1.22 -3.96 -11.64
CA LEU A 147 -2.36 -3.29 -12.24
C LEU A 147 -1.93 -2.13 -13.13
N GLY A 148 -0.89 -1.41 -12.71
CA GLY A 148 -0.39 -0.33 -13.54
C GLY A 148 0.16 -0.82 -14.86
N PHE A 149 0.92 -1.92 -14.84
CA PHE A 149 1.43 -2.48 -16.08
C PHE A 149 0.30 -2.97 -16.96
N LEU A 150 -0.72 -3.57 -16.36
CA LEU A 150 -1.85 -4.08 -17.15
C LEU A 150 -2.59 -2.93 -17.82
N ALA A 151 -2.90 -1.87 -17.07
CA ALA A 151 -3.58 -0.73 -17.64
C ALA A 151 -2.74 -0.06 -18.71
N GLN A 152 -1.45 0.16 -18.42
CA GLN A 152 -0.55 0.77 -19.39
C GLN A 152 -0.56 -0.01 -20.69
N PHE A 153 -0.25 -1.31 -20.63
CA PHE A 153 -0.29 -2.14 -21.82
C PHE A 153 -1.62 -1.98 -22.55
N LEU A 154 -2.71 -2.38 -21.89
CA LEU A 154 -3.99 -2.51 -22.57
C LEU A 154 -4.46 -1.21 -23.19
N PHE A 155 -4.33 -0.09 -22.46
CA PHE A 155 -4.92 1.16 -22.91
C PHE A 155 -3.95 2.06 -23.66
N GLY A 156 -2.65 1.77 -23.66
CA GLY A 156 -1.75 2.66 -24.35
C GLY A 156 -1.00 2.01 -25.50
N VAL A 157 -0.71 0.72 -25.41
CA VAL A 157 0.08 0.08 -26.45
C VAL A 157 -0.80 -0.57 -27.49
N GLN A 158 -1.87 -1.26 -27.07
CA GLN A 158 -2.73 -1.95 -28.02
C GLN A 158 -3.60 -0.96 -28.78
N LEU A 159 -4.46 -0.23 -28.08
CA LEU A 159 -5.27 0.83 -28.68
C LEU A 159 -4.90 2.14 -27.98
N GLU A 160 -4.25 3.04 -28.73
CA GLU A 160 -3.76 4.27 -28.13
C GLU A 160 -4.91 5.23 -27.85
N ILE A 161 -5.44 5.19 -26.63
CA ILE A 161 -6.36 6.21 -26.16
C ILE A 161 -5.88 6.88 -24.89
N ALA A 162 -4.73 6.49 -24.38
CA ALA A 162 -4.12 7.08 -23.19
C ALA A 162 -2.63 7.25 -23.43
N PRO A 163 -2.00 8.20 -22.76
CA PRO A 163 -0.56 8.39 -22.93
C PRO A 163 0.22 7.35 -22.14
N VAL A 164 1.19 6.71 -22.78
CA VAL A 164 2.03 5.75 -22.10
C VAL A 164 3.08 6.44 -21.24
N THR A 165 3.43 7.69 -21.56
CA THR A 165 4.44 8.42 -20.80
C THR A 165 3.92 9.83 -20.56
N VAL A 166 3.57 10.14 -19.32
CA VAL A 166 3.09 11.47 -18.95
C VAL A 166 4.34 12.26 -18.54
N GLY A 167 5.03 12.78 -19.52
CA GLY A 167 6.25 13.52 -19.23
C GLY A 167 6.04 15.01 -19.28
N GLU A 168 5.93 15.63 -18.10
CA GLU A 168 5.87 17.08 -17.88
C GLU A 168 4.74 17.75 -18.64
N ARG A 169 3.94 16.97 -19.38
CA ARG A 169 2.64 17.42 -19.88
C ARG A 169 1.63 16.67 -19.05
N ALA A 170 1.28 17.25 -17.89
CA ALA A 170 0.49 16.57 -16.88
C ALA A 170 -0.85 17.17 -16.64
N SER A 171 -1.54 17.59 -17.72
CA SER A 171 -2.90 18.09 -17.61
C SER A 171 -3.76 16.99 -17.00
N VAL A 172 -4.89 17.38 -16.42
CA VAL A 172 -5.75 16.41 -15.73
C VAL A 172 -6.21 15.32 -16.68
N GLY A 173 -6.47 15.68 -17.94
CA GLY A 173 -6.88 14.69 -18.91
C GLY A 173 -5.82 13.64 -19.17
N ARG A 174 -4.55 14.00 -19.02
CA ARG A 174 -3.47 13.05 -19.19
C ARG A 174 -3.09 12.37 -17.89
N LEU A 175 -3.51 12.91 -16.75
CA LEU A 175 -3.27 12.32 -15.45
C LEU A 175 -4.44 11.51 -14.94
N LEU A 176 -5.50 11.38 -15.73
CA LEU A 176 -6.71 10.69 -15.26
C LEU A 176 -6.44 9.21 -15.05
N LEU A 177 -5.82 8.54 -16.03
CA LEU A 177 -5.67 7.09 -15.93
C LEU A 177 -4.72 6.67 -14.80
N PRO A 178 -3.53 7.26 -14.66
CA PRO A 178 -2.70 6.90 -13.50
C PRO A 178 -3.40 7.13 -12.17
N GLY A 179 -4.25 8.16 -12.07
CA GLY A 179 -4.99 8.36 -10.85
C GLY A 179 -5.95 7.22 -10.54
N ILE A 180 -6.66 6.75 -11.56
CA ILE A 180 -7.56 5.61 -11.37
C ILE A 180 -6.77 4.38 -10.95
N VAL A 181 -5.63 4.14 -11.60
CA VAL A 181 -4.80 2.99 -11.23
C VAL A 181 -4.34 3.10 -9.79
N LEU A 182 -3.99 4.31 -9.36
CA LEU A 182 -3.55 4.51 -7.99
C LEU A 182 -4.68 4.32 -6.99
N GLY A 183 -5.90 4.68 -7.37
CA GLY A 183 -6.99 4.71 -6.41
C GLY A 183 -7.93 3.52 -6.40
N ALA A 184 -7.77 2.58 -7.32
CA ALA A 184 -8.64 1.41 -7.34
C ALA A 184 -8.47 0.56 -6.07
N MET A 185 -7.23 0.40 -5.61
CA MET A 185 -6.95 -0.40 -4.42
C MET A 185 -7.74 0.12 -3.22
N SER A 186 -7.86 1.45 -3.11
CA SER A 186 -8.58 2.04 -1.99
C SER A 186 -10.08 2.09 -2.23
N PHE A 187 -10.48 2.26 -3.49
CA PHE A 187 -11.90 2.25 -3.80
C PHE A 187 -12.53 0.92 -3.42
N ALA A 188 -11.80 -0.18 -3.61
CA ALA A 188 -12.33 -1.49 -3.21
C ALA A 188 -12.56 -1.57 -1.71
N TYR A 189 -11.55 -1.21 -0.92
CA TYR A 189 -11.69 -1.23 0.53
C TYR A 189 -12.84 -0.35 0.99
N VAL A 190 -12.95 0.85 0.41
CA VAL A 190 -13.97 1.78 0.84
C VAL A 190 -15.36 1.25 0.54
N VAL A 191 -15.56 0.72 -0.67
CA VAL A 191 -16.90 0.23 -1.00
C VAL A 191 -17.27 -0.94 -0.11
N ARG A 192 -16.33 -1.85 0.16
CA ARG A 192 -16.65 -2.97 1.04
C ARG A 192 -17.01 -2.49 2.44
N LEU A 193 -16.18 -1.62 3.01
CA LEU A 193 -16.41 -1.17 4.38
C LEU A 193 -17.72 -0.43 4.50
N THR A 194 -18.02 0.47 3.56
CA THR A 194 -19.25 1.24 3.69
C THR A 194 -20.47 0.40 3.39
N ARG A 195 -20.35 -0.61 2.52
CA ARG A 195 -21.45 -1.55 2.35
C ARG A 195 -21.77 -2.23 3.66
N SER A 196 -20.77 -2.80 4.32
CA SER A 196 -21.02 -3.50 5.57
C SER A 196 -21.56 -2.56 6.63
N ALA A 197 -21.03 -1.34 6.69
CA ALA A 197 -21.48 -0.39 7.71
C ALA A 197 -22.94 -0.02 7.51
N VAL A 198 -23.32 0.33 6.27
CA VAL A 198 -24.70 0.73 6.02
C VAL A 198 -25.64 -0.43 6.24
N ALA A 199 -25.24 -1.64 5.83
CA ALA A 199 -26.13 -2.79 6.00
C ALA A 199 -26.33 -3.11 7.47
N ALA A 200 -25.29 -2.97 8.29
CA ALA A 200 -25.42 -3.24 9.71
C ALA A 200 -26.06 -2.09 10.47
N ASN A 201 -26.10 -0.90 9.89
CA ASN A 201 -26.67 0.26 10.54
C ASN A 201 -28.12 0.53 10.18
N ALA A 202 -28.57 0.05 9.03
CA ALA A 202 -29.95 0.27 8.62
C ALA A 202 -30.93 -0.55 9.39
N HIS A 203 -30.49 -1.30 10.41
CA HIS A 203 -31.38 -2.13 11.21
C HIS A 203 -31.34 -1.75 12.68
N ALA A 204 -30.76 -0.60 13.03
CA ALA A 204 -30.71 -0.19 14.42
C ALA A 204 -32.11 0.13 14.92
N ASP A 205 -32.19 0.43 16.22
CA ASP A 205 -33.49 0.73 16.82
C ASP A 205 -33.90 2.17 16.62
N TYR A 206 -32.94 3.10 16.62
CA TYR A 206 -33.33 4.49 16.39
C TYR A 206 -33.85 4.69 14.98
N VAL A 207 -33.41 3.88 14.02
CA VAL A 207 -33.96 3.96 12.67
C VAL A 207 -35.42 3.56 12.66
N ARG A 208 -35.77 2.50 13.38
CA ARG A 208 -37.16 2.07 13.44
C ARG A 208 -38.02 3.10 14.15
N THR A 209 -37.57 3.58 15.30
CA THR A 209 -38.37 4.57 16.01
C THR A 209 -38.33 5.94 15.36
N ALA A 210 -37.47 6.14 14.37
CA ALA A 210 -37.51 7.37 13.58
C ALA A 210 -38.45 7.24 12.39
N THR A 211 -38.48 6.08 11.75
CA THR A 211 -39.48 5.89 10.71
C THR A 211 -40.86 5.68 11.28
N ALA A 212 -40.98 5.46 12.59
CA ALA A 212 -42.27 5.28 13.23
C ALA A 212 -42.91 6.59 13.66
N LYS A 213 -42.35 7.73 13.24
CA LYS A 213 -42.95 9.03 13.56
C LYS A 213 -43.23 9.84 12.31
N GLY A 214 -43.39 9.19 11.17
CA GLY A 214 -43.86 9.84 9.97
C GLY A 214 -42.79 10.44 9.09
N LEU A 215 -41.52 10.30 9.43
CA LEU A 215 -40.47 10.85 8.60
C LEU A 215 -40.45 10.18 7.23
N SER A 216 -40.18 10.96 6.19
CA SER A 216 -40.12 10.42 4.85
C SER A 216 -38.98 9.41 4.73
N ARG A 217 -38.98 8.67 3.62
CA ARG A 217 -37.92 7.68 3.42
C ARG A 217 -36.60 8.34 3.05
N PRO A 218 -36.52 9.31 2.14
CA PRO A 218 -35.23 9.94 1.88
C PRO A 218 -34.65 10.62 3.10
N ARG A 219 -35.48 11.25 3.93
CA ARG A 219 -34.97 11.94 5.11
C ARG A 219 -34.44 10.96 6.15
N VAL A 220 -35.21 9.91 6.45
CA VAL A 220 -34.72 8.86 7.34
C VAL A 220 -33.40 8.32 6.83
N VAL A 221 -33.36 7.93 5.56
CA VAL A 221 -32.13 7.39 5.00
C VAL A 221 -30.98 8.34 5.25
N THR A 222 -31.05 9.55 4.68
CA THR A 222 -29.92 10.45 4.72
C THR A 222 -29.50 10.68 6.17
N VAL A 223 -30.34 11.29 7.00
CA VAL A 223 -29.91 11.62 8.35
C VAL A 223 -29.46 10.38 9.09
N HIS A 224 -30.43 9.50 9.38
CA HIS A 224 -30.22 8.51 10.42
C HIS A 224 -29.33 7.37 9.99
N ILE A 225 -29.21 7.09 8.69
CA ILE A 225 -28.34 6.02 8.24
C ILE A 225 -27.02 6.55 7.70
N LEU A 226 -27.02 7.65 6.96
CA LEU A 226 -25.82 8.13 6.30
C LEU A 226 -25.02 9.10 7.15
N ARG A 227 -25.34 9.25 8.45
CA ARG A 227 -24.36 9.87 9.33
C ARG A 227 -23.55 8.84 10.11
N ASN A 228 -24.26 8.01 10.87
CA ASN A 228 -23.62 7.00 11.71
C ASN A 228 -22.82 6.01 10.90
N SER A 229 -23.20 5.82 9.63
CA SER A 229 -22.46 4.89 8.79
C SER A 229 -21.20 5.53 8.24
N LEU A 230 -21.28 6.81 7.87
CA LEU A 230 -20.19 7.44 7.15
C LEU A 230 -19.06 7.92 8.04
N ILE A 231 -19.23 7.93 9.36
CA ILE A 231 -18.08 8.30 10.21
C ILE A 231 -16.85 7.39 10.03
N PRO A 232 -16.97 6.07 10.22
CA PRO A 232 -15.78 5.22 10.09
C PRO A 232 -15.15 5.28 8.72
N VAL A 233 -15.91 5.66 7.69
CA VAL A 233 -15.34 5.79 6.36
C VAL A 233 -14.30 6.89 6.33
N VAL A 234 -14.56 8.02 7.00
CA VAL A 234 -13.56 9.08 6.99
C VAL A 234 -12.35 8.69 7.83
N THR A 235 -12.57 7.95 8.92
CA THR A 235 -11.41 7.45 9.66
C THR A 235 -10.52 6.59 8.76
N PHE A 236 -11.12 5.63 8.05
CA PHE A 236 -10.34 4.80 7.16
C PHE A 236 -9.70 5.61 6.04
N LEU A 237 -10.36 6.67 5.57
CA LEU A 237 -9.78 7.47 4.51
C LEU A 237 -8.47 8.11 4.97
N GLY A 238 -8.44 8.59 6.21
CA GLY A 238 -7.17 9.07 6.74
C GLY A 238 -6.10 8.00 6.75
N ALA A 239 -6.42 6.84 7.34
CA ALA A 239 -5.42 5.77 7.39
C ALA A 239 -4.94 5.37 6.00
N ASP A 240 -5.83 5.38 5.03
CA ASP A 240 -5.45 4.85 3.72
C ASP A 240 -4.74 5.90 2.87
N LEU A 241 -4.97 7.19 3.12
CA LEU A 241 -4.06 8.18 2.57
C LEU A 241 -2.64 7.91 3.06
N GLY A 242 -2.52 7.61 4.36
CA GLY A 242 -1.23 7.21 4.88
C GLY A 242 -0.63 6.04 4.11
N ALA A 243 -1.45 5.03 3.81
CA ALA A 243 -0.94 3.86 3.10
C ALA A 243 -0.76 4.09 1.59
N LEU A 244 -1.34 5.14 1.03
CA LEU A 244 -1.23 5.46 -0.39
C LEU A 244 -0.02 6.32 -0.71
N MET A 245 0.47 7.07 0.28
CA MET A 245 1.74 7.79 0.14
C MET A 245 2.79 6.94 -0.56
N GLY A 246 2.95 5.69 -0.13
CA GLY A 246 3.96 4.81 -0.69
C GLY A 246 3.52 3.98 -1.87
N GLY A 247 2.25 4.06 -2.24
CA GLY A 247 1.80 3.38 -3.43
C GLY A 247 1.92 4.29 -4.63
N ALA A 248 1.99 5.60 -4.38
CA ALA A 248 2.19 6.54 -5.47
C ALA A 248 3.54 6.36 -6.16
N ILE A 249 4.53 5.78 -5.47
CA ILE A 249 5.88 5.71 -5.99
C ILE A 249 5.93 4.90 -7.28
N VAL A 250 5.40 3.67 -7.24
CA VAL A 250 5.53 2.78 -8.38
C VAL A 250 4.68 3.30 -9.55
N THR A 251 3.51 3.86 -9.26
CA THR A 251 2.67 4.35 -10.35
C THR A 251 3.17 5.67 -10.93
N GLU A 252 4.07 6.37 -10.26
CA GLU A 252 4.76 7.45 -10.94
C GLU A 252 6.08 7.02 -11.55
N GLY A 253 6.62 5.89 -11.14
CA GLY A 253 7.82 5.37 -11.75
C GLY A 253 7.55 4.70 -13.08
N ILE A 254 6.45 3.95 -13.18
CA ILE A 254 6.16 3.24 -14.42
C ILE A 254 5.42 4.09 -15.44
N PHE A 255 5.01 5.30 -15.08
CA PHE A 255 4.35 6.20 -16.01
C PHE A 255 5.19 7.43 -16.33
N ASN A 256 6.34 7.59 -15.69
CA ASN A 256 7.27 8.68 -15.95
C ASN A 256 6.63 10.04 -15.67
N ILE A 257 5.96 10.14 -14.53
CA ILE A 257 5.40 11.39 -14.06
C ILE A 257 6.44 12.10 -13.22
N HIS A 258 6.64 13.40 -13.47
CA HIS A 258 7.69 14.17 -12.80
C HIS A 258 7.18 14.68 -11.46
N GLY A 259 6.82 13.75 -10.58
CA GLY A 259 6.33 14.08 -9.27
C GLY A 259 7.33 13.74 -8.18
N VAL A 260 6.89 13.93 -6.93
CA VAL A 260 7.75 13.55 -5.82
C VAL A 260 7.90 12.03 -5.78
N GLY A 261 6.87 11.30 -6.22
CA GLY A 261 7.02 9.87 -6.38
C GLY A 261 8.04 9.52 -7.44
N GLY A 262 8.11 10.33 -8.50
CA GLY A 262 9.14 10.12 -9.50
C GLY A 262 10.53 10.39 -8.97
N VAL A 263 10.69 11.46 -8.19
CA VAL A 263 11.97 11.75 -7.56
C VAL A 263 12.40 10.60 -6.65
N LEU A 264 11.47 10.11 -5.84
CA LEU A 264 11.79 9.04 -4.92
C LEU A 264 12.08 7.73 -5.64
N TYR A 265 11.37 7.45 -6.74
CA TYR A 265 11.66 6.25 -7.52
C TYR A 265 13.04 6.34 -8.16
N GLN A 266 13.40 7.52 -8.60
CA GLN A 266 14.77 7.58 -9.14
C GLN A 266 15.70 7.29 -7.99
N ALA A 267 15.65 8.08 -6.95
CA ALA A 267 16.62 7.91 -5.87
C ALA A 267 16.65 6.50 -5.33
N VAL A 268 15.55 5.75 -5.42
CA VAL A 268 15.54 4.38 -4.89
C VAL A 268 16.16 3.41 -5.88
N THR A 269 15.84 3.55 -7.17
CA THR A 269 16.39 2.62 -8.15
C THR A 269 17.87 2.86 -8.38
N ARG A 270 18.29 4.12 -8.42
CA ARG A 270 19.69 4.42 -8.71
C ARG A 270 20.55 4.49 -7.45
N GLN A 271 20.05 4.02 -6.31
CA GLN A 271 20.85 3.83 -5.10
C GLN A 271 21.49 5.14 -4.65
N GLU A 272 20.64 6.08 -4.24
CA GLU A 272 21.09 7.36 -3.70
C GLU A 272 20.40 7.54 -2.34
N THR A 273 21.07 7.12 -1.27
CA THR A 273 20.48 7.05 0.06
C THR A 273 20.26 8.42 0.72
N PRO A 274 21.26 9.32 0.74
CA PRO A 274 21.07 10.57 1.47
C PRO A 274 19.86 11.38 1.02
N THR A 275 19.45 11.25 -0.23
CA THR A 275 18.23 11.90 -0.69
C THR A 275 17.02 10.99 -0.61
N VAL A 276 17.14 9.82 -0.01
CA VAL A 276 16.01 8.98 0.31
C VAL A 276 15.58 9.16 1.76
N VAL A 277 16.55 9.18 2.68
CA VAL A 277 16.20 9.31 4.10
C VAL A 277 15.47 10.62 4.35
N SER A 278 15.86 11.69 3.66
CA SER A 278 15.25 12.99 3.91
C SER A 278 13.81 13.03 3.40
N ILE A 279 13.60 12.58 2.17
CA ILE A 279 12.25 12.56 1.61
C ILE A 279 11.34 11.69 2.47
N VAL A 280 11.86 10.57 2.97
CA VAL A 280 11.01 9.70 3.78
C VAL A 280 10.70 10.34 5.12
N THR A 281 11.65 11.06 5.70
CA THR A 281 11.36 11.79 6.93
C THR A 281 10.24 12.79 6.72
N VAL A 282 10.31 13.55 5.61
CA VAL A 282 9.27 14.53 5.32
C VAL A 282 7.93 13.85 5.14
N LEU A 283 7.91 12.72 4.43
CA LEU A 283 6.66 11.99 4.23
C LEU A 283 6.07 11.50 5.55
N VAL A 284 6.93 11.06 6.47
CA VAL A 284 6.44 10.59 7.76
C VAL A 284 5.81 11.74 8.55
N LEU A 285 6.46 12.90 8.56
CA LEU A 285 5.85 14.04 9.26
C LEU A 285 4.52 14.42 8.65
N ILE A 286 4.42 14.44 7.31
CA ILE A 286 3.15 14.77 6.68
C ILE A 286 2.08 13.75 7.08
N TYR A 287 2.46 12.46 7.12
CA TYR A 287 1.53 11.42 7.52
C TYR A 287 1.00 11.67 8.93
N LEU A 288 1.90 11.97 9.86
CA LEU A 288 1.47 12.17 11.24
C LEU A 288 0.54 13.37 11.35
N ILE A 289 0.84 14.46 10.64
CA ILE A 289 -0.02 15.64 10.71
C ILE A 289 -1.42 15.32 10.17
N THR A 290 -1.49 14.61 9.04
CA THR A 290 -2.79 14.26 8.50
C THR A 290 -3.56 13.35 9.45
N ASN A 291 -2.86 12.43 10.10
CA ASN A 291 -3.53 11.55 11.07
C ASN A 291 -4.12 12.36 12.21
N LEU A 292 -3.37 13.33 12.73
CA LEU A 292 -3.88 14.15 13.82
C LEU A 292 -5.11 14.94 13.39
N LEU A 293 -5.09 15.50 12.18
CA LEU A 293 -6.25 16.25 11.71
C LEU A 293 -7.47 15.35 11.55
N VAL A 294 -7.25 14.13 11.05
CA VAL A 294 -8.36 13.18 10.91
C VAL A 294 -8.93 12.82 12.27
N ASP A 295 -8.07 12.70 13.29
CA ASP A 295 -8.56 12.40 14.63
C ASP A 295 -9.41 13.54 15.18
N LEU A 296 -8.98 14.78 14.97
CA LEU A 296 -9.81 15.91 15.38
C LEU A 296 -11.16 15.90 14.67
N LEU A 297 -11.17 15.63 13.37
CA LEU A 297 -12.44 15.55 12.66
C LEU A 297 -13.33 14.47 13.24
N TYR A 298 -12.77 13.28 13.45
CA TYR A 298 -13.51 12.18 14.04
C TYR A 298 -14.14 12.59 15.37
N ALA A 299 -13.36 13.23 16.23
CA ALA A 299 -13.91 13.69 17.50
C ALA A 299 -15.04 14.70 17.27
N ALA A 300 -14.90 15.55 16.26
CA ALA A 300 -15.95 16.52 15.99
C ALA A 300 -17.22 15.87 15.46
N LEU A 301 -17.13 14.68 14.88
CA LEU A 301 -18.30 14.05 14.28
C LEU A 301 -19.04 13.11 15.22
N ASP A 302 -18.34 12.45 16.16
CA ASP A 302 -18.96 11.47 17.05
C ASP A 302 -18.94 11.99 18.47
N PRO A 303 -20.04 12.54 19.00
CA PRO A 303 -20.00 13.19 20.31
C PRO A 303 -19.80 12.25 21.48
N ARG A 304 -19.73 10.93 21.28
CA ARG A 304 -19.55 10.03 22.41
C ARG A 304 -18.09 10.00 22.86
N ILE A 305 -17.16 9.91 21.90
CA ILE A 305 -15.75 9.93 22.26
C ILE A 305 -15.30 11.31 22.66
N ARG A 306 -16.11 12.31 22.33
CA ARG A 306 -15.79 13.72 22.68
C ARG A 306 -16.27 13.99 24.11
N TYR A 307 -16.03 13.04 25.01
CA TYR A 307 -16.53 13.16 26.40
C TYR A 307 -15.56 13.99 27.25
N GLY A 308 -14.47 14.46 26.64
CA GLY A 308 -13.47 15.23 27.40
C GLY A 308 -12.53 14.29 28.16
N HIS B 4 -22.69 -28.96 20.34
CA HIS B 4 -22.42 -30.21 21.11
C HIS B 4 -21.05 -30.74 20.71
N THR B 5 -20.29 -29.97 19.93
CA THR B 5 -18.92 -30.36 19.55
C THR B 5 -18.01 -29.13 19.61
N GLY B 6 -16.79 -29.29 20.15
CA GLY B 6 -15.76 -28.24 20.32
C GLY B 6 -15.83 -27.16 19.26
N PHE B 7 -16.01 -25.90 19.69
CA PHE B 7 -16.17 -24.77 18.75
C PHE B 7 -15.11 -24.79 17.65
N TRP B 8 -14.18 -25.71 17.73
CA TRP B 8 -13.15 -25.87 16.67
C TRP B 8 -13.48 -27.05 15.78
N LEU B 9 -14.42 -27.91 16.16
CA LEU B 9 -14.93 -28.99 15.28
C LEU B 9 -16.30 -28.62 14.73
N ASP B 10 -17.05 -27.77 15.42
CA ASP B 10 -18.38 -27.47 14.85
C ASP B 10 -18.16 -26.56 13.64
N ALA B 11 -17.16 -25.68 13.66
CA ALA B 11 -16.93 -24.82 12.49
C ALA B 11 -16.26 -25.68 11.44
N TRP B 12 -15.50 -26.70 11.82
CA TRP B 12 -14.92 -27.51 10.72
C TRP B 12 -16.01 -28.15 9.88
N ARG B 13 -17.26 -28.00 10.30
CA ARG B 13 -18.36 -28.52 9.50
C ARG B 13 -19.26 -27.42 8.95
N GLY B 14 -19.16 -26.21 9.51
CA GLY B 14 -19.86 -25.08 8.93
C GLY B 14 -19.12 -24.40 7.81
N LEU B 15 -17.79 -24.53 7.79
CA LEU B 15 -16.98 -23.99 6.71
C LEU B 15 -16.86 -24.94 5.54
N ARG B 16 -16.91 -26.26 5.78
CA ARG B 16 -16.70 -27.23 4.72
C ARG B 16 -17.67 -27.04 3.56
N ARG B 17 -18.86 -26.52 3.84
CA ARG B 17 -19.89 -26.36 2.82
C ARG B 17 -19.95 -24.94 2.28
N ARG B 18 -18.83 -24.21 2.29
CA ARG B 18 -18.76 -22.88 1.72
C ARG B 18 -17.92 -22.90 0.46
N PRO B 19 -18.44 -22.45 -0.67
CA PRO B 19 -17.66 -22.53 -1.92
C PRO B 19 -16.42 -21.66 -1.90
N LYS B 20 -16.48 -20.49 -1.26
CA LYS B 20 -15.29 -19.65 -1.17
C LYS B 20 -14.18 -20.36 -0.41
N PHE B 21 -14.53 -20.99 0.71
CA PHE B 21 -13.52 -21.73 1.47
C PHE B 21 -12.99 -22.91 0.67
N VAL B 22 -13.86 -23.61 -0.07
CA VAL B 22 -13.40 -24.75 -0.85
C VAL B 22 -12.39 -24.33 -1.91
N ILE B 23 -12.74 -23.26 -2.65
CA ILE B 23 -11.84 -22.78 -3.70
C ILE B 23 -10.52 -22.32 -3.09
N ALA B 24 -10.58 -21.57 -1.99
CA ALA B 24 -9.36 -21.09 -1.36
C ALA B 24 -8.49 -22.24 -0.89
N ALA B 25 -9.12 -23.28 -0.33
CA ALA B 25 -8.33 -24.43 0.15
C ALA B 25 -7.65 -25.15 -1.00
N ALA B 26 -8.36 -25.38 -2.10
CA ALA B 26 -7.74 -26.05 -3.24
C ALA B 26 -6.57 -25.24 -3.77
N LEU B 27 -6.76 -23.92 -3.93
CA LEU B 27 -5.69 -23.09 -4.45
C LEU B 27 -4.47 -23.08 -3.52
N ILE B 28 -4.70 -22.94 -2.22
CA ILE B 28 -3.58 -22.88 -1.29
C ILE B 28 -2.84 -24.21 -1.27
N LEU B 29 -3.57 -25.33 -1.35
CA LEU B 29 -2.90 -26.62 -1.40
C LEU B 29 -1.99 -26.70 -2.62
N LEU B 30 -2.50 -26.31 -3.79
CA LEU B 30 -1.68 -26.39 -4.99
C LEU B 30 -0.45 -25.49 -4.89
N ILE B 31 -0.63 -24.28 -4.34
CA ILE B 31 0.48 -23.36 -4.22
C ILE B 31 1.54 -23.92 -3.28
N LEU B 32 1.11 -24.50 -2.16
CA LEU B 32 2.08 -25.08 -1.23
C LEU B 32 2.82 -26.24 -1.87
N VAL B 33 2.13 -27.04 -2.68
CA VAL B 33 2.80 -28.17 -3.30
C VAL B 33 3.83 -27.69 -4.32
N VAL B 34 3.47 -26.69 -5.13
CA VAL B 34 4.41 -26.22 -6.14
C VAL B 34 5.56 -25.46 -5.49
N ALA B 35 5.35 -24.89 -4.30
CA ALA B 35 6.47 -24.27 -3.59
C ALA B 35 7.37 -25.32 -2.96
N ALA B 36 6.81 -26.44 -2.52
CA ALA B 36 7.63 -27.46 -1.86
C ALA B 36 8.46 -28.23 -2.87
N PHE B 37 7.81 -28.80 -3.89
CA PHE B 37 8.48 -29.70 -4.83
C PHE B 37 8.39 -29.12 -6.24
N PRO B 38 9.25 -28.17 -6.59
CA PRO B 38 9.23 -27.66 -7.97
C PRO B 38 9.68 -28.69 -8.98
N SER B 39 10.67 -29.50 -8.63
CA SER B 39 11.31 -30.41 -9.57
C SER B 39 10.35 -31.47 -10.08
N LEU B 40 9.12 -31.48 -9.58
CA LEU B 40 8.10 -32.38 -10.10
C LEU B 40 7.46 -31.83 -11.37
N PHE B 41 7.11 -30.54 -11.35
CA PHE B 41 6.32 -29.98 -12.44
C PHE B 41 7.15 -29.73 -13.69
N THR B 42 8.47 -29.73 -13.60
CA THR B 42 9.31 -29.48 -14.76
C THR B 42 10.52 -30.41 -14.71
N ALA B 43 11.28 -30.37 -15.79
CA ALA B 43 12.59 -31.00 -15.86
C ALA B 43 13.69 -30.05 -16.28
N ALA B 44 13.36 -28.91 -16.87
CA ALA B 44 14.35 -27.96 -17.33
C ALA B 44 15.04 -27.29 -16.15
N ASP B 45 16.01 -26.44 -16.47
CA ASP B 45 16.78 -25.72 -15.48
C ASP B 45 16.40 -24.25 -15.50
N PRO B 46 16.20 -23.62 -14.35
CA PRO B 46 15.68 -22.25 -14.34
C PRO B 46 16.75 -21.17 -14.46
N THR B 47 18.01 -21.52 -14.71
CA THR B 47 19.04 -20.52 -14.87
C THR B 47 19.95 -20.73 -16.07
N TYR B 48 19.76 -21.80 -16.83
CA TYR B 48 20.55 -22.01 -18.03
C TYR B 48 20.06 -21.08 -19.13
N ALA B 49 20.98 -20.31 -19.71
CA ALA B 49 20.64 -19.23 -20.65
C ALA B 49 21.18 -19.58 -22.03
N ASP B 50 20.33 -20.19 -22.86
CA ASP B 50 20.67 -20.38 -24.26
C ASP B 50 20.59 -19.03 -24.96
N PRO B 51 21.66 -18.56 -25.59
CA PRO B 51 21.65 -17.19 -26.13
C PRO B 51 20.99 -17.07 -27.48
N SER B 52 20.95 -18.16 -28.25
CA SER B 52 20.41 -18.08 -29.61
C SER B 52 18.90 -17.90 -29.58
N GLN B 53 18.18 -18.86 -29.02
CA GLN B 53 16.73 -18.77 -28.90
C GLN B 53 16.38 -17.73 -27.85
N SER B 54 16.17 -16.50 -28.28
CA SER B 54 16.14 -15.35 -27.40
C SER B 54 14.75 -14.78 -27.14
N MET B 55 13.84 -14.83 -28.11
CA MET B 55 12.49 -14.31 -27.90
C MET B 55 11.47 -15.22 -28.54
N LEU B 56 11.61 -16.52 -28.32
CA LEU B 56 10.75 -17.50 -28.97
C LEU B 56 9.30 -17.32 -28.52
N ALA B 57 8.43 -18.12 -29.14
CA ALA B 57 7.01 -18.13 -28.84
C ALA B 57 6.62 -19.43 -28.15
N PRO B 58 5.46 -19.48 -27.51
CA PRO B 58 4.99 -20.75 -26.94
C PRO B 58 5.04 -21.88 -27.96
N SER B 59 5.44 -23.05 -27.48
CA SER B 59 5.59 -24.22 -28.35
C SER B 59 5.57 -25.46 -27.47
N ALA B 60 5.72 -26.63 -28.11
CA ALA B 60 5.71 -27.88 -27.37
C ALA B 60 6.89 -27.97 -26.42
N ALA B 61 8.07 -27.52 -26.86
CA ALA B 61 9.25 -27.56 -26.02
C ALA B 61 9.15 -26.55 -24.89
N HIS B 62 8.87 -25.30 -25.22
CA HIS B 62 8.71 -24.23 -24.25
C HIS B 62 7.25 -23.81 -24.21
N TRP B 63 6.57 -24.09 -23.10
CA TRP B 63 5.15 -23.75 -23.01
C TRP B 63 4.96 -22.24 -22.88
N PHE B 64 5.60 -21.62 -21.91
CA PHE B 64 5.51 -20.17 -21.76
C PHE B 64 6.64 -19.47 -22.49
N GLY B 65 6.87 -19.81 -23.75
CA GLY B 65 7.87 -19.12 -24.54
C GLY B 65 9.26 -19.15 -23.93
N THR B 66 10.07 -18.17 -24.33
CA THR B 66 11.39 -17.93 -23.78
C THR B 66 11.61 -16.43 -23.66
N ASP B 67 12.35 -16.02 -22.64
CA ASP B 67 12.60 -14.61 -22.42
C ASP B 67 13.95 -14.20 -22.99
N LEU B 68 14.28 -12.92 -22.85
CA LEU B 68 15.37 -12.28 -23.58
C LEU B 68 16.62 -13.13 -23.73
N GLN B 69 17.18 -13.59 -22.61
CA GLN B 69 18.45 -14.28 -22.62
C GLN B 69 18.32 -15.78 -22.79
N GLY B 70 17.10 -16.30 -23.00
CA GLY B 70 16.91 -17.69 -23.31
C GLY B 70 16.23 -18.50 -22.22
N HIS B 71 16.16 -17.97 -20.99
CA HIS B 71 15.47 -18.69 -19.94
C HIS B 71 14.01 -18.90 -20.32
N ASP B 72 13.56 -20.15 -20.34
CA ASP B 72 12.16 -20.39 -20.63
C ASP B 72 11.33 -20.01 -19.42
N ILE B 73 10.35 -19.13 -19.64
CA ILE B 73 9.64 -18.51 -18.53
C ILE B 73 8.91 -19.53 -17.68
N TYR B 74 8.55 -20.68 -18.24
CA TYR B 74 7.83 -21.68 -17.47
C TYR B 74 8.64 -22.13 -16.27
N SER B 75 9.91 -22.48 -16.48
CA SER B 75 10.75 -22.89 -15.37
C SER B 75 10.87 -21.78 -14.34
N ARG B 76 11.32 -20.60 -14.77
CA ARG B 76 11.51 -19.49 -13.86
C ARG B 76 10.22 -19.05 -13.16
N THR B 77 9.06 -19.55 -13.58
CA THR B 77 7.81 -19.15 -12.94
C THR B 77 7.42 -20.07 -11.79
N VAL B 78 8.32 -20.94 -11.35
CA VAL B 78 8.03 -21.91 -10.29
C VAL B 78 8.90 -21.67 -9.05
N TYR B 79 10.20 -21.56 -9.25
CA TYR B 79 11.07 -21.32 -8.11
C TYR B 79 10.86 -19.94 -7.53
N GLY B 80 10.36 -19.00 -8.33
CA GLY B 80 9.89 -17.75 -7.79
C GLY B 80 8.73 -17.95 -6.83
N ALA B 81 7.84 -18.87 -7.15
CA ALA B 81 6.76 -19.21 -6.22
C ALA B 81 7.34 -19.73 -4.91
N ARG B 82 8.33 -20.60 -5.01
CA ARG B 82 8.99 -21.09 -3.80
C ARG B 82 9.46 -19.93 -2.92
N ALA B 83 10.22 -19.01 -3.51
CA ALA B 83 10.80 -17.91 -2.75
C ALA B 83 9.71 -17.04 -2.12
N SER B 84 8.74 -16.62 -2.93
CA SER B 84 7.71 -15.71 -2.42
C SER B 84 6.90 -16.37 -1.30
N VAL B 85 6.55 -17.64 -1.48
CA VAL B 85 5.74 -18.31 -0.46
C VAL B 85 6.51 -18.46 0.82
N THR B 86 7.79 -18.83 0.76
CA THR B 86 8.51 -19.02 2.02
C THR B 86 8.69 -17.68 2.75
N VAL B 87 8.96 -16.60 2.00
CA VAL B 87 9.05 -15.29 2.65
C VAL B 87 7.76 -14.96 3.37
N GLY B 88 6.64 -14.99 2.64
CA GLY B 88 5.37 -14.61 3.23
C GLY B 88 5.02 -15.45 4.44
N LEU B 89 5.19 -16.77 4.32
CA LEU B 89 4.77 -17.65 5.40
C LEU B 89 5.63 -17.47 6.64
N GLY B 90 6.95 -17.37 6.49
CA GLY B 90 7.78 -17.13 7.65
C GLY B 90 7.43 -15.83 8.35
N ALA B 91 7.27 -14.76 7.56
CA ALA B 91 6.95 -13.47 8.15
C ALA B 91 5.62 -13.52 8.90
N THR B 92 4.63 -14.20 8.32
CA THR B 92 3.32 -14.27 8.96
C THR B 92 3.38 -15.06 10.26
N LEU B 93 4.12 -16.16 10.28
CA LEU B 93 4.25 -16.93 11.51
C LEU B 93 4.89 -16.09 12.61
N ALA B 94 5.99 -15.41 12.29
CA ALA B 94 6.66 -14.60 13.30
C ALA B 94 5.75 -13.49 13.82
N VAL B 95 5.09 -12.78 12.90
CA VAL B 95 4.25 -11.66 13.31
C VAL B 95 3.08 -12.16 14.14
N PHE B 96 2.52 -13.32 13.79
CA PHE B 96 1.43 -13.88 14.57
C PHE B 96 1.87 -14.13 16.00
N VAL B 97 2.95 -14.88 16.18
CA VAL B 97 3.41 -15.20 17.53
C VAL B 97 3.65 -13.93 18.34
N VAL B 98 4.48 -13.04 17.81
CA VAL B 98 4.93 -11.89 18.60
C VAL B 98 3.76 -10.93 18.87
N GLY B 99 3.05 -10.52 17.82
CA GLY B 99 1.96 -9.60 18.00
C GLY B 99 0.87 -10.15 18.91
N GLY B 100 0.48 -11.40 18.70
CA GLY B 100 -0.52 -11.99 19.57
C GLY B 100 -0.09 -11.99 21.02
N ALA B 101 1.17 -12.39 21.27
CA ALA B 101 1.64 -12.43 22.66
C ALA B 101 1.58 -11.06 23.30
N LEU B 102 2.13 -10.05 22.62
CA LEU B 102 2.18 -8.72 23.21
C LEU B 102 0.79 -8.14 23.42
N GLY B 103 -0.09 -8.29 22.41
CA GLY B 103 -1.43 -7.75 22.54
C GLY B 103 -2.24 -8.42 23.63
N ALA B 104 -2.09 -9.75 23.76
CA ALA B 104 -2.80 -10.44 24.83
C ALA B 104 -2.29 -10.03 26.19
N LEU B 105 -0.97 -9.91 26.35
CA LEU B 105 -0.43 -9.46 27.63
C LEU B 105 -0.90 -8.04 27.95
N ALA B 106 -1.04 -7.20 26.94
CA ALA B 106 -1.43 -5.81 27.18
C ALA B 106 -2.91 -5.69 27.53
N GLY B 107 -3.76 -6.49 26.89
CA GLY B 107 -5.18 -6.36 27.10
C GLY B 107 -5.67 -6.96 28.39
N PHE B 108 -5.12 -8.12 28.77
CA PHE B 108 -5.63 -8.84 29.93
C PHE B 108 -5.12 -8.28 31.24
N TYR B 109 -3.92 -7.69 31.26
CA TYR B 109 -3.31 -7.29 32.51
C TYR B 109 -3.60 -5.85 32.88
N GLY B 110 -3.37 -4.91 31.97
CA GLY B 110 -3.80 -3.55 32.20
C GLY B 110 -2.73 -2.55 32.60
N SER B 111 -2.66 -2.22 33.89
CA SER B 111 -1.87 -1.09 34.35
C SER B 111 -0.40 -1.25 34.02
N TRP B 112 0.21 -0.17 33.53
CA TRP B 112 1.65 -0.03 33.27
C TRP B 112 2.17 -1.03 32.26
N ILE B 113 1.30 -1.90 31.76
CA ILE B 113 1.62 -2.78 30.64
C ILE B 113 0.89 -2.33 29.38
N ASP B 114 -0.40 -2.04 29.50
CA ASP B 114 -1.14 -1.47 28.39
C ASP B 114 -0.54 -0.14 27.97
N ALA B 115 -0.10 0.66 28.95
CA ALA B 115 0.53 1.94 28.62
C ALA B 115 1.76 1.74 27.74
N VAL B 116 2.70 0.92 28.20
CA VAL B 116 3.94 0.70 27.45
C VAL B 116 3.64 0.13 26.07
N VAL B 117 2.81 -0.92 26.02
CA VAL B 117 2.57 -1.59 24.76
C VAL B 117 1.86 -0.65 23.79
N SER B 118 0.91 0.13 24.28
CA SER B 118 0.17 1.02 23.39
C SER B 118 1.07 2.15 22.89
N ARG B 119 1.96 2.66 23.74
CA ARG B 119 2.88 3.69 23.28
C ARG B 119 3.80 3.17 22.20
N VAL B 120 4.36 1.97 22.41
CA VAL B 120 5.25 1.41 21.39
C VAL B 120 4.49 1.12 20.10
N THR B 121 3.25 0.63 20.22
CA THR B 121 2.46 0.34 19.04
C THR B 121 2.13 1.61 18.27
N ASP B 122 1.84 2.70 18.99
CA ASP B 122 1.56 3.96 18.31
C ASP B 122 2.81 4.54 17.67
N VAL B 123 3.99 4.30 18.27
CA VAL B 123 5.23 4.71 17.63
C VAL B 123 5.43 3.95 16.33
N PHE B 124 5.24 2.63 16.36
CA PHE B 124 5.52 1.82 15.18
C PHE B 124 4.45 2.01 14.11
N LEU B 125 3.23 2.39 14.48
CA LEU B 125 2.18 2.60 13.49
C LEU B 125 2.37 3.90 12.71
N GLY B 126 3.36 4.71 13.07
CA GLY B 126 3.61 5.94 12.33
C GLY B 126 4.44 5.76 11.08
N LEU B 127 5.19 4.67 10.99
CA LEU B 127 5.99 4.38 9.82
C LEU B 127 5.26 3.36 8.95
N PRO B 128 4.74 3.74 7.80
CA PRO B 128 4.12 2.75 6.91
C PRO B 128 5.10 1.65 6.55
N LEU B 129 4.55 0.50 6.14
CA LEU B 129 5.38 -0.68 5.94
C LEU B 129 6.34 -0.49 4.78
N LEU B 130 5.83 -0.09 3.62
CA LEU B 130 6.67 -0.02 2.43
C LEU B 130 7.78 0.99 2.59
N LEU B 131 7.46 2.20 3.06
CA LEU B 131 8.47 3.24 3.20
C LEU B 131 9.53 2.85 4.21
N ALA B 132 9.13 2.29 5.34
CA ALA B 132 10.11 1.90 6.36
C ALA B 132 11.01 0.79 5.84
N ALA B 133 10.43 -0.20 5.16
CA ALA B 133 11.26 -1.27 4.61
C ALA B 133 12.20 -0.75 3.54
N ILE B 134 11.75 0.22 2.75
CA ILE B 134 12.62 0.81 1.73
C ILE B 134 13.79 1.52 2.37
N VAL B 135 13.53 2.27 3.44
CA VAL B 135 14.61 2.98 4.12
C VAL B 135 15.59 2.00 4.74
N LEU B 136 15.08 0.95 5.38
CA LEU B 136 15.97 0.04 6.10
C LEU B 136 16.70 -0.93 5.18
N MET B 137 16.21 -1.13 3.95
CA MET B 137 16.87 -2.00 3.00
C MET B 137 17.94 -1.29 2.20
N GLN B 138 18.25 -0.04 2.52
CA GLN B 138 19.32 0.69 1.84
C GLN B 138 20.67 0.49 2.49
N VAL B 139 20.70 0.19 3.79
CA VAL B 139 21.95 0.04 4.52
C VAL B 139 22.33 -1.42 4.71
N MET B 140 21.65 -2.33 4.04
CA MET B 140 21.96 -3.76 4.11
C MET B 140 22.75 -4.16 2.88
N HIS B 141 23.94 -4.73 3.10
CA HIS B 141 24.72 -5.30 2.01
C HIS B 141 24.44 -6.79 1.85
N HIS B 142 24.54 -7.56 2.94
CA HIS B 142 24.08 -8.93 2.92
C HIS B 142 22.56 -8.93 2.82
N ARG B 143 22.03 -9.24 1.63
CA ARG B 143 20.59 -9.22 1.38
C ARG B 143 20.17 -10.61 0.95
N THR B 144 19.74 -11.42 1.90
CA THR B 144 19.23 -12.76 1.67
C THR B 144 17.76 -12.81 2.06
N VAL B 145 17.18 -14.01 1.99
CA VAL B 145 15.75 -14.16 2.28
C VAL B 145 15.47 -13.88 3.76
N TRP B 146 16.37 -14.31 4.65
CA TRP B 146 16.12 -14.18 6.07
C TRP B 146 16.06 -12.73 6.51
N THR B 147 16.91 -11.88 5.92
CA THR B 147 16.83 -10.47 6.28
C THR B 147 15.54 -9.84 5.77
N VAL B 148 15.00 -10.33 4.66
CA VAL B 148 13.70 -9.84 4.21
C VAL B 148 12.62 -10.23 5.21
N ILE B 149 12.66 -11.48 5.67
CA ILE B 149 11.71 -11.91 6.70
C ILE B 149 11.81 -11.02 7.92
N ALA B 150 13.03 -10.72 8.36
CA ALA B 150 13.22 -9.90 9.55
C ALA B 150 12.67 -8.50 9.35
N ILE B 151 12.98 -7.88 8.20
CA ILE B 151 12.54 -6.51 7.96
C ILE B 151 11.02 -6.45 7.91
N LEU B 152 10.38 -7.48 7.35
CA LEU B 152 8.92 -7.44 7.27
C LEU B 152 8.28 -7.68 8.63
N ALA B 153 8.81 -8.63 9.40
CA ALA B 153 8.22 -8.93 10.70
C ALA B 153 8.44 -7.80 11.68
N LEU B 154 9.52 -7.04 11.54
CA LEU B 154 9.79 -5.96 12.48
C LEU B 154 8.73 -4.86 12.40
N PHE B 155 8.16 -4.63 11.22
CA PHE B 155 7.20 -3.57 11.04
C PHE B 155 5.77 -4.06 10.81
N GLY B 156 5.54 -5.36 10.75
CA GLY B 156 4.18 -5.81 10.51
C GLY B 156 3.32 -6.07 11.73
N TRP B 157 3.87 -6.11 12.93
CA TRP B 157 3.12 -6.55 14.09
C TRP B 157 2.07 -5.58 14.67
N PRO B 158 2.25 -4.24 14.59
CA PRO B 158 1.29 -3.35 15.25
C PRO B 158 -0.18 -3.67 15.03
N GLN B 159 -0.59 -3.99 13.81
CA GLN B 159 -2.01 -4.24 13.56
C GLN B 159 -2.49 -5.49 14.29
N VAL B 160 -1.70 -6.57 14.25
CA VAL B 160 -2.09 -7.79 14.94
C VAL B 160 -2.13 -7.56 16.44
N ALA B 161 -1.18 -6.78 16.96
CA ALA B 161 -1.19 -6.46 18.39
C ALA B 161 -2.46 -5.71 18.75
N ARG B 162 -2.84 -4.72 17.95
CA ARG B 162 -4.06 -3.97 18.21
C ARG B 162 -5.29 -4.88 18.23
N ILE B 163 -5.40 -5.75 17.22
CA ILE B 163 -6.58 -6.59 17.14
C ILE B 163 -6.64 -7.56 18.31
N ALA B 164 -5.51 -8.20 18.64
CA ALA B 164 -5.50 -9.16 19.74
C ALA B 164 -5.81 -8.47 21.06
N ARG B 165 -5.24 -7.29 21.29
CA ARG B 165 -5.54 -6.56 22.52
C ARG B 165 -7.02 -6.22 22.60
N GLY B 166 -7.61 -5.77 21.49
CA GLY B 166 -9.03 -5.46 21.51
C GLY B 166 -9.88 -6.67 21.85
N ALA B 167 -9.57 -7.82 21.24
CA ALA B 167 -10.38 -9.01 21.48
C ALA B 167 -10.24 -9.48 22.92
N VAL B 168 -9.01 -9.54 23.44
CA VAL B 168 -8.84 -10.01 24.81
C VAL B 168 -9.44 -9.03 25.80
N LEU B 169 -9.39 -7.72 25.50
CA LEU B 169 -10.00 -6.74 26.38
C LEU B 169 -11.51 -6.88 26.40
N GLU B 170 -12.12 -7.18 25.24
CA GLU B 170 -13.55 -7.41 25.22
C GLU B 170 -13.92 -8.66 26.01
N VAL B 171 -13.09 -9.72 25.91
CA VAL B 171 -13.35 -10.93 26.67
C VAL B 171 -13.25 -10.66 28.17
N ARG B 172 -12.24 -9.90 28.59
CA ARG B 172 -11.97 -9.71 30.01
C ARG B 172 -13.15 -9.08 30.73
N ALA B 173 -14.10 -8.49 30.01
CA ALA B 173 -15.28 -7.86 30.58
C ALA B 173 -16.48 -8.80 30.60
N SER B 174 -16.24 -10.08 30.79
CA SER B 174 -17.30 -11.07 30.94
C SER B 174 -17.23 -11.71 32.32
N ASP B 175 -18.27 -12.46 32.67
CA ASP B 175 -18.41 -12.94 34.03
C ASP B 175 -17.78 -14.31 34.26
N TYR B 176 -17.39 -15.04 33.21
CA TYR B 176 -16.73 -16.31 33.48
C TYR B 176 -15.28 -16.10 33.92
N VAL B 177 -14.62 -15.05 33.43
CA VAL B 177 -13.26 -14.73 33.85
C VAL B 177 -13.29 -14.08 35.22
N LEU B 178 -14.48 -13.94 35.80
CA LEU B 178 -14.64 -13.52 37.18
C LEU B 178 -15.04 -14.67 38.10
N ALA B 179 -15.94 -15.52 37.63
CA ALA B 179 -16.23 -16.75 38.36
C ALA B 179 -15.05 -17.70 38.40
N ALA B 180 -14.09 -17.53 37.48
CA ALA B 180 -12.89 -18.35 37.51
C ALA B 180 -11.90 -17.86 38.56
N LYS B 181 -11.86 -16.57 38.84
CA LYS B 181 -11.04 -16.07 39.93
C LYS B 181 -11.77 -16.10 41.26
N ALA B 182 -13.08 -16.34 41.25
CA ALA B 182 -13.81 -16.52 42.50
C ALA B 182 -13.59 -17.90 43.11
N LEU B 183 -12.67 -18.70 42.59
CA LEU B 183 -12.35 -20.00 43.15
C LEU B 183 -10.87 -20.33 43.11
N GLY B 184 -10.00 -19.33 42.98
CA GLY B 184 -8.59 -19.59 42.82
C GLY B 184 -8.10 -19.12 41.46
N LEU B 185 -7.28 -19.92 40.78
CA LEU B 185 -6.89 -19.65 39.40
C LEU B 185 -6.18 -18.29 39.26
N ASN B 186 -4.97 -18.24 39.80
CA ASN B 186 -4.10 -17.07 39.69
C ASN B 186 -4.09 -16.51 38.26
N ARG B 187 -3.87 -15.20 38.14
CA ARG B 187 -4.24 -14.44 36.96
C ARG B 187 -3.59 -14.89 35.66
N PHE B 188 -2.74 -15.92 35.70
CA PHE B 188 -2.11 -16.44 34.49
C PHE B 188 -2.78 -17.70 33.98
N GLN B 189 -3.08 -18.65 34.87
CA GLN B 189 -3.80 -19.84 34.46
C GLN B 189 -5.16 -19.48 33.88
N ILE B 190 -5.85 -18.52 34.50
CA ILE B 190 -7.11 -18.07 33.94
C ILE B 190 -6.88 -17.42 32.59
N LEU B 191 -5.81 -16.64 32.45
CA LEU B 191 -5.49 -16.05 31.15
C LEU B 191 -5.45 -17.12 30.08
N LEU B 192 -4.59 -18.11 30.25
CA LEU B 192 -4.50 -19.18 29.26
C LEU B 192 -5.87 -19.80 29.04
N ARG B 193 -6.36 -20.50 30.08
CA ARG B 193 -7.47 -21.42 29.92
C ARG B 193 -8.75 -20.74 29.42
N HIS B 194 -8.98 -19.49 29.81
CA HIS B 194 -10.26 -18.87 29.50
C HIS B 194 -10.19 -17.75 28.48
N ALA B 195 -9.03 -17.14 28.25
CA ALA B 195 -8.96 -16.03 27.33
C ALA B 195 -8.19 -16.31 26.05
N LEU B 196 -7.40 -17.40 25.98
CA LEU B 196 -6.82 -17.61 24.66
C LEU B 196 -7.82 -18.28 23.71
N PRO B 197 -8.54 -19.33 24.14
CA PRO B 197 -9.55 -19.89 23.24
C PRO B 197 -10.58 -18.89 22.77
N ASN B 198 -11.19 -18.15 23.68
CA ASN B 198 -12.28 -17.26 23.32
C ASN B 198 -11.83 -16.04 22.54
N ALA B 199 -10.54 -15.88 22.27
CA ALA B 199 -10.07 -14.70 21.56
C ALA B 199 -9.01 -15.00 20.51
N VAL B 200 -8.78 -16.27 20.17
CA VAL B 200 -7.74 -16.60 19.22
C VAL B 200 -8.31 -16.67 17.80
N GLY B 201 -9.58 -16.28 17.64
CA GLY B 201 -10.21 -16.29 16.33
C GLY B 201 -9.88 -15.10 15.46
N PRO B 202 -10.28 -13.90 15.91
CA PRO B 202 -9.95 -12.68 15.17
C PRO B 202 -8.48 -12.54 14.86
N VAL B 203 -7.61 -12.99 15.77
CA VAL B 203 -6.18 -12.95 15.51
C VAL B 203 -5.83 -13.84 14.33
N ILE B 204 -6.45 -15.01 14.25
CA ILE B 204 -6.19 -15.91 13.12
C ILE B 204 -6.62 -15.26 11.82
N ALA B 205 -7.79 -14.60 11.82
CA ALA B 205 -8.26 -13.95 10.61
C ALA B 205 -7.30 -12.85 10.16
N VAL B 206 -6.93 -11.94 11.08
CA VAL B 206 -6.08 -10.84 10.67
C VAL B 206 -4.71 -11.36 10.25
N ALA B 207 -4.25 -12.47 10.82
CA ALA B 207 -2.96 -13.02 10.42
C ALA B 207 -3.02 -13.61 9.01
N THR B 208 -4.09 -14.36 8.71
CA THR B 208 -4.16 -14.92 7.36
C THR B 208 -4.48 -13.88 6.30
N VAL B 209 -4.85 -12.67 6.69
CA VAL B 209 -4.87 -11.57 5.71
C VAL B 209 -3.49 -10.91 5.59
N ALA B 210 -2.83 -10.66 6.72
CA ALA B 210 -1.48 -10.11 6.68
C ALA B 210 -0.52 -10.99 5.89
N LEU B 211 -0.83 -12.28 5.74
CA LEU B 211 0.01 -13.13 4.91
C LEU B 211 0.05 -12.63 3.46
N GLY B 212 -1.13 -12.48 2.84
CA GLY B 212 -1.17 -11.92 1.50
C GLY B 212 -0.58 -10.53 1.44
N ILE B 213 -0.82 -9.72 2.48
CA ILE B 213 -0.23 -8.39 2.50
C ILE B 213 1.29 -8.47 2.40
N PHE B 214 1.90 -9.37 3.17
CA PHE B 214 3.35 -9.51 3.15
C PHE B 214 3.86 -10.02 1.83
N ILE B 215 3.13 -10.93 1.20
CA ILE B 215 3.53 -11.41 -0.12
C ILE B 215 3.56 -10.25 -1.12
N VAL B 216 2.50 -9.44 -1.11
CA VAL B 216 2.45 -8.29 -2.03
C VAL B 216 3.59 -7.33 -1.75
N THR B 217 3.85 -7.03 -0.48
CA THR B 217 4.92 -6.09 -0.16
C THR B 217 6.27 -6.62 -0.58
N GLU B 218 6.53 -7.90 -0.35
CA GLU B 218 7.81 -8.46 -0.78
C GLU B 218 7.97 -8.40 -2.28
N ALA B 219 6.89 -8.67 -3.02
CA ALA B 219 6.99 -8.59 -4.48
C ALA B 219 7.30 -7.17 -4.93
N THR B 220 6.52 -6.19 -4.47
CA THR B 220 6.75 -4.82 -4.89
C THR B 220 8.03 -4.23 -4.33
N LEU B 221 8.65 -4.89 -3.36
CA LEU B 221 9.95 -4.48 -2.86
C LEU B 221 11.07 -5.07 -3.69
N SER B 222 10.91 -6.31 -4.13
CA SER B 222 11.90 -6.93 -5.01
C SER B 222 11.85 -6.37 -6.41
N TYR B 223 10.73 -5.77 -6.81
CA TYR B 223 10.65 -5.16 -8.12
C TYR B 223 11.51 -3.89 -8.20
N LEU B 224 11.48 -3.08 -7.15
CA LEU B 224 12.24 -1.83 -7.15
C LEU B 224 13.75 -2.08 -7.13
N GLY B 225 14.19 -3.24 -6.70
CA GLY B 225 15.60 -3.58 -6.64
C GLY B 225 16.14 -3.79 -5.25
N VAL B 226 15.43 -3.33 -4.22
CA VAL B 226 15.93 -3.39 -2.86
C VAL B 226 15.41 -4.64 -2.17
N GLY B 227 14.85 -5.57 -2.94
CA GLY B 227 14.31 -6.78 -2.36
C GLY B 227 15.29 -7.93 -2.37
N LEU B 228 14.82 -9.13 -2.69
CA LEU B 228 15.68 -10.29 -2.79
C LEU B 228 16.77 -10.06 -3.82
N PRO B 229 17.91 -10.72 -3.70
CA PRO B 229 19.00 -10.53 -4.68
C PRO B 229 18.64 -11.10 -6.03
N THR B 230 19.53 -10.95 -7.00
CA THR B 230 19.32 -11.46 -8.34
C THR B 230 19.81 -12.89 -8.50
N SER B 231 20.36 -13.49 -7.45
CA SER B 231 20.79 -14.88 -7.51
C SER B 231 19.64 -15.84 -7.23
N VAL B 232 18.57 -15.37 -6.59
CA VAL B 232 17.36 -16.15 -6.40
C VAL B 232 16.37 -15.74 -7.48
N VAL B 233 15.77 -16.72 -8.14
CA VAL B 233 14.82 -16.44 -9.20
C VAL B 233 13.48 -16.13 -8.56
N SER B 234 12.85 -15.04 -8.97
CA SER B 234 11.65 -14.59 -8.29
C SER B 234 10.81 -13.70 -9.19
N TRP B 235 9.50 -13.77 -8.98
CA TRP B 235 8.61 -12.75 -9.50
C TRP B 235 8.98 -11.40 -8.89
N GLY B 236 8.62 -10.33 -9.59
CA GLY B 236 9.05 -9.02 -9.15
C GLY B 236 10.56 -8.98 -9.13
N GLY B 237 11.16 -9.05 -10.31
CA GLY B 237 12.58 -9.27 -10.46
C GLY B 237 12.78 -10.12 -11.69
N ASP B 238 11.72 -10.84 -12.05
CA ASP B 238 11.49 -11.23 -13.43
C ASP B 238 10.59 -10.24 -14.14
N ILE B 239 9.89 -9.41 -13.38
CA ILE B 239 9.13 -8.30 -13.94
C ILE B 239 10.01 -7.06 -14.12
N ASN B 240 11.02 -6.90 -13.27
CA ASN B 240 11.91 -5.75 -13.39
C ASN B 240 12.57 -5.69 -14.76
N VAL B 241 12.98 -6.84 -15.30
CA VAL B 241 13.72 -6.85 -16.55
C VAL B 241 12.82 -6.90 -17.78
N ALA B 242 11.58 -7.34 -17.62
CA ALA B 242 10.68 -7.52 -18.75
C ALA B 242 9.74 -6.34 -18.95
N GLN B 243 10.09 -5.17 -18.43
CA GLN B 243 9.25 -3.99 -18.58
C GLN B 243 9.68 -3.10 -19.75
N THR B 244 10.88 -3.29 -20.28
CA THR B 244 11.29 -2.51 -21.44
C THR B 244 10.74 -3.10 -22.73
N ARG B 245 10.57 -4.41 -22.79
CA ARG B 245 9.93 -5.07 -23.92
C ARG B 245 8.42 -5.10 -23.81
N LEU B 246 7.86 -4.41 -22.82
CA LEU B 246 6.42 -4.27 -22.71
C LEU B 246 5.91 -3.09 -23.51
N ARG B 247 6.66 -2.01 -23.48
CA ARG B 247 6.29 -0.77 -24.18
C ARG B 247 6.34 -0.96 -25.68
N SER B 248 6.89 -2.08 -26.15
CA SER B 248 6.91 -2.42 -27.56
C SER B 248 5.80 -3.37 -27.96
N GLY B 249 5.12 -4.00 -26.99
CA GLY B 249 4.00 -4.85 -27.29
C GLY B 249 4.28 -6.33 -27.18
N SER B 250 5.02 -6.74 -26.16
CA SER B 250 5.31 -8.15 -25.91
C SER B 250 4.87 -8.52 -24.51
N PRO B 251 3.89 -9.41 -24.35
CA PRO B 251 3.36 -9.73 -23.02
C PRO B 251 4.12 -10.87 -22.35
N ILE B 252 5.44 -10.70 -22.21
CA ILE B 252 6.22 -11.62 -21.39
C ILE B 252 6.02 -11.30 -19.92
N LEU B 253 5.83 -10.02 -19.59
CA LEU B 253 5.72 -9.59 -18.21
C LEU B 253 4.55 -10.26 -17.49
N PHE B 254 3.53 -10.68 -18.23
CA PHE B 254 2.29 -11.13 -17.62
C PHE B 254 2.32 -12.59 -17.21
N TYR B 255 3.40 -13.31 -17.49
CA TYR B 255 3.49 -14.69 -17.06
C TYR B 255 3.91 -14.79 -15.60
N PRO B 256 4.90 -14.00 -15.12
CA PRO B 256 5.15 -13.99 -13.67
C PRO B 256 4.13 -13.17 -12.91
N ALA B 257 3.67 -12.07 -13.50
CA ALA B 257 2.68 -11.24 -12.82
C ALA B 257 1.33 -11.93 -12.73
N GLY B 258 0.97 -12.69 -13.77
CA GLY B 258 -0.28 -13.42 -13.73
C GLY B 258 -0.31 -14.49 -12.67
N ALA B 259 0.85 -15.07 -12.34
CA ALA B 259 0.93 -16.06 -11.29
C ALA B 259 1.12 -15.45 -9.92
N LEU B 260 1.69 -14.24 -9.86
CA LEU B 260 1.81 -13.57 -8.58
C LEU B 260 0.47 -13.01 -8.11
N ALA B 261 -0.30 -12.45 -9.02
CA ALA B 261 -1.59 -11.88 -8.68
C ALA B 261 -2.67 -12.92 -8.47
N ILE B 262 -2.27 -14.18 -8.34
CA ILE B 262 -3.21 -15.28 -8.10
C ILE B 262 -3.02 -15.94 -6.77
N THR B 263 -1.83 -16.06 -6.27
CA THR B 263 -1.62 -16.55 -4.91
C THR B 263 -2.15 -15.55 -3.90
N VAL B 264 -1.95 -14.26 -4.17
CA VAL B 264 -2.49 -13.23 -3.27
C VAL B 264 -4.00 -13.33 -3.20
N LEU B 265 -4.65 -13.65 -4.31
CA LEU B 265 -6.09 -13.87 -4.28
C LEU B 265 -6.42 -15.11 -3.47
N ALA B 266 -5.67 -16.19 -3.67
CA ALA B 266 -5.91 -17.42 -2.92
C ALA B 266 -5.78 -17.19 -1.42
N PHE B 267 -5.02 -16.19 -1.02
CA PHE B 267 -4.89 -15.92 0.42
C PHE B 267 -5.92 -14.92 0.92
N MET B 268 -6.23 -13.89 0.13
CA MET B 268 -7.23 -12.92 0.54
C MET B 268 -8.62 -13.56 0.65
N MET B 269 -9.00 -14.35 -0.35
CA MET B 269 -10.33 -14.95 -0.31
C MET B 269 -10.42 -16.10 0.68
N MET B 270 -9.31 -16.49 1.30
CA MET B 270 -9.34 -17.40 2.43
C MET B 270 -9.44 -16.65 3.75
N GLY B 271 -8.67 -15.58 3.89
CA GLY B 271 -8.82 -14.71 5.04
C GLY B 271 -10.24 -14.16 5.16
N ASP B 272 -10.89 -13.94 4.03
CA ASP B 272 -12.25 -13.40 4.07
C ASP B 272 -13.25 -14.44 4.57
N ALA B 273 -13.12 -15.69 4.12
CA ALA B 273 -13.98 -16.74 4.63
C ALA B 273 -13.73 -16.98 6.11
N LEU B 274 -12.46 -16.98 6.52
CA LEU B 274 -12.16 -17.15 7.94
C LEU B 274 -12.73 -16.03 8.77
N ARG B 275 -12.70 -14.81 8.22
CA ARG B 275 -13.24 -13.60 8.91
C ARG B 275 -14.76 -13.75 9.05
N ASP B 276 -15.44 -14.18 7.98
CA ASP B 276 -16.89 -14.34 8.02
C ASP B 276 -17.30 -15.49 8.93
N ALA B 277 -16.42 -16.46 9.15
CA ALA B 277 -16.80 -17.59 9.99
C ALA B 277 -16.48 -17.36 11.48
N LEU B 278 -15.36 -16.72 11.79
CA LEU B 278 -14.94 -16.56 13.21
C LEU B 278 -15.09 -15.15 13.73
N ASP B 279 -15.49 -14.17 12.94
CA ASP B 279 -15.59 -12.79 13.46
C ASP B 279 -16.46 -11.99 12.50
N PRO B 280 -17.76 -12.30 12.33
CA PRO B 280 -18.52 -11.59 11.35
C PRO B 280 -18.71 -10.18 11.89
N ALA B 281 -19.18 -10.09 13.12
CA ALA B 281 -19.48 -8.86 13.88
C ALA B 281 -18.67 -7.61 13.51
N SER B 282 -17.36 -7.70 13.42
CA SER B 282 -16.58 -6.45 13.26
C SER B 282 -16.30 -6.10 11.81
N ARG B 283 -17.29 -6.33 10.93
CA ARG B 283 -17.16 -6.01 9.49
C ARG B 283 -17.86 -4.67 9.25
N ALA B 284 -18.31 -4.03 10.33
CA ALA B 284 -19.01 -2.75 10.27
C ALA B 284 -17.93 -1.68 10.37
N TRP B 285 -16.90 -1.86 11.17
CA TRP B 285 -16.10 -0.68 11.58
C TRP B 285 -14.62 -0.93 11.39
N ARG B 286 -14.22 -2.10 10.93
CA ARG B 286 -12.77 -2.25 10.73
C ARG B 286 -13.00 -2.74 9.33
N ALA B 287 -12.12 -3.56 8.81
CA ALA B 287 -11.85 -3.72 7.36
C ALA B 287 -10.98 -2.55 6.91
N ALA C 5 -69.73 2.14 18.26
CA ALA C 5 -69.77 0.91 17.47
C ALA C 5 -68.54 0.81 16.58
N ALA C 6 -68.16 -0.43 16.24
CA ALA C 6 -67.01 -0.72 15.38
C ALA C 6 -65.78 0.01 15.91
N PRO C 7 -65.20 -0.45 17.01
CA PRO C 7 -64.15 0.33 17.69
C PRO C 7 -62.89 0.43 16.85
N LEU C 8 -61.97 1.25 17.34
CA LEU C 8 -60.67 1.37 16.73
C LEU C 8 -59.91 0.05 16.83
N LEU C 9 -59.12 -0.24 15.79
CA LEU C 9 -58.12 -1.29 15.87
C LEU C 9 -58.60 -2.71 16.15
N SER C 10 -59.45 -3.27 15.30
CA SER C 10 -59.91 -4.64 15.47
C SER C 10 -58.93 -5.57 14.75
N VAL C 11 -58.05 -6.22 15.52
CA VAL C 11 -56.89 -6.89 14.95
C VAL C 11 -57.18 -8.35 14.57
N GLU C 12 -58.45 -8.74 14.51
CA GLU C 12 -58.85 -10.14 14.35
C GLU C 12 -58.08 -10.91 13.27
N GLY C 13 -57.33 -11.94 13.66
CA GLY C 13 -56.82 -12.91 12.72
C GLY C 13 -55.37 -12.79 12.32
N LEU C 14 -54.57 -12.01 13.04
CA LEU C 14 -53.18 -11.82 12.62
C LEU C 14 -52.41 -13.13 12.64
N GLU C 15 -51.54 -13.32 11.64
CA GLU C 15 -50.81 -14.59 11.48
C GLU C 15 -49.36 -14.34 11.04
N VAL C 16 -48.65 -13.44 11.73
CA VAL C 16 -47.28 -13.13 11.38
C VAL C 16 -46.44 -14.41 11.31
N THR C 17 -45.55 -14.48 10.30
CA THR C 17 -44.59 -15.56 10.16
C THR C 17 -43.21 -14.98 9.86
N PHE C 18 -42.19 -15.49 10.54
CA PHE C 18 -40.84 -14.95 10.46
C PHE C 18 -40.09 -15.88 9.52
N GLY C 19 -40.23 -15.65 8.22
CA GLY C 19 -39.38 -16.27 7.22
C GLY C 19 -39.47 -17.79 7.15
N THR C 20 -40.66 -18.30 6.83
CA THR C 20 -40.93 -19.69 6.48
C THR C 20 -40.63 -20.70 7.59
N ASP C 21 -40.46 -20.27 8.84
CA ASP C 21 -40.25 -21.23 9.91
C ASP C 21 -41.57 -21.78 10.44
N ALA C 22 -42.38 -20.91 11.04
CA ALA C 22 -43.66 -21.26 11.64
C ALA C 22 -44.32 -19.97 12.07
N PRO C 23 -45.66 -19.89 12.09
CA PRO C 23 -46.30 -18.65 12.55
C PRO C 23 -45.84 -18.26 13.94
N ALA C 24 -45.09 -17.16 14.03
CA ALA C 24 -44.63 -16.69 15.33
C ALA C 24 -45.76 -16.04 16.12
N VAL C 25 -46.83 -15.65 15.45
CA VAL C 25 -48.03 -15.09 16.08
C VAL C 25 -49.23 -15.71 15.37
N CYS C 26 -49.84 -16.71 15.99
CA CYS C 26 -51.03 -17.32 15.41
C CYS C 26 -52.23 -16.39 15.62
N GLY C 27 -53.42 -16.91 15.33
CA GLY C 27 -54.62 -16.11 15.40
C GLY C 27 -54.85 -15.39 16.71
N VAL C 28 -54.76 -14.07 16.70
CA VAL C 28 -55.05 -13.23 17.85
C VAL C 28 -56.31 -12.42 17.57
N ASP C 29 -56.74 -11.67 18.56
CA ASP C 29 -57.95 -10.87 18.45
C ASP C 29 -57.87 -9.86 19.57
N LEU C 30 -58.11 -8.59 19.24
CA LEU C 30 -58.25 -7.54 20.24
C LEU C 30 -58.89 -6.34 19.56
N ALA C 31 -59.44 -5.45 20.39
CA ALA C 31 -60.16 -4.29 19.89
C ALA C 31 -60.16 -3.22 20.96
N VAL C 32 -59.71 -2.02 20.60
CA VAL C 32 -59.60 -0.91 21.52
C VAL C 32 -60.78 0.03 21.32
N ARG C 33 -61.39 0.47 22.42
CA ARG C 33 -62.67 1.15 22.39
C ARG C 33 -62.53 2.68 22.33
N SER C 34 -61.43 3.17 21.77
CA SER C 34 -61.26 4.58 21.45
C SER C 34 -61.14 5.48 22.67
N GLY C 35 -61.36 4.95 23.86
CA GLY C 35 -61.14 5.73 25.06
C GLY C 35 -60.60 4.92 26.22
N GLN C 36 -60.38 3.63 25.99
CA GLN C 36 -60.11 2.68 27.06
C GLN C 36 -58.70 2.13 26.93
N THR C 37 -58.20 1.59 28.03
CA THR C 37 -56.85 1.05 28.11
C THR C 37 -56.88 -0.47 28.06
N VAL C 38 -56.13 -1.04 27.12
CA VAL C 38 -56.08 -2.48 26.93
C VAL C 38 -54.62 -2.91 27.06
N ALA C 39 -54.35 -3.86 27.93
CA ALA C 39 -53.01 -4.33 28.17
C ALA C 39 -52.89 -5.79 27.74
N VAL C 40 -51.82 -6.10 27.03
CA VAL C 40 -51.54 -7.48 26.65
C VAL C 40 -50.44 -8.01 27.57
N VAL C 41 -50.60 -9.25 28.00
CA VAL C 41 -49.76 -9.86 29.02
C VAL C 41 -49.21 -11.16 28.48
N GLY C 42 -48.02 -11.53 28.92
CA GLY C 42 -47.44 -12.80 28.53
C GLY C 42 -45.95 -12.79 28.69
N GLU C 43 -45.39 -13.99 28.82
CA GLU C 43 -43.96 -14.15 28.97
C GLU C 43 -43.25 -13.76 27.68
N SER C 44 -41.93 -13.83 27.70
CA SER C 44 -41.16 -13.53 26.50
C SER C 44 -41.36 -14.64 25.47
N GLY C 45 -41.09 -14.29 24.22
CA GLY C 45 -41.32 -15.23 23.13
C GLY C 45 -42.76 -15.61 22.91
N SER C 46 -43.70 -14.88 23.52
CA SER C 46 -45.11 -15.13 23.34
C SER C 46 -45.70 -14.37 22.17
N GLY C 47 -44.90 -13.56 21.49
CA GLY C 47 -45.40 -12.85 20.33
C GLY C 47 -46.30 -11.68 20.66
N LYS C 48 -46.07 -11.00 21.77
CA LYS C 48 -46.82 -9.78 22.06
C LYS C 48 -46.18 -8.58 21.36
N SER C 49 -44.91 -8.31 21.66
CA SER C 49 -44.23 -7.20 21.01
C SER C 49 -44.24 -7.34 19.51
N THR C 50 -44.18 -8.58 19.01
CA THR C 50 -44.28 -8.81 17.57
C THR C 50 -45.59 -8.29 17.03
N THR C 51 -46.71 -8.62 17.68
CA THR C 51 -47.97 -8.10 17.20
C THR C 51 -48.21 -6.66 17.65
N ALA C 52 -47.20 -6.03 18.26
CA ALA C 52 -47.20 -4.58 18.39
C ALA C 52 -46.38 -3.91 17.30
N ALA C 53 -45.55 -4.68 16.60
CA ALA C 53 -44.84 -4.18 15.43
C ALA C 53 -45.53 -4.55 14.13
N ALA C 54 -46.40 -5.56 14.15
CA ALA C 54 -47.13 -5.93 12.95
C ALA C 54 -48.26 -4.96 12.64
N ILE C 55 -48.75 -4.23 13.63
CA ILE C 55 -49.78 -3.24 13.39
C ILE C 55 -49.18 -2.00 12.76
N LEU C 56 -48.08 -1.51 13.31
CA LEU C 56 -47.41 -0.33 12.77
C LEU C 56 -46.72 -0.61 11.45
N GLY C 57 -46.43 -1.87 11.15
CA GLY C 57 -45.66 -2.18 9.97
C GLY C 57 -44.17 -2.14 10.18
N LEU C 58 -43.72 -2.19 11.43
CA LEU C 58 -42.30 -2.11 11.77
C LEU C 58 -41.69 -3.49 11.98
N LEU C 59 -42.15 -4.49 11.24
CA LEU C 59 -41.64 -5.83 11.40
C LEU C 59 -40.18 -5.90 10.94
N PRO C 60 -39.34 -6.66 11.63
CA PRO C 60 -37.93 -6.75 11.23
C PRO C 60 -37.73 -7.46 9.90
N ALA C 61 -36.47 -7.70 9.56
CA ALA C 61 -36.10 -8.10 8.20
C ALA C 61 -36.98 -9.22 7.64
N GLY C 62 -37.37 -10.17 8.48
CA GLY C 62 -38.02 -11.36 7.97
C GLY C 62 -39.54 -11.32 7.91
N GLY C 63 -40.18 -10.85 9.00
CA GLY C 63 -41.60 -11.07 9.18
C GLY C 63 -42.44 -10.51 8.06
N ARG C 64 -43.67 -11.03 7.97
CA ARG C 64 -44.66 -10.61 7.00
C ARG C 64 -45.99 -11.21 7.39
N ILE C 65 -47.06 -10.42 7.27
CA ILE C 65 -48.39 -10.92 7.56
C ILE C 65 -48.75 -12.02 6.57
N THR C 66 -49.48 -13.03 7.05
CA THR C 66 -49.91 -14.12 6.18
C THR C 66 -51.38 -14.48 6.33
N ALA C 67 -52.17 -13.71 7.07
CA ALA C 67 -53.61 -13.93 7.17
C ALA C 67 -54.22 -12.73 7.91
N GLY C 68 -55.51 -12.81 8.15
CA GLY C 68 -56.21 -11.85 8.97
C GLY C 68 -56.21 -10.43 8.42
N ARG C 69 -56.69 -9.51 9.25
CA ARG C 69 -56.82 -8.12 8.86
C ARG C 69 -56.62 -7.23 10.07
N VAL C 70 -56.28 -5.97 9.80
CA VAL C 70 -56.10 -4.95 10.81
C VAL C 70 -56.82 -3.71 10.31
N VAL C 71 -57.94 -3.37 10.94
CA VAL C 71 -58.67 -2.18 10.57
C VAL C 71 -58.33 -1.07 11.54
N PHE C 72 -58.69 0.16 11.18
CA PHE C 72 -58.48 1.32 12.04
C PHE C 72 -59.46 2.39 11.53
N ASP C 73 -60.52 2.63 12.28
CA ASP C 73 -61.65 3.47 11.89
C ASP C 73 -62.42 2.91 10.71
N GLY C 74 -62.06 1.74 10.21
CA GLY C 74 -62.73 1.11 9.10
C GLY C 74 -61.89 0.92 7.86
N ARG C 75 -60.64 1.37 7.86
CA ARG C 75 -59.78 1.34 6.69
C ARG C 75 -58.61 0.41 6.98
N ASP C 76 -58.50 -0.66 6.20
CA ASP C 76 -57.52 -1.71 6.46
C ASP C 76 -56.11 -1.18 6.30
N ILE C 77 -55.32 -1.26 7.37
CA ILE C 77 -53.97 -0.76 7.36
C ILE C 77 -52.96 -1.90 7.23
N THR C 78 -53.38 -3.07 6.74
CA THR C 78 -52.46 -4.15 6.42
C THR C 78 -51.72 -3.91 5.11
N GLY C 79 -52.08 -2.85 4.39
CA GLY C 79 -51.45 -2.45 3.14
C GLY C 79 -50.19 -1.65 3.34
N ALA C 80 -49.06 -2.32 3.57
CA ALA C 80 -47.81 -1.68 3.96
C ALA C 80 -47.57 -0.36 3.24
N ASP C 81 -47.38 -0.40 1.92
CA ASP C 81 -47.70 0.71 1.02
C ASP C 81 -47.38 2.07 1.63
N ALA C 82 -46.10 2.33 1.85
CA ALA C 82 -45.73 3.50 2.66
C ALA C 82 -45.98 4.80 1.92
N LYS C 83 -47.21 5.01 1.52
CA LYS C 83 -47.79 6.25 1.05
C LYS C 83 -49.12 6.53 1.71
N ARG C 84 -49.83 5.48 2.15
CA ARG C 84 -51.00 5.62 2.99
C ARG C 84 -50.65 5.44 4.46
N LEU C 85 -49.76 4.50 4.77
CA LEU C 85 -49.25 4.39 6.13
C LEU C 85 -48.52 5.64 6.58
N ARG C 86 -48.04 6.45 5.63
CA ARG C 86 -47.37 7.69 5.99
C ARG C 86 -48.36 8.73 6.52
N SER C 87 -49.64 8.58 6.24
CA SER C 87 -50.67 9.45 6.77
C SER C 87 -51.32 8.91 8.04
N ILE C 88 -50.84 7.79 8.55
CA ILE C 88 -51.37 7.22 9.78
C ILE C 88 -50.26 7.18 10.83
N ARG C 89 -49.04 6.87 10.41
CA ARG C 89 -47.92 6.88 11.32
C ARG C 89 -47.71 8.27 11.89
N GLY C 90 -47.66 8.36 13.20
CA GLY C 90 -47.40 9.64 13.85
C GLY C 90 -48.58 10.57 13.97
N ARG C 91 -49.40 10.65 12.92
CA ARG C 91 -50.52 11.60 12.93
C ARG C 91 -51.78 11.02 13.53
N GLU C 92 -51.94 9.70 13.57
CA GLU C 92 -53.09 9.14 14.24
C GLU C 92 -52.75 7.87 15.01
N ILE C 93 -51.47 7.48 15.02
CA ILE C 93 -51.02 6.34 15.83
C ILE C 93 -49.61 6.61 16.35
N GLY C 94 -49.47 6.74 17.65
CA GLY C 94 -48.18 6.96 18.28
C GLY C 94 -47.40 5.67 18.46
N TYR C 95 -46.30 5.78 19.19
CA TYR C 95 -45.45 4.63 19.47
C TYR C 95 -44.47 5.03 20.57
N VAL C 96 -44.22 4.11 21.49
CA VAL C 96 -43.25 4.33 22.56
C VAL C 96 -42.37 3.09 22.69
N PRO C 97 -41.07 3.19 22.42
CA PRO C 97 -40.22 1.99 22.40
C PRO C 97 -40.00 1.39 23.77
N GLN C 98 -39.15 0.35 23.83
CA GLN C 98 -38.87 -0.36 25.07
C GLN C 98 -37.54 0.01 25.69
N ASP C 99 -36.46 0.01 24.91
CA ASP C 99 -35.13 0.28 25.45
C ASP C 99 -34.88 1.78 25.47
N PRO C 100 -34.65 2.39 26.64
CA PRO C 100 -34.47 3.84 26.66
C PRO C 100 -33.14 4.29 26.10
N MET C 101 -32.07 3.52 26.33
CA MET C 101 -30.74 3.96 25.94
C MET C 101 -30.60 4.00 24.42
N THR C 102 -30.86 2.88 23.76
CA THR C 102 -30.55 2.72 22.35
C THR C 102 -31.72 3.02 21.42
N ASN C 103 -32.63 3.92 21.79
CA ASN C 103 -33.73 4.27 20.91
C ASN C 103 -33.72 5.73 20.47
N LEU C 104 -32.71 6.49 20.85
CA LEU C 104 -32.52 7.85 20.37
C LEU C 104 -31.24 7.92 19.57
N ASN C 105 -31.28 8.62 18.45
CA ASN C 105 -30.10 8.77 17.60
C ASN C 105 -28.98 9.37 18.44
N PRO C 106 -27.88 8.65 18.67
CA PRO C 106 -26.90 9.08 19.67
C PRO C 106 -26.01 10.24 19.24
N VAL C 107 -26.29 10.91 18.13
CA VAL C 107 -25.43 12.00 17.69
C VAL C 107 -26.25 13.23 17.32
N TRP C 108 -27.46 13.36 17.87
CA TRP C 108 -28.37 14.35 17.29
C TRP C 108 -29.16 15.14 18.32
N LYS C 109 -28.60 15.41 19.50
CA LYS C 109 -29.05 16.58 20.26
C LYS C 109 -30.55 16.55 20.60
N VAL C 110 -30.97 15.70 21.53
CA VAL C 110 -32.36 15.26 21.70
C VAL C 110 -33.39 16.38 21.52
N GLY C 111 -32.99 17.62 21.80
CA GLY C 111 -33.89 18.73 21.50
C GLY C 111 -34.16 18.88 20.02
N PHE C 112 -33.31 18.32 19.17
CA PHE C 112 -33.52 18.32 17.73
C PHE C 112 -34.25 17.08 17.26
N GLN C 113 -34.15 15.98 18.00
CA GLN C 113 -34.93 14.81 17.66
C GLN C 113 -36.39 14.96 18.06
N VAL C 114 -36.66 15.80 19.06
CA VAL C 114 -38.05 16.06 19.41
C VAL C 114 -38.70 16.99 18.40
N THR C 115 -37.93 17.90 17.81
CA THR C 115 -38.51 18.97 17.02
C THR C 115 -38.91 18.55 15.62
N GLU C 116 -38.51 17.37 15.17
CA GLU C 116 -38.94 16.87 13.86
C GLU C 116 -40.05 15.85 13.95
N ALA C 117 -40.40 15.41 15.17
CA ALA C 117 -41.58 14.56 15.34
C ALA C 117 -42.87 15.32 15.10
N LEU C 118 -42.84 16.64 15.25
CA LEU C 118 -43.98 17.50 14.92
C LEU C 118 -43.82 18.21 13.59
N ARG C 119 -43.21 17.54 12.61
CA ARG C 119 -42.78 18.09 11.33
C ARG C 119 -43.75 19.10 10.71
N ALA C 120 -45.04 18.98 11.02
CA ALA C 120 -46.02 19.92 10.51
C ALA C 120 -45.81 21.22 11.30
N ASN C 121 -45.01 22.14 10.75
CA ASN C 121 -44.76 23.41 11.43
C ASN C 121 -44.05 24.40 10.53
N THR C 122 -43.57 25.51 11.11
CA THR C 122 -42.91 26.58 10.38
C THR C 122 -41.52 26.20 9.90
N ASP C 123 -40.97 25.09 10.40
CA ASP C 123 -39.71 24.45 10.10
C ASP C 123 -38.50 25.13 10.74
N GLY C 124 -38.63 26.33 11.30
CA GLY C 124 -37.52 26.85 12.09
C GLY C 124 -37.83 27.75 13.27
N ARG C 125 -39.10 28.10 13.47
CA ARG C 125 -39.44 29.04 14.54
C ARG C 125 -40.39 28.45 15.57
N ALA C 126 -41.55 27.96 15.14
CA ALA C 126 -42.43 27.26 16.06
C ALA C 126 -41.83 25.94 16.50
N ALA C 127 -40.95 25.36 15.69
CA ALA C 127 -40.37 24.07 16.00
C ALA C 127 -39.56 24.12 17.29
N ARG C 128 -38.52 24.97 17.32
CA ARG C 128 -37.54 24.96 18.39
C ARG C 128 -38.07 25.44 19.73
N ARG C 129 -39.27 26.01 19.78
CA ARG C 129 -39.87 26.40 21.05
C ARG C 129 -41.07 25.54 21.42
N ARG C 130 -41.89 25.16 20.45
CA ARG C 130 -42.93 24.18 20.72
C ARG C 130 -42.33 22.87 21.19
N ALA C 131 -41.12 22.53 20.73
CA ALA C 131 -40.49 21.30 21.21
C ALA C 131 -40.16 21.39 22.69
N VAL C 132 -39.67 22.54 23.15
CA VAL C 132 -39.40 22.70 24.57
C VAL C 132 -40.70 22.73 25.37
N GLU C 133 -41.76 23.29 24.80
CA GLU C 133 -43.08 23.19 25.43
C GLU C 133 -43.48 21.74 25.63
N LEU C 134 -43.24 20.89 24.62
CA LEU C 134 -43.56 19.47 24.75
C LEU C 134 -42.70 18.81 25.81
N LEU C 135 -41.40 19.11 25.81
CA LEU C 135 -40.51 18.54 26.83
C LEU C 135 -40.93 18.95 28.23
N ALA C 136 -41.50 20.15 28.37
CA ALA C 136 -42.00 20.58 29.67
C ALA C 136 -43.25 19.81 30.06
N GLU C 137 -44.19 19.67 29.12
CA GLU C 137 -45.40 18.90 29.41
C GLU C 137 -45.10 17.42 29.59
N ALA C 138 -43.88 16.98 29.25
CA ALA C 138 -43.50 15.58 29.50
C ALA C 138 -43.11 15.37 30.96
N GLY C 139 -42.27 16.22 31.51
CA GLY C 139 -41.96 16.12 32.93
C GLY C 139 -40.50 16.30 33.29
N LEU C 140 -39.66 16.63 32.33
CA LEU C 140 -38.25 16.83 32.61
C LEU C 140 -38.07 17.96 33.62
N PRO C 141 -37.00 17.92 34.44
CA PRO C 141 -36.88 18.89 35.54
C PRO C 141 -36.74 20.32 35.08
N ASP C 142 -35.81 20.57 34.15
CA ASP C 142 -35.77 21.86 33.46
C ASP C 142 -35.56 21.60 31.99
N PRO C 143 -36.57 21.85 31.15
CA PRO C 143 -36.49 21.39 29.77
C PRO C 143 -35.50 22.17 28.93
N ALA C 144 -35.52 23.51 29.03
CA ALA C 144 -34.72 24.33 28.14
C ALA C 144 -33.23 24.05 28.24
N LYS C 145 -32.78 23.46 29.36
CA LYS C 145 -31.37 23.13 29.52
C LYS C 145 -31.05 21.72 29.05
N GLN C 146 -32.03 20.82 29.03
CA GLN C 146 -31.82 19.45 28.60
C GLN C 146 -32.32 19.19 27.19
N ALA C 147 -32.85 20.20 26.51
CA ALA C 147 -33.07 20.11 25.08
C ALA C 147 -31.81 20.43 24.30
N GLY C 148 -30.66 20.44 24.97
CA GLY C 148 -29.39 20.72 24.32
C GLY C 148 -28.34 19.73 24.78
N ARG C 149 -28.78 18.51 25.06
CA ARG C 149 -27.90 17.43 25.51
C ARG C 149 -28.08 16.23 24.62
N TYR C 150 -26.97 15.54 24.34
CA TYR C 150 -27.05 14.32 23.58
C TYR C 150 -27.67 13.22 24.43
N PRO C 151 -28.20 12.16 23.79
CA PRO C 151 -28.90 11.12 24.54
C PRO C 151 -28.02 10.22 25.39
N HIS C 152 -26.73 10.49 25.50
CA HIS C 152 -25.86 9.75 26.41
C HIS C 152 -25.52 10.55 27.65
N GLN C 153 -26.05 11.75 27.79
CA GLN C 153 -25.89 12.56 28.99
C GLN C 153 -27.14 12.60 29.84
N LEU C 154 -28.22 12.00 29.38
CA LEU C 154 -29.46 11.96 30.13
C LEU C 154 -29.55 10.68 30.94
N SER C 155 -30.30 10.75 32.04
CA SER C 155 -30.50 9.59 32.89
C SER C 155 -31.29 8.53 32.15
N GLY C 156 -31.45 7.36 32.77
CA GLY C 156 -32.26 6.31 32.18
C GLY C 156 -33.72 6.70 32.10
N GLY C 157 -34.23 7.30 33.16
CA GLY C 157 -35.63 7.70 33.20
C GLY C 157 -35.94 9.02 32.52
N MET C 158 -34.95 9.73 32.02
CA MET C 158 -35.20 10.94 31.25
C MET C 158 -35.30 10.67 29.75
N CYS C 159 -34.52 9.71 29.25
CA CYS C 159 -34.70 9.28 27.87
C CYS C 159 -36.11 8.74 27.64
N GLN C 160 -36.69 8.07 28.63
CA GLN C 160 -38.03 7.54 28.45
C GLN C 160 -39.07 8.66 28.42
N ARG C 161 -38.89 9.70 29.23
CA ARG C 161 -39.79 10.84 29.14
C ARG C 161 -39.65 11.56 27.80
N ALA C 162 -38.42 11.66 27.30
CA ALA C 162 -38.23 12.23 25.97
C ALA C 162 -38.91 11.40 24.90
N LEU C 163 -38.85 10.08 25.01
CA LEU C 163 -39.52 9.22 24.04
C LEU C 163 -41.02 9.34 24.14
N ILE C 164 -41.56 9.54 25.34
CA ILE C 164 -43.00 9.78 25.48
C ILE C 164 -43.39 11.08 24.79
N ALA C 165 -42.57 12.13 24.97
CA ALA C 165 -42.86 13.39 24.33
C ALA C 165 -42.79 13.29 22.81
N ILE C 166 -41.83 12.52 22.29
CA ILE C 166 -41.78 12.26 20.85
C ILE C 166 -43.01 11.50 20.39
N GLY C 167 -43.44 10.53 21.18
CA GLY C 167 -44.62 9.76 20.85
C GLY C 167 -45.86 10.60 20.71
N LEU C 168 -46.25 11.32 21.76
CA LEU C 168 -47.47 12.12 21.73
C LEU C 168 -47.21 13.50 21.15
N ALA C 169 -46.57 13.52 19.97
CA ALA C 169 -46.21 14.77 19.32
C ALA C 169 -47.26 15.28 18.36
N GLY C 170 -47.81 14.42 17.51
CA GLY C 170 -48.83 14.81 16.56
C GLY C 170 -50.24 14.62 17.05
N ARG C 171 -50.44 14.48 18.35
CA ARG C 171 -51.74 14.19 18.96
C ARG C 171 -52.44 12.97 18.39
N PRO C 172 -51.84 11.78 18.50
CA PRO C 172 -52.47 10.60 17.90
C PRO C 172 -53.78 10.24 18.56
N ARG C 173 -54.46 9.24 18.03
CA ARG C 173 -55.65 8.69 18.66
C ARG C 173 -55.43 7.34 19.30
N LEU C 174 -54.22 6.79 19.24
CA LEU C 174 -53.94 5.49 19.82
C LEU C 174 -52.43 5.42 20.05
N LEU C 175 -52.02 5.26 21.31
CA LEU C 175 -50.63 5.05 21.63
C LEU C 175 -50.37 3.56 21.79
N ILE C 176 -49.22 3.09 21.30
CA ILE C 176 -48.91 1.67 21.31
C ILE C 176 -47.69 1.42 22.18
N ALA C 177 -47.60 2.15 23.29
CA ALA C 177 -46.50 1.99 24.25
C ALA C 177 -46.18 0.52 24.44
N ASP C 178 -44.94 0.16 24.14
CA ASP C 178 -44.50 -1.23 24.08
C ASP C 178 -43.50 -1.46 25.22
N GLU C 179 -44.00 -1.97 26.34
CA GLU C 179 -43.17 -2.34 27.48
C GLU C 179 -42.24 -1.19 27.89
N PRO C 180 -42.77 0.01 28.08
CA PRO C 180 -41.91 1.19 28.19
C PRO C 180 -40.98 1.16 29.40
N THR C 181 -41.57 1.00 30.58
CA THR C 181 -40.83 1.09 31.83
C THR C 181 -40.49 -0.31 32.32
N SER C 182 -39.61 -0.96 31.57
CA SER C 182 -39.10 -2.27 31.96
C SER C 182 -37.61 -2.28 32.23
N ALA C 183 -36.84 -1.41 31.60
CA ALA C 183 -35.43 -1.23 31.93
C ALA C 183 -35.23 -0.25 33.07
N LEU C 184 -36.17 0.65 33.30
CA LEU C 184 -36.10 1.55 34.45
C LEU C 184 -36.32 0.76 35.73
N ASP C 185 -35.99 1.38 36.84
CA ASP C 185 -36.14 0.78 38.15
C ASP C 185 -37.39 1.33 38.82
N VAL C 186 -37.84 0.61 39.85
CA VAL C 186 -39.04 1.02 40.55
C VAL C 186 -38.82 2.37 41.23
N THR C 187 -39.92 3.03 41.58
CA THR C 187 -39.95 4.41 42.07
C THR C 187 -39.59 5.40 40.96
N VAL C 188 -39.24 4.86 39.80
CA VAL C 188 -39.14 5.64 38.57
C VAL C 188 -40.15 5.15 37.54
N GLN C 189 -40.27 3.83 37.39
CA GLN C 189 -41.35 3.26 36.60
C GLN C 189 -42.70 3.77 37.09
N ARG C 190 -42.89 3.83 38.40
CA ARG C 190 -44.19 4.27 38.93
C ARG C 190 -44.47 5.71 38.58
N GLN C 191 -43.47 6.60 38.73
CA GLN C 191 -43.69 8.00 38.41
C GLN C 191 -43.94 8.19 36.92
N VAL C 192 -43.17 7.50 36.07
CA VAL C 192 -43.36 7.62 34.64
C VAL C 192 -44.75 7.15 34.24
N LEU C 193 -45.22 6.06 34.84
CA LEU C 193 -46.54 5.56 34.47
C LEU C 193 -47.64 6.44 35.02
N ASP C 194 -47.47 6.98 36.22
CA ASP C 194 -48.45 7.90 36.75
C ASP C 194 -48.56 9.15 35.91
N HIS C 195 -47.46 9.56 35.26
CA HIS C 195 -47.53 10.72 34.38
C HIS C 195 -48.11 10.35 33.02
N LEU C 196 -47.80 9.14 32.53
CA LEU C 196 -48.32 8.73 31.24
C LEU C 196 -49.83 8.51 31.30
N GLN C 197 -50.34 8.08 32.44
CA GLN C 197 -51.78 7.93 32.60
C GLN C 197 -52.47 9.24 32.94
N GLY C 198 -51.74 10.35 32.96
CA GLY C 198 -52.34 11.65 33.12
C GLY C 198 -52.29 12.39 31.81
N LEU C 199 -51.23 12.17 31.05
CA LEU C 199 -51.15 12.69 29.70
C LEU C 199 -52.19 12.09 28.76
N THR C 200 -52.95 11.11 29.22
CA THR C 200 -54.00 10.50 28.43
C THR C 200 -55.39 11.02 28.76
N ASP C 201 -55.68 11.34 30.01
CA ASP C 201 -56.96 11.91 30.37
C ASP C 201 -57.17 13.30 29.80
N GLU C 202 -56.08 14.04 29.58
CA GLU C 202 -56.22 15.33 28.91
C GLU C 202 -56.50 15.19 27.42
N LEU C 203 -56.02 14.11 26.81
CA LEU C 203 -56.04 13.95 25.36
C LEU C 203 -57.14 13.03 24.87
N GLY C 204 -57.40 11.94 25.58
CA GLY C 204 -58.30 10.93 25.08
C GLY C 204 -57.64 9.82 24.30
N THR C 205 -56.30 9.79 24.26
CA THR C 205 -55.59 8.71 23.61
C THR C 205 -55.98 7.36 24.21
N ALA C 206 -55.85 6.30 23.42
CA ALA C 206 -56.35 4.98 23.81
C ALA C 206 -55.36 4.13 24.58
N LEU C 207 -54.08 4.15 24.21
CA LEU C 207 -53.02 3.50 25.00
C LEU C 207 -53.23 1.99 25.13
N LEU C 208 -53.11 1.28 24.03
CA LEU C 208 -52.84 -0.16 24.08
C LEU C 208 -51.43 -0.38 24.56
N LEU C 209 -51.23 -1.05 25.69
CA LEU C 209 -49.88 -1.22 26.23
C LEU C 209 -49.49 -2.68 26.38
N ILE C 210 -48.23 -2.95 26.06
CA ILE C 210 -47.63 -4.27 26.17
C ILE C 210 -46.94 -4.36 27.52
N THR C 211 -47.12 -5.47 28.21
CA THR C 211 -46.44 -5.70 29.48
C THR C 211 -46.16 -7.18 29.62
N HIS C 212 -45.65 -7.59 30.78
CA HIS C 212 -45.34 -8.98 31.01
C HIS C 212 -45.68 -9.47 32.42
N ASP C 213 -46.48 -8.73 33.18
CA ASP C 213 -46.90 -9.18 34.49
C ASP C 213 -48.32 -8.73 34.76
N LEU C 214 -49.14 -9.65 35.29
CA LEU C 214 -50.53 -9.32 35.58
C LEU C 214 -50.65 -8.24 36.63
N ALA C 215 -49.94 -8.40 37.76
CA ALA C 215 -50.12 -7.50 38.90
C ALA C 215 -49.99 -6.03 38.51
N LEU C 216 -49.24 -5.75 37.45
CA LEU C 216 -49.14 -4.38 36.95
C LEU C 216 -50.35 -4.04 36.09
N ALA C 217 -50.57 -4.82 35.03
CA ALA C 217 -51.62 -4.54 34.07
C ALA C 217 -53.01 -4.67 34.68
N ALA C 218 -53.09 -5.07 35.94
CA ALA C 218 -54.37 -5.14 36.62
C ALA C 218 -54.70 -3.87 37.39
N GLN C 219 -53.70 -3.05 37.70
CA GLN C 219 -53.95 -1.77 38.35
C GLN C 219 -53.80 -0.58 37.42
N ARG C 220 -53.23 -0.78 36.23
CA ARG C 220 -53.08 0.27 35.23
C ARG C 220 -54.20 0.24 34.19
N ALA C 221 -54.49 -0.93 33.64
CA ALA C 221 -55.31 -1.03 32.44
C ALA C 221 -56.77 -1.26 32.79
N GLU C 222 -57.60 -1.36 31.75
CA GLU C 222 -59.03 -1.59 31.87
C GLU C 222 -59.45 -2.93 31.31
N ALA C 223 -58.79 -3.42 30.27
CA ALA C 223 -59.00 -4.77 29.78
C ALA C 223 -57.66 -5.48 29.69
N VAL C 224 -57.68 -6.79 29.85
CA VAL C 224 -56.48 -7.61 29.85
C VAL C 224 -56.62 -8.68 28.78
N VAL C 225 -55.54 -8.91 28.04
CA VAL C 225 -55.50 -9.93 27.00
C VAL C 225 -54.24 -10.75 27.21
N VAL C 226 -54.39 -12.00 27.59
CA VAL C 226 -53.25 -12.86 27.89
C VAL C 226 -52.88 -13.64 26.65
N VAL C 227 -51.58 -13.83 26.43
CA VAL C 227 -51.07 -14.51 25.23
C VAL C 227 -50.13 -15.62 25.66
N ARG C 228 -50.30 -16.80 25.07
CA ARG C 228 -49.36 -17.91 25.23
C ARG C 228 -48.89 -18.37 23.86
N ARG C 229 -47.58 -18.27 23.63
CA ARG C 229 -46.95 -18.72 22.40
C ARG C 229 -47.75 -18.29 21.17
N GLY C 230 -48.12 -17.02 21.15
CA GLY C 230 -48.86 -16.48 20.02
C GLY C 230 -50.27 -17.01 19.90
N VAL C 231 -50.97 -17.16 21.00
CA VAL C 231 -52.37 -17.57 21.02
C VAL C 231 -53.07 -16.79 22.12
N VAL C 232 -54.21 -16.18 21.80
CA VAL C 232 -54.95 -15.44 22.81
C VAL C 232 -55.59 -16.43 23.78
N VAL C 233 -55.03 -16.51 24.98
CA VAL C 233 -55.45 -17.49 25.97
C VAL C 233 -56.76 -17.07 26.63
N GLU C 234 -56.83 -15.83 27.10
CA GLU C 234 -57.99 -15.37 27.83
C GLU C 234 -58.14 -13.87 27.59
N SER C 235 -59.36 -13.38 27.80
CA SER C 235 -59.67 -11.99 27.55
C SER C 235 -60.85 -11.59 28.41
N GLY C 236 -60.82 -10.36 28.93
CA GLY C 236 -61.92 -9.88 29.74
C GLY C 236 -61.47 -8.75 30.64
N ALA C 237 -62.35 -8.42 31.59
CA ALA C 237 -62.12 -7.31 32.48
C ALA C 237 -60.87 -7.55 33.34
N ALA C 238 -60.38 -6.48 33.96
CA ALA C 238 -59.17 -6.58 34.75
C ALA C 238 -59.42 -7.31 36.06
N GLN C 239 -60.27 -6.74 36.91
CA GLN C 239 -60.52 -7.33 38.23
C GLN C 239 -60.96 -8.78 38.11
N SER C 240 -61.92 -9.05 37.22
CA SER C 240 -62.45 -10.41 37.09
C SER C 240 -61.36 -11.41 36.75
N ILE C 241 -60.30 -10.98 36.08
CA ILE C 241 -59.23 -11.93 35.78
C ILE C 241 -58.31 -12.10 36.98
N LEU C 242 -58.05 -11.04 37.73
CA LEU C 242 -57.08 -11.16 38.82
C LEU C 242 -57.67 -11.92 40.01
N GLN C 243 -58.94 -11.71 40.30
CA GLN C 243 -59.54 -12.34 41.48
C GLN C 243 -60.05 -13.74 41.17
N SER C 244 -60.44 -13.99 39.93
CA SER C 244 -60.99 -15.30 39.54
C SER C 244 -60.57 -15.60 38.11
N PRO C 245 -59.36 -16.13 37.92
CA PRO C 245 -58.96 -16.56 36.57
C PRO C 245 -59.52 -17.93 36.25
N GLN C 246 -59.97 -18.12 35.01
CA GLN C 246 -60.57 -19.40 34.63
C GLN C 246 -59.60 -20.38 33.99
N HIS C 247 -58.93 -19.96 32.91
CA HIS C 247 -58.00 -20.86 32.23
C HIS C 247 -56.79 -21.12 33.13
N GLU C 248 -56.34 -22.37 33.15
CA GLU C 248 -55.33 -22.80 34.11
C GLU C 248 -54.01 -22.05 33.94
N TYR C 249 -53.68 -21.63 32.72
CA TYR C 249 -52.44 -20.88 32.53
C TYR C 249 -52.48 -19.55 33.26
N THR C 250 -53.61 -18.86 33.21
CA THR C 250 -53.74 -17.62 33.95
C THR C 250 -53.68 -17.88 35.45
N ARG C 251 -54.25 -18.99 35.90
CA ARG C 251 -54.18 -19.32 37.33
C ARG C 251 -52.74 -19.56 37.75
N ARG C 252 -51.95 -20.21 36.90
CA ARG C 252 -50.55 -20.44 37.23
C ARG C 252 -49.74 -19.16 37.17
N LEU C 253 -50.13 -18.24 36.28
CA LEU C 253 -49.45 -16.94 36.23
C LEU C 253 -49.79 -16.09 37.43
N VAL C 254 -50.99 -16.24 37.98
CA VAL C 254 -51.37 -15.49 39.17
C VAL C 254 -50.67 -16.08 40.40
N ALA C 255 -50.78 -17.38 40.60
CA ALA C 255 -50.23 -18.02 41.79
C ALA C 255 -48.72 -17.96 41.86
N ALA C 256 -48.02 -17.46 40.86
CA ALA C 256 -46.57 -17.35 40.90
C ALA C 256 -46.09 -15.91 40.75
N ALA C 257 -46.91 -14.94 41.09
CA ALA C 257 -46.56 -13.53 41.01
C ALA C 257 -46.33 -12.96 42.40
N PRO C 258 -45.51 -11.92 42.52
CA PRO C 258 -45.25 -11.35 43.85
C PRO C 258 -46.44 -10.59 44.40
N SER C 259 -47.17 -11.22 45.32
CA SER C 259 -48.16 -10.54 46.15
C SER C 259 -48.13 -10.98 47.61
N LEU C 260 -47.61 -12.16 47.92
CA LEU C 260 -47.56 -12.67 49.28
C LEU C 260 -46.53 -13.79 49.36
N GLY C 279 -22.25 -17.23 67.04
CA GLY C 279 -23.54 -17.27 66.38
C GLY C 279 -23.51 -16.66 64.98
N ASP C 280 -22.79 -15.54 64.86
CA ASP C 280 -22.68 -14.82 63.61
C ASP C 280 -21.38 -15.18 62.93
N ILE C 281 -21.45 -15.45 61.62
CA ILE C 281 -20.27 -15.87 60.88
C ILE C 281 -19.60 -14.69 60.17
N LEU C 282 -20.38 -13.77 59.63
CA LEU C 282 -19.86 -12.68 58.82
C LEU C 282 -20.29 -11.37 59.45
N VAL C 283 -19.33 -10.64 60.03
CA VAL C 283 -19.61 -9.42 60.76
C VAL C 283 -18.84 -8.27 60.14
N VAL C 284 -19.47 -7.58 59.20
CA VAL C 284 -18.91 -6.37 58.61
C VAL C 284 -18.91 -5.28 59.66
N SER C 285 -18.03 -4.28 59.50
CA SER C 285 -18.01 -3.14 60.41
C SER C 285 -17.42 -2.03 59.55
N GLU C 286 -18.20 -0.97 59.33
CA GLU C 286 -17.73 0.29 58.74
C GLU C 286 -16.98 0.08 57.43
N LEU C 287 -17.63 -0.50 56.44
CA LEU C 287 -17.00 -0.76 55.15
C LEU C 287 -17.15 0.48 54.29
N THR C 288 -16.04 0.97 53.74
CA THR C 288 -16.04 2.16 52.92
C THR C 288 -15.29 1.91 51.61
N LYS C 289 -15.76 2.54 50.54
CA LYS C 289 -15.12 2.41 49.24
C LYS C 289 -15.21 3.72 48.50
N ILE C 290 -14.09 4.41 48.34
CA ILE C 290 -14.02 5.68 47.65
C ILE C 290 -13.52 5.43 46.23
N TYR C 291 -13.72 6.41 45.35
CA TYR C 291 -13.24 6.32 43.98
C TYR C 291 -12.58 7.63 43.59
N ARG C 292 -11.31 7.58 43.24
CA ARG C 292 -10.56 8.76 42.80
C ARG C 292 -10.88 8.98 41.32
N GLU C 293 -12.00 9.64 41.07
CA GLU C 293 -12.54 9.76 39.73
C GLU C 293 -11.77 10.79 38.91
N SER C 294 -11.90 10.69 37.59
CA SER C 294 -11.31 11.62 36.64
C SER C 294 -12.38 12.08 35.67
N ARG C 295 -12.45 13.38 35.42
CA ARG C 295 -13.54 13.97 34.65
C ARG C 295 -13.11 14.95 33.57
N GLY C 296 -11.86 14.92 33.14
CA GLY C 296 -11.39 15.95 32.23
C GLY C 296 -10.05 16.54 32.62
N ALA C 297 -10.05 17.81 33.01
CA ALA C 297 -8.85 18.52 33.41
C ALA C 297 -8.00 17.67 34.35
N PRO C 298 -6.78 17.31 33.95
CA PRO C 298 -5.98 16.37 34.76
C PRO C 298 -5.70 16.87 36.17
N TRP C 299 -5.51 18.17 36.36
CA TRP C 299 -5.31 18.64 37.73
C TRP C 299 -6.61 18.77 38.50
N ARG C 300 -7.72 18.23 37.97
CA ARG C 300 -9.00 18.27 38.66
C ARG C 300 -9.55 16.84 38.70
N ARG C 301 -9.41 16.20 39.86
CA ARG C 301 -9.92 14.84 40.07
C ARG C 301 -10.81 14.85 41.31
N VAL C 302 -12.08 14.50 41.13
CA VAL C 302 -13.05 14.48 42.22
C VAL C 302 -13.17 13.05 42.73
N GLU C 303 -13.56 12.90 44.00
CA GLU C 303 -13.79 11.60 44.60
C GLU C 303 -15.28 11.33 44.71
N SER C 304 -15.68 10.10 44.40
CA SER C 304 -17.07 9.67 44.40
C SER C 304 -17.21 8.52 45.40
N ARG C 305 -17.61 8.86 46.61
CA ARG C 305 -17.79 7.88 47.67
C ARG C 305 -18.94 6.95 47.31
N ALA C 306 -18.63 5.70 46.99
CA ALA C 306 -19.63 4.76 46.51
C ALA C 306 -20.29 3.97 47.63
N VAL C 307 -19.55 3.60 48.66
CA VAL C 307 -20.07 2.88 49.81
C VAL C 307 -19.40 3.42 51.06
N ASP C 308 -20.17 3.59 52.14
CA ASP C 308 -19.58 4.09 53.37
C ASP C 308 -20.50 3.77 54.53
N GLY C 309 -19.90 3.57 55.71
CA GLY C 309 -20.66 3.38 56.93
C GLY C 309 -21.57 2.19 56.93
N VAL C 310 -21.26 1.16 56.14
CA VAL C 310 -22.04 -0.07 56.13
C VAL C 310 -21.50 -1.00 57.20
N SER C 311 -22.39 -1.56 58.01
CA SER C 311 -22.00 -2.53 59.03
C SER C 311 -23.23 -3.32 59.44
N PHE C 312 -23.11 -4.65 59.41
CA PHE C 312 -24.22 -5.51 59.77
C PHE C 312 -23.66 -6.82 60.32
N ARG C 313 -24.56 -7.75 60.59
CA ARG C 313 -24.19 -9.06 61.12
C ARG C 313 -25.15 -10.08 60.52
N LEU C 314 -24.62 -11.21 60.09
CA LEU C 314 -25.42 -12.23 59.42
C LEU C 314 -25.33 -13.55 60.18
N PRO C 315 -26.40 -14.04 60.78
CA PRO C 315 -26.32 -15.28 61.55
C PRO C 315 -26.20 -16.49 60.64
N ARG C 316 -26.13 -17.69 61.23
CA ARG C 316 -26.00 -18.91 60.46
C ARG C 316 -27.38 -19.48 60.14
N ALA C 317 -27.49 -20.10 58.96
CA ALA C 317 -28.72 -20.76 58.51
C ALA C 317 -29.87 -19.78 58.35
N SER C 318 -29.56 -18.54 57.96
CA SER C 318 -30.56 -17.50 57.79
C SER C 318 -30.34 -16.84 56.44
N THR C 319 -31.08 -15.78 56.17
CA THR C 319 -31.00 -15.06 54.91
C THR C 319 -31.03 -13.56 55.18
N LEU C 320 -30.00 -12.85 54.74
CA LEU C 320 -30.03 -11.41 54.73
C LEU C 320 -30.17 -10.94 53.29
N ALA C 321 -30.87 -9.84 53.11
CA ALA C 321 -31.22 -9.39 51.77
C ALA C 321 -31.00 -7.89 51.66
N ILE C 322 -30.12 -7.51 50.73
CA ILE C 322 -29.78 -6.11 50.51
C ILE C 322 -30.61 -5.59 49.35
N VAL C 323 -31.27 -4.45 49.55
CA VAL C 323 -32.19 -3.87 48.58
C VAL C 323 -31.81 -2.43 48.34
N GLY C 324 -31.64 -2.06 47.07
CA GLY C 324 -31.35 -0.70 46.71
C GLY C 324 -31.55 -0.51 45.23
N GLU C 325 -31.70 0.75 44.83
CA GLU C 325 -31.94 1.07 43.44
C GLU C 325 -30.63 1.08 42.67
N SER C 326 -30.73 1.24 41.35
CA SER C 326 -29.54 1.32 40.51
C SER C 326 -28.77 2.58 40.85
N GLY C 327 -27.52 2.43 41.27
CA GLY C 327 -26.73 3.57 41.69
C GLY C 327 -26.77 3.74 43.19
N SER C 328 -26.81 2.63 43.92
CA SER C 328 -26.77 2.65 45.37
C SER C 328 -25.52 1.99 45.94
N GLY C 329 -24.75 1.29 45.13
CA GLY C 329 -23.52 0.68 45.60
C GLY C 329 -23.73 -0.60 46.37
N LYS C 330 -24.49 -1.53 45.80
CA LYS C 330 -24.65 -2.85 46.41
C LYS C 330 -23.81 -3.91 45.74
N SER C 331 -23.58 -3.81 44.43
CA SER C 331 -22.67 -4.74 43.77
C SER C 331 -21.24 -4.52 44.24
N THR C 332 -20.86 -3.26 44.46
CA THR C 332 -19.58 -2.98 45.09
C THR C 332 -19.47 -3.65 46.45
N LEU C 333 -20.56 -3.62 47.23
CA LEU C 333 -20.56 -4.26 48.53
C LEU C 333 -20.39 -5.77 48.40
N ALA C 334 -21.10 -6.37 47.44
CA ALA C 334 -20.96 -7.81 47.23
C ALA C 334 -19.52 -8.18 46.89
N ARG C 335 -18.93 -7.47 45.93
CA ARG C 335 -17.58 -7.79 45.52
C ARG C 335 -16.58 -7.57 46.66
N MET C 336 -16.79 -6.55 47.48
CA MET C 336 -15.90 -6.34 48.61
C MET C 336 -16.11 -7.37 49.70
N VAL C 337 -17.29 -7.99 49.75
CA VAL C 337 -17.53 -9.02 50.75
C VAL C 337 -16.93 -10.35 50.34
N LEU C 338 -17.02 -10.73 49.07
CA LEU C 338 -16.48 -12.01 48.64
C LEU C 338 -15.08 -11.88 48.04
N GLY C 339 -14.27 -10.96 48.56
CA GLY C 339 -12.84 -10.97 48.37
C GLY C 339 -12.32 -10.41 47.07
N LEU C 340 -13.17 -10.08 46.10
CA LEU C 340 -12.71 -9.64 44.80
C LEU C 340 -12.50 -8.14 44.71
N LEU C 341 -12.44 -7.43 45.83
CA LEU C 341 -12.25 -5.98 45.80
C LEU C 341 -11.65 -5.55 47.12
N GLN C 342 -10.67 -4.66 47.05
CA GLN C 342 -10.06 -4.15 48.26
C GLN C 342 -10.89 -2.99 48.80
N PRO C 343 -11.27 -3.01 50.07
CA PRO C 343 -12.02 -1.88 50.62
C PRO C 343 -11.11 -0.69 50.85
N THR C 344 -11.65 0.37 51.47
CA THR C 344 -10.85 1.49 51.90
C THR C 344 -10.80 1.65 53.40
N SER C 345 -11.77 1.09 54.12
CA SER C 345 -11.76 1.11 55.58
C SER C 345 -12.55 -0.08 56.09
N GLY C 346 -12.55 -0.24 57.40
CA GLY C 346 -13.34 -1.28 58.03
C GLY C 346 -12.79 -2.67 57.77
N THR C 347 -13.53 -3.67 58.26
CA THR C 347 -13.11 -5.05 58.17
C THR C 347 -14.33 -5.91 57.85
N VAL C 348 -14.07 -7.06 57.22
CA VAL C 348 -15.11 -7.99 56.79
C VAL C 348 -14.86 -9.37 57.40
N VAL C 349 -14.35 -9.40 58.63
CA VAL C 349 -13.90 -10.65 59.23
C VAL C 349 -15.00 -11.71 59.12
N PHE C 350 -14.60 -12.92 58.73
CA PHE C 350 -15.50 -14.03 58.45
C PHE C 350 -15.15 -15.19 59.35
N ASP C 351 -16.15 -15.72 60.05
CA ASP C 351 -16.04 -16.97 60.78
C ASP C 351 -15.16 -16.83 62.03
N GLY C 352 -14.55 -15.67 62.21
CA GLY C 352 -13.73 -15.44 63.38
C GLY C 352 -12.26 -15.33 63.07
N THR C 353 -11.83 -15.90 61.96
CA THR C 353 -10.42 -15.88 61.56
C THR C 353 -10.20 -15.42 60.14
N TYR C 354 -11.06 -15.80 59.20
CA TYR C 354 -10.83 -15.53 57.79
C TYR C 354 -11.16 -14.05 57.55
N ASP C 355 -10.24 -13.20 57.95
CA ASP C 355 -10.31 -11.78 57.63
C ASP C 355 -10.17 -11.59 56.13
N VAL C 356 -11.25 -11.20 55.46
CA VAL C 356 -11.22 -11.07 54.01
C VAL C 356 -10.40 -9.88 53.54
N GLY C 357 -10.18 -8.88 54.41
CA GLY C 357 -9.45 -7.70 53.98
C GLY C 357 -8.04 -8.00 53.54
N ALA C 358 -7.29 -8.74 54.37
CA ALA C 358 -5.92 -9.15 54.08
C ALA C 358 -5.83 -10.66 54.28
N LEU C 359 -6.12 -11.41 53.22
CA LEU C 359 -6.15 -12.86 53.31
C LEU C 359 -4.77 -13.42 52.97
N ALA C 360 -4.28 -14.32 53.82
CA ALA C 360 -2.94 -14.87 53.69
C ALA C 360 -2.85 -15.76 52.45
N ARG C 361 -1.69 -16.39 52.25
CA ARG C 361 -1.46 -17.15 51.03
C ARG C 361 -2.28 -18.44 51.01
N ASP C 362 -2.14 -19.27 52.05
CA ASP C 362 -2.90 -20.51 52.11
C ASP C 362 -4.39 -20.25 52.31
N GLN C 363 -4.71 -19.17 53.02
CA GLN C 363 -6.10 -18.91 53.33
C GLN C 363 -6.89 -18.52 52.09
N VAL C 364 -6.21 -18.20 50.99
CA VAL C 364 -6.93 -17.97 49.74
C VAL C 364 -7.79 -19.18 49.39
N LEU C 365 -7.14 -20.34 49.23
CA LEU C 365 -7.90 -21.56 48.90
C LEU C 365 -8.48 -22.20 50.15
N ALA C 366 -8.15 -21.69 51.33
CA ALA C 366 -8.91 -22.12 52.51
C ALA C 366 -10.26 -21.41 52.60
N PHE C 367 -10.40 -20.27 51.94
CA PHE C 367 -11.60 -19.45 52.02
C PHE C 367 -12.42 -19.48 50.75
N ARG C 368 -11.83 -19.83 49.62
CA ARG C 368 -12.56 -19.93 48.36
C ARG C 368 -13.55 -21.09 48.32
N ARG C 369 -13.44 -22.04 49.23
CA ARG C 369 -14.37 -23.17 49.21
C ARG C 369 -15.43 -23.06 50.30
N ARG C 370 -15.51 -21.92 50.98
CA ARG C 370 -16.55 -21.68 51.97
C ARG C 370 -17.45 -20.51 51.60
N VAL C 371 -17.11 -19.75 50.56
CA VAL C 371 -17.94 -18.66 50.07
C VAL C 371 -17.97 -18.76 48.56
N GLN C 372 -19.17 -18.74 47.98
CA GLN C 372 -19.27 -18.87 46.53
C GLN C 372 -20.33 -17.95 45.96
N PRO C 373 -20.05 -17.30 44.83
CA PRO C 373 -21.00 -16.34 44.27
C PRO C 373 -21.91 -16.92 43.22
N VAL C 374 -23.02 -16.26 42.96
CA VAL C 374 -23.91 -16.59 41.85
C VAL C 374 -24.26 -15.28 41.15
N PHE C 375 -23.86 -15.15 39.90
CA PHE C 375 -23.77 -13.84 39.26
C PHE C 375 -25.10 -13.43 38.64
N GLN C 376 -25.09 -12.31 37.91
CA GLN C 376 -26.32 -11.62 37.56
C GLN C 376 -27.04 -12.26 36.37
N ASN C 377 -26.39 -12.25 35.21
CA ASN C 377 -27.11 -12.80 34.07
C ASN C 377 -26.44 -14.10 33.60
N PRO C 378 -27.24 -15.08 33.18
CA PRO C 378 -26.68 -16.38 32.81
C PRO C 378 -26.18 -16.49 31.39
N TYR C 379 -26.50 -15.53 30.53
CA TYR C 379 -26.12 -15.60 29.13
C TYR C 379 -24.67 -15.20 28.89
N SER C 380 -23.96 -14.75 29.92
CA SER C 380 -22.57 -14.32 29.79
C SER C 380 -21.71 -14.74 30.95
N SER C 381 -22.00 -15.89 31.58
CA SER C 381 -21.22 -16.37 32.70
C SER C 381 -20.96 -17.86 32.65
N LEU C 382 -20.72 -18.43 31.47
CA LEU C 382 -20.56 -19.88 31.37
C LEU C 382 -19.50 -20.33 30.37
N ASP C 383 -18.58 -19.46 29.96
CA ASP C 383 -17.44 -19.87 29.14
C ASP C 383 -17.86 -20.62 27.89
N PRO C 384 -18.32 -19.93 26.86
CA PRO C 384 -18.97 -20.59 25.70
C PRO C 384 -18.30 -21.84 25.15
N MET C 385 -17.03 -22.08 25.47
CA MET C 385 -16.31 -23.22 24.92
C MET C 385 -16.19 -24.37 25.91
N TYR C 386 -17.03 -24.43 26.93
CA TYR C 386 -17.03 -25.53 27.89
C TYR C 386 -18.36 -26.26 27.87
N SER C 387 -18.31 -27.58 27.71
CA SER C 387 -19.50 -28.39 27.93
C SER C 387 -19.99 -28.21 29.36
N VAL C 388 -21.22 -28.63 29.60
CA VAL C 388 -21.83 -28.36 30.90
C VAL C 388 -21.35 -29.38 31.92
N PHE C 389 -20.43 -30.25 31.52
CA PHE C 389 -19.73 -31.11 32.46
C PHE C 389 -18.38 -30.52 32.84
N ARG C 390 -17.60 -30.09 31.85
CA ARG C 390 -16.33 -29.41 32.08
C ARG C 390 -16.51 -28.02 32.59
N ALA C 391 -17.75 -27.55 32.71
CA ALA C 391 -18.02 -26.29 33.39
C ALA C 391 -18.45 -26.49 34.83
N ILE C 392 -19.05 -27.63 35.14
CA ILE C 392 -19.44 -27.92 36.51
C ILE C 392 -18.27 -28.50 37.30
N GLU C 393 -17.43 -29.31 36.65
CA GLU C 393 -16.32 -29.94 37.34
C GLU C 393 -15.12 -29.03 37.53
N GLU C 394 -15.19 -27.77 37.07
CA GLU C 394 -14.03 -26.88 37.16
C GLU C 394 -13.61 -26.60 38.59
N PRO C 395 -14.49 -26.18 39.50
CA PRO C 395 -14.05 -26.02 40.89
C PRO C 395 -13.59 -27.32 41.50
N LEU C 396 -14.12 -28.43 41.02
CA LEU C 396 -13.72 -29.74 41.50
C LEU C 396 -12.34 -30.13 40.99
N ARG C 397 -11.86 -29.47 39.93
CA ARG C 397 -10.52 -29.71 39.41
C ARG C 397 -9.49 -28.79 40.03
N VAL C 398 -9.83 -27.50 40.19
CA VAL C 398 -8.86 -26.55 40.71
C VAL C 398 -8.41 -26.93 42.12
N HIS C 399 -9.30 -27.50 42.93
CA HIS C 399 -9.01 -27.74 44.34
C HIS C 399 -8.50 -29.14 44.62
N HIS C 400 -8.13 -29.90 43.59
CA HIS C 400 -7.47 -31.20 43.76
C HIS C 400 -8.30 -32.15 44.62
N VAL C 401 -9.49 -32.51 44.11
CA VAL C 401 -10.38 -33.43 44.79
C VAL C 401 -10.93 -34.42 43.78
N GLY C 402 -11.01 -35.69 44.18
CA GLY C 402 -11.49 -36.74 43.30
C GLY C 402 -10.43 -37.15 42.30
N ASP C 403 -10.28 -38.45 42.03
CA ASP C 403 -9.14 -38.82 41.21
C ASP C 403 -9.41 -38.60 39.73
N ARG C 404 -10.21 -39.45 39.10
CA ARG C 404 -10.69 -39.17 37.75
C ARG C 404 -12.15 -39.51 37.59
N ARG C 405 -12.58 -40.63 38.18
CA ARG C 405 -13.95 -41.07 38.00
C ARG C 405 -14.83 -40.75 39.20
N GLN C 406 -14.23 -40.57 40.37
CA GLN C 406 -14.98 -40.03 41.50
C GLN C 406 -15.47 -38.63 41.19
N ARG C 407 -14.77 -37.93 40.30
CA ARG C 407 -15.26 -36.66 39.79
C ARG C 407 -16.51 -36.83 38.93
N GLN C 408 -16.57 -37.85 38.09
CA GLN C 408 -17.79 -38.09 37.31
C GLN C 408 -18.93 -38.49 38.21
N ARG C 409 -18.66 -39.29 39.23
CA ARG C 409 -19.69 -39.59 40.23
C ARG C 409 -20.19 -38.33 40.91
N ALA C 410 -19.28 -37.46 41.34
CA ALA C 410 -19.70 -36.25 42.03
C ALA C 410 -20.49 -35.32 41.14
N VAL C 411 -20.09 -35.16 39.88
CA VAL C 411 -20.84 -34.28 38.99
C VAL C 411 -22.19 -34.87 38.66
N ARG C 412 -22.27 -36.18 38.47
CA ARG C 412 -23.55 -36.81 38.17
C ARG C 412 -24.49 -36.71 39.36
N GLU C 413 -23.94 -36.62 40.57
CA GLU C 413 -24.80 -36.45 41.73
C GLU C 413 -25.16 -34.97 41.95
N LEU C 414 -24.30 -34.06 41.51
CA LEU C 414 -24.59 -32.62 41.63
C LEU C 414 -25.70 -32.22 40.67
N VAL C 415 -25.64 -32.71 39.43
CA VAL C 415 -26.60 -32.34 38.41
C VAL C 415 -27.99 -32.85 38.81
N ASP C 416 -28.04 -33.70 39.84
CA ASP C 416 -29.31 -34.25 40.29
C ASP C 416 -30.03 -33.33 41.26
N GLN C 417 -29.28 -32.56 42.06
CA GLN C 417 -29.91 -31.73 43.09
C GLN C 417 -30.65 -30.54 42.51
N VAL C 418 -30.28 -30.10 41.31
CA VAL C 418 -31.14 -29.27 40.49
C VAL C 418 -31.81 -30.18 39.49
N ALA C 419 -32.83 -29.67 38.81
CA ALA C 419 -33.64 -30.57 37.98
C ALA C 419 -32.80 -31.21 36.88
N LEU C 420 -32.42 -30.43 35.87
CA LEU C 420 -31.29 -30.72 34.98
C LEU C 420 -31.14 -32.19 34.62
N PRO C 421 -31.94 -32.71 33.68
CA PRO C 421 -31.87 -34.14 33.32
C PRO C 421 -30.45 -34.65 33.17
N SER C 422 -30.23 -35.92 33.52
CA SER C 422 -28.88 -36.49 33.58
C SER C 422 -28.29 -36.69 32.18
N SER C 423 -28.97 -36.22 31.15
CA SER C 423 -28.42 -36.25 29.80
C SER C 423 -27.88 -34.90 29.35
N ILE C 424 -28.06 -33.85 30.15
CA ILE C 424 -27.65 -32.52 29.75
C ILE C 424 -26.15 -32.42 29.60
N LEU C 425 -25.39 -33.32 30.22
CA LEU C 425 -23.94 -33.29 30.11
C LEU C 425 -23.52 -33.43 28.65
N GLY C 426 -22.45 -32.75 28.29
CA GLY C 426 -21.95 -32.81 26.94
C GLY C 426 -22.55 -31.82 25.97
N ARG C 427 -23.53 -31.05 26.39
CA ARG C 427 -24.10 -30.01 25.54
C ARG C 427 -23.17 -28.80 25.53
N ARG C 428 -23.66 -27.68 25.02
CA ARG C 428 -22.89 -26.45 25.01
C ARG C 428 -23.78 -25.32 25.51
N PRO C 429 -23.19 -24.29 26.13
CA PRO C 429 -24.01 -23.19 26.64
C PRO C 429 -24.81 -22.49 25.57
N ARG C 430 -24.50 -22.68 24.29
CA ARG C 430 -25.24 -21.98 23.24
C ARG C 430 -26.57 -22.65 22.91
N GLU C 431 -26.79 -23.88 23.36
CA GLU C 431 -28.03 -24.59 23.07
C GLU C 431 -28.80 -24.93 24.35
N LEU C 432 -28.63 -24.12 25.39
CA LEU C 432 -29.36 -24.27 26.63
C LEU C 432 -30.42 -23.18 26.75
N SER C 433 -31.36 -23.40 27.67
CA SER C 433 -32.49 -22.51 27.84
C SER C 433 -32.03 -21.27 28.61
N GLY C 434 -32.99 -20.48 29.09
CA GLY C 434 -32.66 -19.34 29.93
C GLY C 434 -32.54 -19.74 31.38
N GLY C 435 -33.43 -20.61 31.85
CA GLY C 435 -33.36 -21.06 33.23
C GLY C 435 -32.38 -22.18 33.44
N GLN C 436 -32.13 -22.99 32.41
CA GLN C 436 -31.16 -24.07 32.55
C GLN C 436 -29.76 -23.53 32.75
N ARG C 437 -29.43 -22.38 32.17
CA ARG C 437 -28.12 -21.80 32.39
C ARG C 437 -27.92 -21.39 33.84
N GLN C 438 -28.96 -20.80 34.45
CA GLN C 438 -28.84 -20.41 35.85
C GLN C 438 -28.83 -21.63 36.76
N ARG C 439 -29.58 -22.67 36.41
CA ARG C 439 -29.47 -23.93 37.14
C ARG C 439 -28.04 -24.46 37.09
N VAL C 440 -27.41 -24.41 35.92
CA VAL C 440 -26.05 -24.91 35.79
C VAL C 440 -25.10 -24.08 36.63
N ALA C 441 -25.25 -22.76 36.61
CA ALA C 441 -24.37 -21.91 37.41
C ALA C 441 -24.52 -22.19 38.89
N ILE C 442 -25.75 -22.42 39.35
CA ILE C 442 -25.97 -22.75 40.75
C ILE C 442 -25.31 -24.07 41.09
N ALA C 443 -25.49 -25.07 40.23
CA ALA C 443 -24.90 -26.38 40.50
C ALA C 443 -23.38 -26.33 40.47
N ARG C 444 -22.80 -25.41 39.70
CA ARG C 444 -21.36 -25.21 39.74
C ARG C 444 -20.93 -24.58 41.06
N ALA C 445 -21.62 -23.50 41.45
CA ALA C 445 -21.26 -22.82 42.69
C ALA C 445 -21.42 -23.71 43.91
N LEU C 446 -22.30 -24.71 43.81
CA LEU C 446 -22.58 -25.60 44.93
C LEU C 446 -21.70 -26.85 44.91
N ALA C 447 -20.63 -26.86 44.12
CA ALA C 447 -19.87 -28.08 43.90
C ALA C 447 -19.16 -28.53 45.16
N LEU C 448 -18.27 -27.70 45.68
CA LEU C 448 -17.31 -28.11 46.69
C LEU C 448 -17.74 -27.74 48.11
N ARG C 449 -19.03 -27.84 48.41
CA ARG C 449 -19.62 -27.65 49.73
C ARG C 449 -19.38 -26.23 50.24
N PRO C 450 -19.94 -25.22 49.58
CA PRO C 450 -19.73 -23.85 50.06
C PRO C 450 -20.58 -23.58 51.30
N GLU C 451 -19.96 -23.03 52.33
CA GLU C 451 -20.68 -22.74 53.55
C GLU C 451 -21.62 -21.55 53.39
N VAL C 452 -21.40 -20.70 52.39
CA VAL C 452 -22.17 -19.49 52.18
C VAL C 452 -22.25 -19.23 50.69
N LEU C 453 -23.44 -18.93 50.19
CA LEU C 453 -23.60 -18.40 48.84
C LEU C 453 -23.85 -16.91 48.89
N VAL C 454 -23.56 -16.26 47.76
CA VAL C 454 -23.79 -14.83 47.61
C VAL C 454 -24.55 -14.66 46.29
N CYS C 455 -25.86 -14.52 46.37
CA CYS C 455 -26.68 -14.35 45.19
C CYS C 455 -26.66 -12.88 44.80
N ASP C 456 -26.00 -12.57 43.68
CA ASP C 456 -25.80 -11.19 43.24
C ASP C 456 -26.81 -10.90 42.14
N GLU C 457 -28.03 -10.57 42.56
CA GLU C 457 -29.15 -10.37 41.65
C GLU C 457 -29.31 -11.59 40.73
N ALA C 458 -29.26 -12.77 41.36
CA ALA C 458 -29.22 -14.01 40.61
C ALA C 458 -30.40 -14.13 39.66
N VAL C 459 -31.60 -14.11 40.22
CA VAL C 459 -32.83 -14.25 39.43
C VAL C 459 -33.41 -12.85 39.23
N SER C 460 -32.99 -12.21 38.15
CA SER C 460 -33.52 -10.92 37.75
C SER C 460 -33.73 -10.77 36.25
N ALA C 461 -33.14 -11.64 35.43
CA ALA C 461 -33.27 -11.57 33.98
C ALA C 461 -33.99 -12.78 33.42
N LEU C 462 -34.92 -13.36 34.17
CA LEU C 462 -35.63 -14.56 33.78
C LEU C 462 -37.11 -14.28 33.70
N ASP C 463 -37.83 -15.15 32.98
CA ASP C 463 -39.28 -15.04 32.94
C ASP C 463 -39.86 -15.35 34.32
N VAL C 464 -41.10 -14.91 34.53
CA VAL C 464 -41.67 -14.93 35.88
C VAL C 464 -41.83 -16.36 36.38
N LEU C 465 -42.22 -17.28 35.51
CA LEU C 465 -42.45 -18.65 35.96
C LEU C 465 -41.15 -19.33 36.37
N VAL C 466 -40.14 -19.28 35.51
CA VAL C 466 -38.85 -19.87 35.87
C VAL C 466 -38.22 -19.11 37.03
N GLN C 467 -38.55 -17.82 37.17
CA GLN C 467 -38.10 -17.05 38.31
C GLN C 467 -38.60 -17.65 39.61
N ALA C 468 -39.91 -17.87 39.70
CA ALA C 468 -40.47 -18.50 40.90
C ALA C 468 -39.92 -19.91 41.08
N GLN C 469 -39.68 -20.62 39.98
CA GLN C 469 -39.20 -21.99 40.08
C GLN C 469 -37.82 -22.05 40.74
N ILE C 470 -36.86 -21.27 40.22
CA ILE C 470 -35.53 -21.35 40.81
C ILE C 470 -35.49 -20.66 42.16
N LEU C 471 -36.38 -19.73 42.44
CA LEU C 471 -36.45 -19.19 43.80
C LEU C 471 -36.87 -20.25 44.80
N ASP C 472 -37.88 -21.05 44.44
CA ASP C 472 -38.27 -22.16 45.31
C ASP C 472 -37.15 -23.18 45.42
N LEU C 473 -36.41 -23.40 44.33
CA LEU C 473 -35.26 -24.30 44.38
C LEU C 473 -34.24 -23.82 45.41
N LEU C 474 -33.92 -22.53 45.38
CA LEU C 474 -32.96 -21.99 46.34
C LEU C 474 -33.44 -22.13 47.78
N ALA C 475 -34.73 -21.86 48.01
CA ALA C 475 -35.26 -22.02 49.36
C ALA C 475 -35.16 -23.48 49.82
N ASP C 476 -35.44 -24.42 48.92
CA ASP C 476 -35.35 -25.83 49.26
C ASP C 476 -33.91 -26.22 49.61
N LEU C 477 -32.96 -25.81 48.77
CA LEU C 477 -31.56 -26.11 49.05
C LEU C 477 -31.13 -25.54 50.39
N GLN C 478 -31.54 -24.32 50.69
CA GLN C 478 -31.20 -23.73 52.00
C GLN C 478 -31.76 -24.58 53.13
N ALA C 479 -33.02 -25.00 53.01
CA ALA C 479 -33.62 -25.77 54.09
C ALA C 479 -32.93 -27.11 54.28
N ASP C 480 -32.39 -27.70 53.21
CA ASP C 480 -31.85 -29.06 53.29
C ASP C 480 -30.33 -29.13 53.41
N LEU C 481 -29.62 -27.99 53.38
CA LEU C 481 -28.17 -28.01 53.53
C LEU C 481 -27.65 -27.06 54.61
N GLY C 482 -28.51 -26.23 55.20
CA GLY C 482 -28.06 -25.28 56.18
C GLY C 482 -27.21 -24.17 55.60
N LEU C 483 -27.59 -23.68 54.43
CA LEU C 483 -26.81 -22.64 53.77
C LEU C 483 -27.05 -21.30 54.45
N THR C 484 -26.52 -20.25 53.85
CA THR C 484 -26.68 -18.88 54.37
C THR C 484 -26.60 -17.95 53.19
N TYR C 485 -27.63 -17.14 52.98
CA TYR C 485 -27.71 -16.32 51.78
C TYR C 485 -27.55 -14.84 52.07
N LEU C 486 -26.99 -14.15 51.08
CA LEU C 486 -26.78 -12.71 51.11
C LEU C 486 -27.49 -12.14 49.88
N PHE C 487 -28.75 -12.48 49.73
CA PHE C 487 -29.52 -12.17 48.54
C PHE C 487 -29.51 -10.69 48.25
N ILE C 488 -29.06 -10.32 47.05
CA ILE C 488 -29.04 -8.94 46.59
C ILE C 488 -30.10 -8.80 45.50
N SER C 489 -30.92 -7.75 45.59
CA SER C 489 -31.96 -7.54 44.61
C SER C 489 -32.31 -6.07 44.56
N HIS C 490 -32.80 -5.64 43.40
CA HIS C 490 -33.10 -4.23 43.16
C HIS C 490 -34.53 -3.86 43.50
N ASP C 491 -35.37 -4.81 43.89
CA ASP C 491 -36.75 -4.53 44.23
C ASP C 491 -37.12 -5.32 45.47
N LEU C 492 -38.30 -5.02 45.99
CA LEU C 492 -38.71 -5.46 47.31
C LEU C 492 -39.93 -6.36 47.29
N ALA C 493 -40.45 -6.71 46.11
CA ALA C 493 -41.64 -7.54 46.02
C ALA C 493 -41.33 -9.02 45.90
N VAL C 494 -40.13 -9.38 45.44
CA VAL C 494 -39.75 -10.77 45.24
C VAL C 494 -38.91 -11.28 46.41
N ILE C 495 -39.07 -10.67 47.59
CA ILE C 495 -38.10 -10.85 48.66
C ILE C 495 -38.84 -11.17 49.95
N ARG C 496 -40.16 -10.99 49.96
CA ARG C 496 -40.92 -11.24 51.17
C ARG C 496 -40.98 -12.73 51.49
N GLN C 497 -40.96 -13.58 50.46
CA GLN C 497 -41.10 -15.01 50.68
C GLN C 497 -39.84 -15.62 51.25
N ILE C 498 -38.69 -15.32 50.65
CA ILE C 498 -37.47 -16.05 50.97
C ILE C 498 -36.71 -15.39 52.11
N ALA C 499 -36.51 -14.08 52.06
CA ALA C 499 -35.59 -13.42 52.97
C ALA C 499 -36.10 -13.47 54.41
N ASP C 500 -35.18 -13.29 55.35
CA ASP C 500 -35.49 -13.18 56.76
C ASP C 500 -35.11 -11.84 57.35
N ASP C 501 -34.06 -11.19 56.86
CA ASP C 501 -33.74 -9.83 57.26
C ASP C 501 -33.50 -8.98 56.03
N VAL C 502 -33.79 -7.68 56.15
CA VAL C 502 -33.74 -6.76 55.03
C VAL C 502 -32.80 -5.61 55.38
N LEU C 503 -32.12 -5.09 54.36
CA LEU C 503 -31.18 -3.98 54.53
C LEU C 503 -31.34 -3.05 53.34
N VAL C 504 -31.90 -1.88 53.56
CA VAL C 504 -32.17 -0.93 52.48
C VAL C 504 -31.01 0.04 52.35
N MET C 505 -30.62 0.35 51.12
CA MET C 505 -29.49 1.23 50.87
C MET C 505 -29.89 2.36 49.94
N ARG C 506 -29.25 3.51 50.12
CA ARG C 506 -29.46 4.66 49.24
C ARG C 506 -28.16 5.43 49.12
N ALA C 507 -27.70 5.63 47.88
CA ALA C 507 -26.48 6.38 47.58
C ALA C 507 -25.27 5.88 48.37
N GLY C 508 -25.32 4.63 48.82
CA GLY C 508 -24.23 4.08 49.60
C GLY C 508 -24.59 3.88 51.05
N ARG C 509 -25.30 4.84 51.63
CA ARG C 509 -25.63 4.75 53.04
C ARG C 509 -26.70 3.68 53.29
N VAL C 510 -26.74 3.22 54.53
CA VAL C 510 -27.80 2.30 54.97
C VAL C 510 -28.95 3.15 55.51
N VAL C 511 -30.16 2.79 55.12
CA VAL C 511 -31.36 3.53 55.52
C VAL C 511 -32.08 2.85 56.67
N GLU C 512 -32.36 1.55 56.54
CA GLU C 512 -33.10 0.84 57.56
C GLU C 512 -32.68 -0.63 57.56
N HIS C 513 -32.74 -1.24 58.74
CA HIS C 513 -32.28 -2.62 58.90
C HIS C 513 -33.12 -3.25 60.00
N ALA C 514 -34.07 -4.09 59.61
CA ALA C 514 -34.94 -4.78 60.56
C ALA C 514 -35.50 -6.02 59.89
N SER C 515 -36.32 -6.76 60.63
CA SER C 515 -36.90 -7.99 60.13
C SER C 515 -37.85 -7.69 58.97
N THR C 516 -38.41 -8.76 58.39
CA THR C 516 -39.32 -8.58 57.26
C THR C 516 -40.58 -7.84 57.67
N GLU C 517 -41.25 -8.31 58.74
CA GLU C 517 -42.48 -7.67 59.16
C GLU C 517 -42.25 -6.21 59.51
N GLU C 518 -41.24 -5.93 60.30
CA GLU C 518 -40.91 -4.54 60.65
C GLU C 518 -40.47 -3.72 59.47
N VAL C 519 -40.52 -4.26 58.25
CA VAL C 519 -40.26 -3.49 57.05
C VAL C 519 -41.46 -3.63 56.14
N PHE C 520 -42.17 -4.74 56.24
CA PHE C 520 -43.35 -4.96 55.39
C PHE C 520 -44.66 -4.59 56.06
N SER C 521 -44.64 -4.21 57.33
CA SER C 521 -45.85 -3.79 58.01
C SER C 521 -45.75 -2.32 58.41
N ARG C 522 -44.69 -1.94 59.10
CA ARG C 522 -44.58 -0.62 59.71
C ARG C 522 -43.19 -0.03 59.46
N PRO C 523 -42.93 0.47 58.25
CA PRO C 523 -41.63 1.08 57.97
C PRO C 523 -41.43 2.38 58.73
N ARG C 524 -40.16 2.74 58.91
CA ARG C 524 -39.80 3.89 59.74
C ARG C 524 -38.82 4.82 59.03
N HIS C 525 -38.92 4.93 57.71
CA HIS C 525 -38.11 5.89 56.98
C HIS C 525 -38.81 6.22 55.68
N GLU C 526 -38.89 7.51 55.35
CA GLU C 526 -39.70 7.99 54.24
C GLU C 526 -39.18 7.51 52.89
N TYR C 527 -38.05 6.80 52.87
CA TYR C 527 -37.56 6.22 51.63
C TYR C 527 -37.95 4.77 51.45
N THR C 528 -38.15 4.03 52.54
CA THR C 528 -38.64 2.67 52.39
C THR C 528 -40.12 2.65 52.07
N ARG C 529 -40.90 3.52 52.71
CA ARG C 529 -42.33 3.55 52.46
C ARG C 529 -42.61 3.80 50.98
N GLN C 530 -42.05 4.86 50.42
CA GLN C 530 -42.25 5.14 49.01
C GLN C 530 -41.41 4.25 48.12
N LEU C 531 -40.86 3.18 48.69
CA LEU C 531 -40.35 2.04 47.95
C LEU C 531 -41.26 0.83 48.06
N LEU C 532 -41.98 0.70 49.17
CA LEU C 532 -43.01 -0.32 49.27
C LEU C 532 -44.16 -0.04 48.31
N GLN C 533 -44.81 1.12 48.47
CA GLN C 533 -46.01 1.44 47.72
C GLN C 533 -45.77 1.48 46.22
N ALA C 534 -44.51 1.41 45.81
CA ALA C 534 -44.16 1.45 44.40
C ALA C 534 -44.24 0.10 43.71
N ILE C 535 -44.41 -0.99 44.45
CA ILE C 535 -44.59 -2.30 43.85
C ILE C 535 -46.03 -2.36 43.35
N PRO C 536 -46.37 -3.24 42.39
CA PRO C 536 -47.73 -3.22 41.84
C PRO C 536 -48.78 -3.71 42.82
N GLY C 537 -48.83 -3.08 44.00
CA GLY C 537 -49.83 -3.39 44.99
C GLY C 537 -51.09 -2.57 44.80
N ALA C 538 -52.14 -2.99 45.50
CA ALA C 538 -53.44 -2.33 45.39
C ALA C 538 -53.39 -0.84 45.69
N PRO C 539 -52.84 -0.38 46.84
CA PRO C 539 -52.90 1.08 47.06
C PRO C 539 -51.90 1.85 46.21
N CYS D 1 -1.55 24.21 -8.78
CA CYS D 1 -1.33 24.13 -10.22
C CYS D 1 0.13 24.42 -10.55
N GLY D 2 0.67 23.67 -11.51
CA GLY D 2 2.06 23.82 -11.90
C GLY D 2 2.77 22.50 -12.05
N GLY D 3 3.98 22.40 -11.50
CA GLY D 3 4.75 21.18 -11.54
C GLY D 3 6.17 21.44 -11.97
N GLY D 4 6.94 20.37 -12.08
CA GLY D 4 8.30 20.45 -12.57
C GLY D 4 9.25 19.38 -12.04
N VAL D 5 10.40 19.26 -12.70
CA VAL D 5 11.40 18.25 -12.39
C VAL D 5 12.72 18.97 -12.11
N LEU D 6 12.64 20.12 -11.44
CA LEU D 6 13.64 21.18 -11.45
C LEU D 6 15.07 20.70 -11.62
N SER D 7 15.77 21.27 -12.60
CA SER D 7 17.02 20.77 -13.15
C SER D 7 18.11 21.83 -13.04
N PRO D 8 19.38 21.42 -12.99
CA PRO D 8 20.46 22.40 -13.00
C PRO D 8 20.45 23.17 -14.31
N ASP D 9 21.30 24.18 -14.39
CA ASP D 9 21.26 25.11 -15.51
C ASP D 9 22.45 24.99 -16.44
N VAL D 10 22.99 23.79 -16.66
CA VAL D 10 24.08 23.76 -17.62
C VAL D 10 23.70 23.06 -18.92
N VAL D 11 23.81 21.72 -18.98
CA VAL D 11 23.25 20.79 -19.97
C VAL D 11 23.75 19.41 -19.53
N LEU D 12 22.97 18.36 -19.75
CA LEU D 12 23.48 17.08 -19.26
C LEU D 12 23.58 16.09 -20.41
N VAL D 13 24.45 16.30 -21.37
CA VAL D 13 24.53 15.34 -22.48
C VAL D 13 25.18 14.06 -21.96
N ASN D 14 24.75 12.90 -22.42
CA ASN D 14 25.35 11.66 -21.91
C ASN D 14 26.72 11.50 -22.54
N GLY D 15 27.62 10.79 -21.89
CA GLY D 15 28.96 10.66 -22.44
C GLY D 15 29.48 9.31 -22.10
N GLY D 16 30.75 9.18 -21.75
CA GLY D 16 31.27 7.86 -21.39
C GLY D 16 32.57 8.21 -20.75
N GLU D 17 33.37 7.20 -20.49
CA GLU D 17 34.54 7.30 -19.60
C GLU D 17 35.64 7.25 -20.62
N PRO D 18 36.53 8.22 -20.72
CA PRO D 18 37.45 8.21 -21.82
C PRO D 18 38.62 7.43 -21.26
N PRO D 19 39.03 6.30 -21.84
CA PRO D 19 40.09 5.48 -21.27
C PRO D 19 41.47 5.89 -21.76
N ASN D 20 41.92 7.05 -21.33
CA ASN D 20 43.23 7.59 -21.67
C ASN D 20 43.37 8.95 -21.03
N PRO D 21 44.59 9.44 -20.85
CA PRO D 21 44.77 10.83 -20.42
C PRO D 21 44.28 11.80 -21.48
N LEU D 22 43.73 12.92 -21.03
CA LEU D 22 43.18 13.91 -21.94
C LEU D 22 44.30 14.66 -22.64
N ILE D 23 44.84 14.07 -23.70
CA ILE D 23 45.86 14.72 -24.54
C ILE D 23 45.34 14.67 -25.96
N PRO D 24 45.54 15.72 -26.77
CA PRO D 24 45.06 15.66 -28.16
C PRO D 24 45.59 14.46 -28.92
N THR D 25 46.91 14.31 -29.00
CA THR D 25 47.51 13.26 -29.81
C THR D 25 47.45 11.89 -29.14
N GLY D 26 46.71 11.73 -28.04
CA GLY D 26 46.75 10.49 -27.30
C GLY D 26 45.43 9.74 -27.19
N THR D 27 44.41 10.18 -27.92
CA THR D 27 43.09 9.56 -27.87
C THR D 27 42.66 9.16 -29.27
N ASN D 28 41.95 8.04 -29.37
CA ASN D 28 41.45 7.55 -30.65
C ASN D 28 39.99 7.09 -30.64
N ASP D 29 39.20 7.51 -29.65
CA ASP D 29 37.84 7.03 -29.49
C ASP D 29 36.88 8.22 -29.40
N SER D 30 35.75 8.10 -30.09
CA SER D 30 34.74 9.16 -30.08
C SER D 30 34.03 9.28 -28.75
N ASN D 31 34.41 8.49 -27.75
CA ASN D 31 33.80 8.61 -26.44
C ASN D 31 34.59 9.53 -25.52
N GLY D 32 35.88 9.68 -25.78
CA GLY D 32 36.69 10.60 -25.00
C GLY D 32 37.33 11.64 -25.89
N GLY D 33 36.96 11.64 -27.16
CA GLY D 33 37.40 12.66 -28.09
C GLY D 33 36.33 13.70 -28.30
N ARG D 34 35.12 13.42 -27.80
CA ARG D 34 34.06 14.42 -27.80
C ARG D 34 34.21 15.41 -26.66
N ILE D 35 35.03 15.07 -25.66
CA ILE D 35 35.28 15.97 -24.54
C ILE D 35 36.52 16.81 -24.76
N ILE D 36 37.34 16.47 -25.76
CA ILE D 36 38.56 17.22 -26.02
C ILE D 36 38.41 18.20 -27.17
N ASP D 37 37.31 18.13 -27.91
CA ASP D 37 37.04 19.12 -28.94
C ASP D 37 36.47 20.40 -28.38
N ARG D 38 36.09 20.42 -27.11
CA ARG D 38 35.57 21.61 -26.46
C ARG D 38 36.62 22.38 -25.68
N LEU D 39 37.79 21.81 -25.47
CA LEU D 39 38.83 22.48 -24.70
C LEU D 39 39.83 23.23 -25.57
N PHE D 40 40.01 22.82 -26.82
CA PHE D 40 41.04 23.40 -27.66
C PHE D 40 40.44 24.04 -28.90
N ALA D 41 41.31 24.59 -29.74
CA ALA D 41 40.88 25.25 -30.98
C ALA D 41 42.07 25.31 -31.92
N GLY D 42 41.97 24.64 -33.07
CA GLY D 42 43.07 24.50 -33.99
C GLY D 42 43.09 25.60 -35.04
N LEU D 43 43.95 25.40 -36.04
CA LEU D 43 44.12 26.39 -37.10
C LEU D 43 42.89 26.53 -37.97
N MET D 44 41.93 25.61 -37.87
CA MET D 44 40.71 25.65 -38.67
C MET D 44 39.59 25.03 -37.85
N SER D 45 38.37 25.13 -38.37
CA SER D 45 37.24 24.51 -37.71
C SER D 45 36.21 24.10 -38.75
N TYR D 46 35.40 23.11 -38.40
CA TYR D 46 34.33 22.61 -39.25
C TYR D 46 32.98 22.96 -38.65
N ASP D 47 32.13 23.61 -39.44
CA ASP D 47 30.75 23.77 -39.02
C ASP D 47 30.04 22.43 -39.08
N ALA D 48 28.75 22.43 -38.77
CA ALA D 48 27.99 21.18 -38.72
C ALA D 48 28.04 20.47 -40.06
N VAL D 49 27.88 21.20 -41.16
CA VAL D 49 27.87 20.58 -42.48
C VAL D 49 29.21 19.90 -42.77
N GLY D 50 30.30 20.47 -42.29
CA GLY D 50 31.62 19.89 -42.49
C GLY D 50 32.50 20.70 -43.41
N LYS D 51 32.37 22.02 -43.36
CA LYS D 51 33.17 22.91 -44.18
C LYS D 51 34.23 23.59 -43.35
N PRO D 52 35.48 23.64 -43.81
CA PRO D 52 36.54 24.26 -43.01
C PRO D 52 36.52 25.77 -43.11
N SER D 53 36.97 26.41 -42.02
CA SER D 53 37.07 27.86 -41.99
C SER D 53 38.10 28.24 -40.93
N LEU D 54 38.89 29.28 -41.23
CA LEU D 54 40.02 29.65 -40.38
C LEU D 54 39.50 30.10 -39.01
N GLU D 55 40.08 29.51 -37.98
CA GLU D 55 39.77 29.97 -36.62
C GLU D 55 40.99 30.72 -36.16
N VAL D 56 42.05 29.97 -35.87
CA VAL D 56 43.24 30.57 -35.25
C VAL D 56 44.19 31.11 -36.30
N ALA D 57 44.41 30.37 -37.38
CA ALA D 57 45.29 30.82 -38.44
C ALA D 57 44.74 32.09 -39.07
N GLN D 58 45.60 32.78 -39.81
CA GLN D 58 45.21 33.99 -40.51
C GLN D 58 45.44 33.92 -42.01
N SER D 59 46.44 33.17 -42.45
CA SER D 59 46.70 33.03 -43.89
C SER D 59 47.44 31.74 -44.14
N ILE D 60 46.85 30.85 -44.94
CA ILE D 60 47.43 29.57 -45.29
C ILE D 60 47.66 29.57 -46.79
N GLU D 61 48.89 29.85 -47.21
CA GLU D 61 49.21 30.08 -48.62
C GLU D 61 49.97 28.90 -49.20
N SER D 62 49.55 28.47 -50.38
CA SER D 62 50.23 27.37 -51.08
C SER D 62 49.95 27.50 -52.57
N ALA D 63 50.99 27.81 -53.34
CA ALA D 63 50.84 27.95 -54.78
C ALA D 63 51.09 26.66 -55.54
N ASP D 64 51.55 25.61 -54.85
CA ASP D 64 51.89 24.35 -55.51
C ASP D 64 51.32 23.13 -54.81
N ASN D 65 50.58 23.30 -53.71
CA ASN D 65 50.00 22.24 -52.90
C ASN D 65 51.04 21.31 -52.30
N VAL D 66 52.31 21.71 -52.29
CA VAL D 66 53.37 20.96 -51.61
C VAL D 66 53.95 21.76 -50.46
N ASN D 67 54.17 23.06 -50.65
CA ASN D 67 54.70 23.94 -49.62
C ASN D 67 53.58 24.82 -49.11
N TYR D 68 53.34 24.78 -47.82
CA TYR D 68 52.34 25.62 -47.17
C TYR D 68 53.04 26.63 -46.28
N ARG D 69 52.47 27.84 -46.20
CA ARG D 69 52.99 28.89 -45.34
C ARG D 69 51.83 29.41 -44.50
N ILE D 70 51.93 29.25 -43.19
CA ILE D 70 50.85 29.56 -42.27
C ILE D 70 51.24 30.75 -41.42
N THR D 71 50.41 31.80 -41.44
CA THR D 71 50.54 32.95 -40.57
C THR D 71 49.34 32.98 -39.64
N VAL D 72 49.61 33.15 -38.35
CA VAL D 72 48.63 32.97 -37.28
C VAL D 72 48.22 34.32 -36.71
N LYS D 73 46.98 34.39 -36.21
CA LYS D 73 46.47 35.63 -35.63
C LYS D 73 47.19 35.92 -34.31
N PRO D 74 47.44 37.20 -34.00
CA PRO D 74 48.17 37.53 -32.78
C PRO D 74 47.40 37.29 -31.49
N GLY D 75 46.19 37.82 -31.40
CA GLY D 75 45.51 37.92 -30.12
C GLY D 75 44.81 36.67 -29.63
N TRP D 76 45.58 35.66 -29.27
CA TRP D 76 45.05 34.48 -28.60
C TRP D 76 45.81 34.25 -27.30
N LYS D 77 45.31 33.32 -26.49
CA LYS D 77 45.85 33.03 -25.17
C LYS D 77 45.20 31.78 -24.62
N PHE D 78 45.95 31.05 -23.80
CA PHE D 78 45.43 29.88 -23.12
C PHE D 78 44.70 30.30 -21.85
N THR D 79 44.10 29.33 -21.18
CA THR D 79 43.39 29.62 -19.94
C THR D 79 44.32 29.78 -18.75
N ASP D 80 45.62 29.90 -18.97
CA ASP D 80 46.57 30.23 -17.92
C ASP D 80 47.38 31.46 -18.27
N GLY D 81 46.92 32.25 -19.24
CA GLY D 81 47.62 33.47 -19.60
C GLY D 81 48.97 33.25 -20.26
N SER D 82 49.08 32.24 -21.12
CA SER D 82 50.29 31.99 -21.86
C SER D 82 50.03 32.23 -23.34
N PRO D 83 50.87 32.99 -24.03
CA PRO D 83 50.50 33.45 -25.38
C PRO D 83 50.62 32.33 -26.39
N VAL D 84 49.59 32.19 -27.22
CA VAL D 84 49.65 31.24 -28.32
C VAL D 84 50.62 31.75 -29.37
N THR D 85 51.40 30.85 -29.94
CA THR D 85 52.36 31.21 -30.97
C THR D 85 52.71 29.97 -31.78
N ALA D 86 53.42 30.17 -32.88
CA ALA D 86 53.77 29.07 -33.78
C ALA D 86 54.62 28.02 -33.08
N HIS D 87 55.33 28.40 -32.03
CA HIS D 87 56.09 27.42 -31.27
C HIS D 87 55.18 26.35 -30.70
N SER D 88 53.98 26.74 -30.27
CA SER D 88 53.07 25.75 -29.70
C SER D 88 52.71 24.68 -30.73
N PHE D 89 52.35 25.10 -31.94
CA PHE D 89 52.01 24.12 -32.97
C PHE D 89 53.19 23.27 -33.35
N VAL D 90 54.34 23.90 -33.61
CA VAL D 90 55.50 23.14 -34.08
C VAL D 90 55.94 22.14 -33.02
N ASP D 91 55.96 22.54 -31.76
CA ASP D 91 56.39 21.64 -30.70
C ASP D 91 55.38 20.54 -30.47
N ALA D 92 54.08 20.85 -30.53
CA ALA D 92 53.07 19.81 -30.38
C ALA D 92 53.19 18.76 -31.47
N TRP D 93 53.41 19.19 -32.71
CA TRP D 93 53.50 18.23 -33.81
C TRP D 93 54.79 17.42 -33.71
N ASN D 94 55.92 18.08 -33.46
CA ASN D 94 57.18 17.34 -33.32
C ASN D 94 57.13 16.37 -32.15
N TYR D 95 56.38 16.69 -31.10
CA TYR D 95 56.24 15.75 -29.98
C TYR D 95 55.36 14.58 -30.38
N GLY D 96 54.20 14.85 -30.97
CA GLY D 96 53.26 13.79 -31.27
C GLY D 96 53.72 12.86 -32.36
N ALA D 97 54.53 13.36 -33.28
CA ALA D 97 54.97 12.58 -34.43
C ALA D 97 56.22 11.76 -34.13
N LEU D 98 56.65 11.69 -32.89
CA LEU D 98 57.88 11.01 -32.51
C LEU D 98 57.57 9.60 -32.02
N SER D 99 58.32 8.62 -32.53
CA SER D 99 58.05 7.23 -32.22
C SER D 99 58.48 6.86 -30.81
N THR D 100 59.48 7.57 -30.26
CA THR D 100 59.92 7.29 -28.90
C THR D 100 58.77 7.41 -27.91
N ASN D 101 58.01 8.51 -28.00
CA ASN D 101 56.91 8.76 -27.07
C ASN D 101 55.80 7.72 -27.17
N ALA D 102 55.78 6.91 -28.24
CA ALA D 102 54.76 5.89 -28.44
C ALA D 102 53.36 6.50 -28.33
N GLN D 103 53.08 7.41 -29.25
CA GLN D 103 51.88 8.23 -29.17
C GLN D 103 50.85 7.70 -30.17
N LEU D 104 49.57 7.73 -29.76
CA LEU D 104 48.53 7.04 -30.52
C LEU D 104 48.39 7.59 -31.94
N GLN D 105 48.09 8.87 -32.07
CA GLN D 105 47.73 9.45 -33.35
C GLN D 105 48.94 9.72 -34.25
N GLN D 106 50.09 9.15 -33.92
CA GLN D 106 51.32 9.47 -34.66
C GLN D 106 51.14 9.32 -36.17
N HIS D 107 50.39 8.31 -36.60
CA HIS D 107 50.27 8.03 -38.03
C HIS D 107 49.71 9.23 -38.79
N PHE D 108 48.88 10.04 -38.14
CA PHE D 108 48.30 11.20 -38.81
C PHE D 108 49.38 12.15 -39.34
N PHE D 109 50.58 12.12 -38.77
CA PHE D 109 51.66 13.00 -39.20
C PHE D 109 52.53 12.36 -40.27
N SER D 110 51.99 11.40 -41.01
CA SER D 110 52.79 10.76 -42.05
C SER D 110 53.17 11.68 -43.20
N PRO D 111 52.31 12.57 -43.72
CA PRO D 111 52.73 13.40 -44.86
C PRO D 111 53.34 14.73 -44.48
N ILE D 112 54.50 14.73 -43.81
CA ILE D 112 55.17 15.97 -43.45
C ILE D 112 56.61 16.04 -43.96
N GLU D 113 57.05 15.05 -44.74
CA GLU D 113 58.38 15.04 -45.35
C GLU D 113 59.47 14.91 -44.28
N GLY D 114 59.08 14.52 -43.07
CA GLY D 114 60.05 14.23 -42.04
C GLY D 114 59.62 13.07 -41.15
N PHE D 115 58.52 12.42 -41.52
CA PHE D 115 57.95 11.39 -40.66
C PHE D 115 58.73 10.08 -40.75
N ASP D 116 59.22 9.76 -41.95
CA ASP D 116 59.95 8.50 -42.13
C ASP D 116 61.23 8.46 -41.32
N ASP D 117 61.80 9.62 -41.02
CA ASP D 117 63.02 9.67 -40.23
C ASP D 117 62.73 9.33 -38.77
N VAL D 118 61.69 9.94 -38.20
CA VAL D 118 61.44 9.85 -36.77
C VAL D 118 60.53 8.70 -36.39
N ALA D 119 59.92 8.02 -37.37
CA ALA D 119 59.04 6.91 -37.03
C ALA D 119 59.37 5.62 -37.75
N GLY D 120 60.55 5.53 -38.38
CA GLY D 120 60.90 4.32 -39.10
C GLY D 120 61.70 3.33 -38.26
N ALA D 121 62.80 3.79 -37.68
CA ALA D 121 63.67 2.94 -36.87
C ALA D 121 64.69 3.81 -36.15
N PRO D 122 65.17 3.39 -34.97
CA PRO D 122 66.17 4.21 -34.26
C PRO D 122 67.58 3.99 -34.77
N GLY D 123 67.82 4.34 -36.02
CA GLY D 123 69.16 4.31 -36.59
C GLY D 123 69.57 5.66 -37.11
N ASP D 124 68.59 6.47 -37.48
CA ASP D 124 68.78 7.87 -37.87
C ASP D 124 67.96 8.80 -37.00
N LYS D 125 67.51 8.30 -35.85
CA LYS D 125 66.71 9.08 -34.91
C LYS D 125 67.55 9.98 -34.03
N SER D 126 68.83 10.19 -34.38
CA SER D 126 69.63 11.18 -33.67
C SER D 126 68.97 12.55 -33.74
N ARG D 127 68.23 12.82 -34.81
CA ARG D 127 67.36 13.98 -34.89
C ARG D 127 65.94 13.55 -34.54
N THR D 128 65.28 14.33 -33.69
CA THR D 128 63.92 14.05 -33.26
C THR D 128 62.98 15.17 -33.68
N THR D 129 63.34 15.89 -34.73
CA THR D 129 62.53 16.96 -35.28
C THR D 129 62.40 16.78 -36.78
N MET D 130 61.18 16.94 -37.28
CA MET D 130 60.96 16.84 -38.72
C MET D 130 61.67 17.98 -39.45
N SER D 131 62.03 17.72 -40.70
CA SER D 131 62.75 18.68 -41.52
C SER D 131 61.83 19.49 -42.42
N GLY D 132 60.52 19.33 -42.29
CA GLY D 132 59.60 20.13 -43.06
C GLY D 132 59.16 21.37 -42.31
N LEU D 133 58.84 21.20 -41.03
CA LEU D 133 58.31 22.28 -40.21
C LEU D 133 59.42 23.27 -39.88
N ARG D 134 59.38 24.44 -40.52
CA ARG D 134 60.26 25.54 -40.18
C ARG D 134 59.53 26.49 -39.26
N VAL D 135 60.16 27.62 -38.93
CA VAL D 135 59.54 28.72 -38.18
C VAL D 135 60.18 30.02 -38.66
N VAL D 136 59.37 30.94 -39.19
CA VAL D 136 59.92 32.22 -39.64
C VAL D 136 60.09 33.16 -38.47
N ASN D 137 58.98 33.51 -37.82
CA ASN D 137 59.01 34.12 -36.50
C ASN D 137 57.88 33.49 -35.71
N ASP D 138 57.62 34.02 -34.53
CA ASP D 138 56.69 33.39 -33.61
C ASP D 138 55.26 33.41 -34.14
N LEU D 139 55.02 34.10 -35.26
CA LEU D 139 53.67 34.21 -35.79
C LEU D 139 53.51 33.62 -37.18
N GLU D 140 54.49 32.87 -37.69
CA GLU D 140 54.29 32.16 -38.95
C GLU D 140 55.35 31.09 -39.12
N PHE D 141 54.98 30.04 -39.86
CA PHE D 141 55.90 28.97 -40.14
C PHE D 141 55.57 28.37 -41.50
N THR D 142 56.33 27.33 -41.86
CA THR D 142 56.29 26.76 -43.20
C THR D 142 56.32 25.23 -43.11
N VAL D 143 55.38 24.59 -43.79
CA VAL D 143 55.29 23.15 -43.86
C VAL D 143 55.62 22.72 -45.28
N ARG D 144 56.19 21.54 -45.42
CA ARG D 144 56.52 20.98 -46.73
C ARG D 144 56.14 19.51 -46.73
N LEU D 145 55.22 19.13 -47.59
CA LEU D 145 54.74 17.76 -47.66
C LEU D 145 55.60 16.96 -48.64
N LYS D 146 55.20 15.72 -48.91
CA LYS D 146 55.92 14.87 -49.85
C LYS D 146 55.38 15.03 -51.27
N ALA D 147 54.09 14.79 -51.45
CA ALA D 147 53.45 14.87 -52.75
C ALA D 147 52.25 15.80 -52.68
N PRO D 148 51.92 16.48 -53.79
CA PRO D 148 50.81 17.45 -53.77
C PRO D 148 49.55 16.88 -53.16
N THR D 149 49.09 17.46 -52.05
CA THR D 149 47.98 16.94 -51.27
C THR D 149 47.00 18.07 -51.03
N ILE D 150 46.04 18.24 -51.95
CA ILE D 150 45.03 19.29 -51.82
C ILE D 150 44.11 19.06 -50.63
N ASP D 151 44.15 17.88 -50.02
CA ASP D 151 43.31 17.57 -48.88
C ASP D 151 43.96 17.94 -47.55
N PHE D 152 45.18 18.48 -47.57
CA PHE D 152 45.85 18.81 -46.32
C PHE D 152 45.14 19.93 -45.59
N THR D 153 44.82 21.02 -46.30
CA THR D 153 44.20 22.18 -45.69
C THR D 153 42.85 21.88 -45.07
N LEU D 154 42.32 20.68 -45.26
CA LEU D 154 41.05 20.30 -44.64
C LEU D 154 41.25 19.59 -43.31
N ARG D 155 42.37 18.90 -43.13
CA ARG D 155 42.61 18.13 -41.92
C ARG D 155 43.24 18.95 -40.80
N LEU D 156 43.60 20.20 -41.06
CA LEU D 156 44.16 21.04 -40.01
C LEU D 156 43.18 21.33 -38.90
N GLY D 157 41.90 21.04 -39.09
CA GLY D 157 40.92 21.13 -38.03
C GLY D 157 40.73 19.85 -37.24
N HIS D 158 41.50 18.81 -37.55
CA HIS D 158 41.36 17.55 -36.85
C HIS D 158 41.86 17.68 -35.41
N SER D 159 41.32 16.82 -34.54
CA SER D 159 41.57 16.90 -33.11
C SER D 159 42.98 16.47 -32.73
N SER D 160 43.84 16.23 -33.71
CA SER D 160 45.21 15.83 -33.44
C SER D 160 46.21 16.94 -33.70
N PHE D 161 45.86 17.94 -34.50
CA PHE D 161 46.75 19.04 -34.84
C PHE D 161 46.56 20.24 -33.92
N TYR D 162 46.18 20.01 -32.67
CA TYR D 162 45.88 21.06 -31.70
C TYR D 162 47.15 21.60 -31.06
N PRO D 163 47.13 22.85 -30.61
CA PRO D 163 48.30 23.41 -29.94
C PRO D 163 48.32 23.09 -28.46
N LEU D 164 49.54 22.98 -27.93
CA LEU D 164 49.73 22.68 -26.52
C LEU D 164 50.51 23.81 -25.85
N PRO D 165 50.24 24.08 -24.57
CA PRO D 165 50.94 25.18 -23.88
C PRO D 165 52.40 24.89 -23.65
N ASP D 166 53.09 25.78 -22.94
CA ASP D 166 54.50 25.58 -22.63
C ASP D 166 54.69 24.75 -21.37
N SER D 167 53.74 24.78 -20.45
CA SER D 167 53.82 24.01 -19.21
C SER D 167 53.37 22.57 -19.39
N ALA D 168 53.30 22.08 -20.63
CA ALA D 168 52.86 20.72 -20.88
C ALA D 168 53.94 19.81 -21.45
N PHE D 169 54.90 20.35 -22.21
CA PHE D 169 55.94 19.51 -22.77
C PHE D 169 56.92 19.00 -21.72
N ARG D 170 56.91 19.58 -20.53
CA ARG D 170 57.84 19.18 -19.47
C ARG D 170 57.20 18.33 -18.38
N ASP D 171 55.91 18.49 -18.14
CA ASP D 171 55.16 17.69 -17.16
C ASP D 171 53.96 17.04 -17.82
N MET D 172 54.20 16.41 -18.98
CA MET D 172 53.10 15.87 -19.77
C MET D 172 52.29 14.83 -19.02
N ALA D 173 52.93 14.07 -18.12
CA ALA D 173 52.21 13.06 -17.36
C ALA D 173 51.14 13.67 -16.46
N ALA D 174 51.26 14.95 -16.14
CA ALA D 174 50.22 15.66 -15.40
C ALA D 174 49.16 16.27 -16.31
N PHE D 175 49.49 16.50 -17.58
CA PHE D 175 48.58 17.09 -18.53
C PHE D 175 47.47 16.12 -18.91
N GLY D 176 47.42 14.98 -18.25
CA GLY D 176 46.34 14.05 -18.47
C GLY D 176 45.33 14.12 -17.35
N ARG D 177 45.58 14.99 -16.37
CA ARG D 177 44.67 15.15 -15.24
C ARG D 177 44.07 16.53 -15.13
N ASN D 178 44.70 17.56 -15.71
CA ASN D 178 44.15 18.91 -15.73
C ASN D 178 44.61 19.61 -17.00
N PRO D 179 43.99 19.29 -18.13
CA PRO D 179 44.41 19.88 -19.39
C PRO D 179 44.05 21.36 -19.47
N ILE D 180 44.70 22.05 -20.39
CA ILE D 180 44.56 23.49 -20.55
C ILE D 180 44.60 23.80 -22.04
N GLY D 181 43.60 24.54 -22.54
CA GLY D 181 43.53 24.84 -23.95
C GLY D 181 42.65 26.03 -24.23
N ASN D 182 42.86 26.62 -25.40
CA ASN D 182 42.27 27.89 -25.79
C ASN D 182 40.86 27.75 -26.37
N GLY D 183 40.19 26.62 -26.15
CA GLY D 183 38.94 26.36 -26.81
C GLY D 183 37.77 27.17 -26.27
N PRO D 184 36.56 26.83 -26.70
CA PRO D 184 35.37 27.53 -26.22
C PRO D 184 35.08 27.27 -24.74
N TYR D 185 35.07 26.00 -24.35
CA TYR D 185 34.79 25.62 -22.98
C TYR D 185 36.10 25.42 -22.22
N LYS D 186 35.97 25.10 -20.94
CA LYS D 186 37.11 24.80 -20.10
C LYS D 186 36.65 24.05 -18.86
N LEU D 187 37.50 23.22 -18.29
CA LEU D 187 37.14 22.46 -17.11
C LEU D 187 36.77 23.39 -15.96
N ALA D 188 35.69 23.06 -15.26
CA ALA D 188 35.15 23.94 -14.22
C ALA D 188 36.18 24.18 -13.12
N ASP D 189 36.62 23.11 -12.47
CA ASP D 189 37.55 23.18 -11.34
C ASP D 189 37.03 24.14 -10.26
N GLY D 190 35.91 23.79 -9.65
CA GLY D 190 35.42 24.50 -8.49
C GLY D 190 35.76 23.74 -7.23
N PRO D 191 35.83 24.44 -6.09
CA PRO D 191 36.14 23.77 -4.82
C PRO D 191 35.20 22.64 -4.48
N ALA D 192 33.99 22.67 -5.06
CA ALA D 192 32.99 21.62 -4.80
C ALA D 192 33.50 20.24 -5.18
N GLY D 193 34.15 20.12 -6.33
CA GLY D 193 34.60 18.83 -6.81
C GLY D 193 35.82 18.92 -7.72
N PRO D 194 36.39 17.76 -8.07
CA PRO D 194 37.61 17.77 -8.88
C PRO D 194 37.38 18.11 -10.34
N ALA D 195 36.12 18.27 -10.76
CA ALA D 195 35.74 18.59 -12.14
C ALA D 195 36.02 17.43 -13.09
N TRP D 196 36.46 16.29 -12.56
CA TRP D 196 36.50 15.04 -13.29
C TRP D 196 36.42 13.91 -12.29
N GLU D 197 35.20 13.41 -12.05
CA GLU D 197 34.88 12.42 -10.98
C GLU D 197 35.46 11.01 -11.20
N HIS D 198 35.97 10.68 -12.39
CA HIS D 198 36.47 9.34 -12.60
C HIS D 198 35.37 8.29 -12.55
N ASN D 199 34.55 8.24 -13.60
CA ASN D 199 33.37 7.40 -13.74
C ASN D 199 32.14 7.97 -13.04
N VAL D 200 32.07 9.29 -12.90
CA VAL D 200 30.82 9.91 -12.51
C VAL D 200 30.43 11.00 -13.50
N ARG D 201 31.28 12.01 -13.70
CA ARG D 201 30.91 13.14 -14.54
C ARG D 201 32.11 13.99 -14.89
N ILE D 202 31.92 14.86 -15.88
CA ILE D 202 32.84 15.95 -16.19
C ILE D 202 32.05 17.23 -16.39
N ASP D 203 32.49 18.31 -15.76
CA ASP D 203 31.86 19.61 -15.91
C ASP D 203 32.68 20.50 -16.83
N LEU D 204 32.01 21.39 -17.55
CA LEU D 204 32.69 22.35 -18.41
C LEU D 204 31.92 23.66 -18.40
N VAL D 205 32.64 24.77 -18.26
CA VAL D 205 32.02 26.09 -18.29
C VAL D 205 32.68 26.94 -19.37
N PRO D 206 32.01 27.94 -19.92
CA PRO D 206 32.59 28.67 -21.06
C PRO D 206 33.85 29.43 -20.67
N ASN D 207 34.82 29.43 -21.60
CA ASN D 207 36.07 30.15 -21.42
C ASN D 207 35.87 31.61 -21.81
N PRO D 208 35.98 32.54 -20.86
CA PRO D 208 35.71 33.94 -21.18
C PRO D 208 36.85 34.63 -21.90
N ASP D 209 37.82 33.85 -22.41
CA ASP D 209 38.93 34.39 -23.16
C ASP D 209 38.93 33.91 -24.60
N TYR D 210 37.76 33.65 -25.18
CA TYR D 210 37.63 33.03 -26.49
C TYR D 210 36.97 34.00 -27.46
N HIS D 211 37.52 34.09 -28.67
CA HIS D 211 36.92 34.86 -29.75
C HIS D 211 37.19 34.01 -30.99
N GLY D 212 36.20 33.25 -31.42
CA GLY D 212 36.37 32.35 -32.56
C GLY D 212 35.06 32.13 -33.28
N ASN D 213 34.92 30.95 -33.88
CA ASN D 213 33.77 30.61 -34.70
C ASN D 213 32.71 29.82 -33.95
N ARG D 214 33.00 29.30 -32.76
CA ARG D 214 32.13 28.39 -32.06
C ARG D 214 31.70 28.94 -30.69
N LYS D 215 31.28 30.20 -30.64
CA LYS D 215 30.85 30.86 -29.41
C LYS D 215 29.81 30.03 -28.68
N PRO D 216 30.02 29.73 -27.41
CA PRO D 216 29.04 28.93 -26.67
C PRO D 216 27.78 29.74 -26.39
N ARG D 217 26.63 29.13 -26.64
CA ARG D 217 25.33 29.77 -26.44
C ARG D 217 24.57 29.19 -25.26
N ASN D 218 25.23 28.42 -24.41
CA ASN D 218 24.63 27.91 -23.17
C ASN D 218 25.56 28.21 -22.00
N LYS D 219 25.24 27.68 -20.82
CA LYS D 219 25.96 28.02 -19.61
C LYS D 219 27.07 27.04 -19.27
N GLY D 220 27.22 25.97 -20.03
CA GLY D 220 28.22 24.95 -19.76
C GLY D 220 27.61 23.58 -19.96
N LEU D 221 28.48 22.58 -20.08
CA LEU D 221 28.04 21.21 -20.26
C LEU D 221 28.39 20.37 -19.04
N ARG D 222 27.71 19.23 -18.93
CA ARG D 222 28.03 18.25 -17.90
C ARG D 222 27.89 16.87 -18.54
N PHE D 223 29.02 16.30 -18.93
CA PHE D 223 29.02 14.97 -19.53
C PHE D 223 28.84 13.94 -18.43
N GLU D 224 27.75 13.19 -18.50
CA GLU D 224 27.38 12.21 -17.49
C GLU D 224 27.82 10.83 -17.96
N PHE D 225 28.79 10.24 -17.27
CA PHE D 225 29.37 8.97 -17.70
C PHE D 225 28.35 7.86 -17.50
N TYR D 226 27.83 7.33 -18.60
CA TYR D 226 26.81 6.29 -18.55
C TYR D 226 27.37 4.98 -19.09
N ALA D 227 26.50 3.98 -19.06
CA ALA D 227 26.69 2.71 -19.74
C ALA D 227 25.32 2.06 -19.81
N ASN D 228 25.16 1.09 -20.72
CA ASN D 228 23.88 0.44 -20.91
C ASN D 228 22.80 1.46 -21.27
N LEU D 229 22.92 1.97 -22.49
CA LEU D 229 22.16 3.11 -23.00
C LEU D 229 20.69 3.11 -22.63
N ASP D 230 20.10 1.94 -22.38
CA ASP D 230 18.72 1.91 -21.90
C ASP D 230 18.56 2.68 -20.60
N THR D 231 19.58 2.65 -19.74
CA THR D 231 19.54 3.44 -18.52
C THR D 231 19.53 4.93 -18.83
N ALA D 232 20.36 5.36 -19.78
CA ALA D 232 20.35 6.76 -20.18
C ALA D 232 19.02 7.16 -20.82
N TYR D 233 18.38 6.25 -21.53
CA TYR D 233 17.07 6.55 -22.11
C TYR D 233 16.03 6.72 -21.03
N ALA D 234 16.05 5.85 -20.01
CA ALA D 234 15.15 6.03 -18.88
C ALA D 234 15.41 7.35 -18.17
N ASP D 235 16.70 7.68 -18.03
CA ASP D 235 17.11 8.95 -17.37
C ASP D 235 16.54 10.13 -18.16
N LEU D 236 16.60 10.07 -19.50
CA LEU D 236 16.08 11.13 -20.33
C LEU D 236 14.57 11.24 -20.21
N LEU D 237 13.88 10.10 -20.19
CA LEU D 237 12.43 10.12 -20.07
C LEU D 237 11.99 10.72 -18.74
N SER D 238 12.68 10.37 -17.65
CA SER D 238 12.32 10.87 -16.33
C SER D 238 13.08 12.14 -15.99
N GLY D 239 13.05 13.11 -16.91
CA GLY D 239 13.62 14.44 -16.71
C GLY D 239 14.93 14.53 -15.96
N ASN D 240 15.93 13.75 -16.37
CA ASN D 240 17.24 13.78 -15.73
C ASN D 240 18.36 13.83 -16.76
N LEU D 241 18.05 14.19 -18.00
CA LEU D 241 19.02 14.28 -19.06
C LEU D 241 18.45 15.22 -20.12
N ASP D 242 19.32 15.74 -20.97
CA ASP D 242 18.89 16.72 -21.95
C ASP D 242 19.21 16.36 -23.38
N VAL D 243 20.27 15.60 -23.64
CA VAL D 243 20.56 15.13 -24.99
C VAL D 243 20.99 13.68 -24.90
N LEU D 244 20.25 12.79 -25.56
CA LEU D 244 20.56 11.37 -25.44
C LEU D 244 21.66 10.94 -26.40
N ASP D 245 21.69 11.50 -27.60
CA ASP D 245 22.73 11.32 -28.61
C ASP D 245 22.68 9.95 -29.29
N THR D 246 21.90 9.00 -28.76
CA THR D 246 21.71 7.73 -29.43
C THR D 246 20.49 7.12 -28.76
N ILE D 247 19.55 6.65 -29.56
CA ILE D 247 18.40 5.92 -29.04
C ILE D 247 18.79 4.46 -28.92
N PRO D 248 18.58 3.81 -27.78
CA PRO D 248 19.00 2.42 -27.64
C PRO D 248 18.22 1.52 -28.56
N PRO D 249 18.81 0.43 -29.03
CA PRO D 249 18.12 -0.43 -30.00
C PRO D 249 16.79 -0.95 -29.52
N SER D 250 16.62 -1.12 -28.21
CA SER D 250 15.38 -1.65 -27.67
C SER D 250 14.26 -0.63 -27.64
N ALA D 251 14.49 0.59 -28.13
CA ALA D 251 13.49 1.65 -28.02
C ALA D 251 13.38 2.54 -29.24
N LEU D 252 13.89 2.12 -30.39
CA LEU D 252 13.81 2.94 -31.59
C LEU D 252 12.66 2.54 -32.50
N THR D 253 11.70 1.76 -31.99
CA THR D 253 10.44 1.55 -32.67
C THR D 253 9.28 2.27 -32.01
N VAL D 254 9.53 2.91 -30.86
CA VAL D 254 8.53 3.69 -30.15
C VAL D 254 9.05 5.07 -29.76
N TYR D 255 10.30 5.38 -30.08
CA TYR D 255 10.89 6.65 -29.64
C TYR D 255 10.10 7.83 -30.15
N GLN D 256 9.72 7.80 -31.43
CA GLN D 256 8.93 8.91 -31.98
C GLN D 256 7.58 9.00 -31.29
N ARG D 257 7.04 7.82 -30.94
CA ARG D 257 5.72 7.70 -30.27
C ARG D 257 5.71 8.38 -28.90
N ASP D 258 6.69 8.11 -28.04
CA ASP D 258 6.67 8.72 -26.69
C ASP D 258 7.70 9.83 -26.57
N LEU D 259 8.16 10.36 -27.68
CA LEU D 259 8.94 11.59 -27.64
C LEU D 259 8.17 12.73 -28.29
N GLY D 260 7.59 12.51 -29.47
CA GLY D 260 6.72 13.51 -30.05
C GLY D 260 7.44 14.75 -30.56
N ASP D 261 8.16 14.60 -31.68
CA ASP D 261 8.92 15.65 -32.36
C ASP D 261 9.97 16.28 -31.46
N HIS D 262 10.34 15.59 -30.39
CA HIS D 262 11.53 15.92 -29.62
C HIS D 262 12.67 14.97 -29.96
N ALA D 263 12.75 14.59 -31.23
CA ALA D 263 13.77 13.64 -31.68
C ALA D 263 13.95 13.82 -33.17
N THR D 264 15.20 14.02 -33.59
CA THR D 264 15.54 14.18 -35.00
C THR D 264 16.57 13.13 -35.40
N SER D 265 16.98 13.17 -36.66
CA SER D 265 17.95 12.23 -37.15
C SER D 265 18.66 12.83 -38.36
N GLY D 266 19.82 12.28 -38.68
CA GLY D 266 20.59 12.75 -39.80
C GLY D 266 21.73 11.79 -40.11
N PRO D 267 22.20 11.80 -41.34
CA PRO D 267 23.26 10.85 -41.73
C PRO D 267 24.53 11.11 -40.96
N ALA D 268 25.29 10.05 -40.75
CA ALA D 268 26.61 10.11 -40.14
C ALA D 268 27.67 9.79 -41.19
N ALA D 269 28.92 9.71 -40.75
CA ALA D 269 30.03 9.43 -41.63
C ALA D 269 30.71 8.10 -41.30
N ILE D 270 29.89 7.09 -40.98
CA ILE D 270 30.37 5.76 -40.65
C ILE D 270 29.69 4.77 -41.57
N ASN D 271 30.46 3.90 -42.19
CA ASN D 271 29.92 2.87 -43.08
C ASN D 271 30.19 1.49 -42.50
N GLN D 272 29.68 0.47 -43.19
CA GLN D 272 29.89 -0.91 -42.80
C GLN D 272 29.97 -1.77 -44.05
N THR D 273 30.79 -2.83 -43.97
CA THR D 273 30.95 -3.72 -45.10
C THR D 273 31.36 -5.09 -44.58
N LEU D 274 31.29 -6.09 -45.44
CA LEU D 274 31.84 -7.39 -45.10
C LEU D 274 32.82 -7.81 -46.19
N ASP D 275 33.71 -8.73 -45.83
CA ASP D 275 34.80 -9.06 -46.71
C ASP D 275 35.31 -10.46 -46.44
N THR D 276 35.98 -11.00 -47.46
CA THR D 276 36.61 -12.32 -47.42
C THR D 276 38.11 -12.11 -47.61
N PRO D 277 38.92 -12.18 -46.54
CA PRO D 277 40.36 -11.95 -46.68
C PRO D 277 41.00 -12.86 -47.71
N LEU D 278 41.46 -12.29 -48.82
CA LEU D 278 41.70 -13.02 -50.07
C LEU D 278 42.75 -14.12 -49.96
N ARG D 279 43.28 -14.35 -48.76
CA ARG D 279 44.15 -15.49 -48.54
C ARG D 279 43.37 -16.78 -48.30
N LEU D 280 42.06 -16.69 -48.06
CA LEU D 280 41.27 -17.89 -47.85
C LEU D 280 41.03 -18.58 -49.20
N PRO D 281 40.94 -19.92 -49.20
CA PRO D 281 40.89 -20.64 -50.48
C PRO D 281 39.63 -20.33 -51.27
N HIS D 282 39.73 -20.51 -52.58
CA HIS D 282 38.64 -20.32 -53.54
C HIS D 282 38.12 -18.89 -53.58
N PHE D 283 39.00 -17.91 -53.40
CA PHE D 283 38.62 -16.51 -53.55
C PHE D 283 39.67 -15.65 -54.25
N GLY D 284 40.79 -16.22 -54.68
CA GLY D 284 41.76 -15.47 -55.44
C GLY D 284 41.44 -15.45 -56.94
N GLY D 285 41.91 -14.39 -57.59
CA GLY D 285 41.79 -14.30 -59.03
C GLY D 285 40.39 -13.97 -59.52
N GLU D 286 40.10 -14.44 -60.73
CA GLU D 286 38.83 -14.13 -61.38
C GLU D 286 37.66 -14.75 -60.65
N GLU D 287 37.77 -16.03 -60.29
CA GLU D 287 36.67 -16.72 -59.64
C GLU D 287 36.30 -16.06 -58.31
N GLY D 288 37.29 -15.62 -57.54
CA GLY D 288 36.99 -14.97 -56.27
C GLY D 288 36.32 -13.62 -56.45
N ARG D 289 36.80 -12.83 -57.42
CA ARG D 289 36.16 -11.57 -57.71
C ARG D 289 34.72 -11.78 -58.15
N LEU D 290 34.47 -12.83 -58.93
CA LEU D 290 33.11 -13.12 -59.37
C LEU D 290 32.24 -13.57 -58.21
N ARG D 291 32.81 -14.35 -57.28
CA ARG D 291 32.08 -14.73 -56.08
C ARG D 291 31.71 -13.51 -55.25
N ARG D 292 32.61 -12.53 -55.16
CA ARG D 292 32.32 -11.34 -54.37
C ARG D 292 31.26 -10.46 -55.04
N LEU D 293 31.32 -10.34 -56.38
CA LEU D 293 30.27 -9.61 -57.07
C LEU D 293 28.92 -10.30 -56.92
N ALA D 294 28.93 -11.65 -56.95
CA ALA D 294 27.70 -12.39 -56.68
C ALA D 294 27.16 -12.07 -55.29
N LEU D 295 28.01 -12.22 -54.27
CA LEU D 295 27.60 -11.92 -52.90
C LEU D 295 27.06 -10.50 -52.78
N SER D 296 27.62 -9.57 -53.54
CA SER D 296 27.04 -8.23 -53.58
C SER D 296 25.65 -8.25 -54.20
N ALA D 297 25.46 -9.09 -55.22
CA ALA D 297 24.15 -9.23 -55.84
C ALA D 297 23.17 -10.04 -55.00
N ALA D 298 23.60 -10.62 -53.88
CA ALA D 298 22.79 -11.59 -53.15
C ALA D 298 22.43 -11.14 -51.73
N ILE D 299 22.54 -9.85 -51.43
CA ILE D 299 22.13 -9.33 -50.13
C ILE D 299 21.12 -8.22 -50.35
N ASN D 300 19.89 -8.43 -49.87
CA ASN D 300 18.86 -7.40 -49.94
C ASN D 300 19.07 -6.45 -48.76
N ARG D 301 19.58 -5.27 -49.04
CA ARG D 301 19.93 -4.29 -48.02
C ARG D 301 18.73 -3.48 -47.52
N PRO D 302 17.79 -3.04 -48.38
CA PRO D 302 16.62 -2.33 -47.84
C PRO D 302 15.82 -3.18 -46.87
N GLN D 303 15.63 -4.47 -47.19
CA GLN D 303 14.88 -5.33 -46.30
C GLN D 303 15.53 -5.41 -44.93
N ILE D 304 16.85 -5.55 -44.88
CA ILE D 304 17.54 -5.62 -43.60
C ILE D 304 17.42 -4.30 -42.86
N CYS D 305 17.76 -3.20 -43.52
CA CYS D 305 17.68 -1.89 -42.89
C CYS D 305 16.30 -1.57 -42.37
N GLN D 306 15.26 -2.19 -42.94
CA GLN D 306 13.91 -1.96 -42.44
C GLN D 306 13.51 -2.94 -41.34
N GLN D 307 13.98 -4.18 -41.41
CA GLN D 307 13.55 -5.18 -40.43
C GLN D 307 14.33 -5.09 -39.14
N ILE D 308 15.67 -5.12 -39.24
CA ILE D 308 16.50 -5.16 -38.04
C ILE D 308 16.66 -3.77 -37.44
N PHE D 309 17.23 -2.86 -38.22
CA PHE D 309 17.57 -1.54 -37.70
C PHE D 309 16.38 -0.60 -37.61
N ALA D 310 15.30 -0.89 -38.33
CA ALA D 310 14.09 -0.07 -38.29
C ALA D 310 14.39 1.38 -38.68
N GLY D 311 15.29 1.56 -39.63
CA GLY D 311 15.54 2.86 -40.21
C GLY D 311 16.70 3.65 -39.64
N THR D 312 17.63 3.00 -38.94
CA THR D 312 18.85 3.67 -38.50
C THR D 312 20.05 3.23 -39.31
N ARG D 313 19.83 2.92 -40.58
CA ARG D 313 20.90 2.68 -41.55
C ARG D 313 20.46 3.25 -42.89
N SER D 314 21.28 3.07 -43.91
CA SER D 314 20.93 3.55 -45.23
C SER D 314 21.62 2.68 -46.28
N PRO D 315 20.89 2.17 -47.27
CA PRO D 315 21.51 1.28 -48.26
C PRO D 315 22.72 1.94 -48.91
N ALA D 316 23.75 1.14 -49.16
CA ALA D 316 25.05 1.65 -49.57
C ALA D 316 25.07 1.84 -51.08
N ARG D 317 25.11 3.10 -51.52
CA ARG D 317 25.19 3.43 -52.93
C ARG D 317 26.63 3.53 -53.43
N ASP D 318 27.62 3.48 -52.54
CA ASP D 318 29.03 3.55 -52.93
C ASP D 318 29.91 3.13 -51.76
N PHE D 319 31.22 3.37 -51.88
CA PHE D 319 32.13 2.95 -50.82
C PHE D 319 32.40 4.05 -49.79
N THR D 320 31.92 5.25 -50.01
CA THR D 320 32.00 6.33 -49.03
C THR D 320 30.68 6.42 -48.26
N ALA D 321 30.54 7.50 -47.48
CA ALA D 321 29.34 7.72 -46.70
C ALA D 321 28.50 8.82 -47.34
N ARG D 322 27.39 9.17 -46.69
CA ARG D 322 26.45 10.15 -47.22
C ARG D 322 26.81 11.59 -46.85
N SER D 323 27.04 11.83 -45.55
CA SER D 323 27.31 13.18 -45.07
C SER D 323 28.62 13.76 -45.61
N LEU D 324 29.37 13.00 -46.37
CA LEU D 324 30.65 13.49 -46.88
C LEU D 324 30.42 14.61 -47.89
N PRO D 325 31.14 15.73 -47.78
CA PRO D 325 30.96 16.81 -48.76
C PRO D 325 31.29 16.34 -50.16
N GLY D 326 30.34 16.55 -51.08
CA GLY D 326 30.53 16.15 -52.46
C GLY D 326 30.24 14.68 -52.68
N PHE D 327 29.05 14.25 -52.30
CA PHE D 327 28.63 12.88 -52.45
C PHE D 327 27.76 12.75 -53.70
N ASP D 328 28.01 11.68 -54.47
CA ASP D 328 27.29 11.41 -55.72
C ASP D 328 26.37 10.22 -55.53
N PRO D 329 25.14 10.43 -55.05
CA PRO D 329 24.24 9.30 -54.79
C PRO D 329 23.95 8.48 -56.02
N ASN D 330 23.40 9.12 -57.05
CA ASN D 330 23.02 8.43 -58.28
C ASN D 330 24.21 8.44 -59.23
N LEU D 331 25.27 7.77 -58.78
CA LEU D 331 26.50 7.68 -59.55
C LEU D 331 26.27 6.84 -60.80
N PRO D 332 26.45 7.39 -62.00
CA PRO D 332 26.38 6.56 -63.22
C PRO D 332 27.31 5.36 -63.14
N GLY D 333 26.72 4.17 -63.10
CA GLY D 333 27.48 2.95 -62.91
C GLY D 333 27.34 2.30 -61.54
N ASN D 334 26.49 2.86 -60.67
CA ASN D 334 26.30 2.31 -59.33
C ASN D 334 25.43 1.06 -59.31
N GLU D 335 25.19 0.46 -60.47
CA GLU D 335 24.27 -0.67 -60.55
C GLU D 335 24.88 -1.94 -59.98
N VAL D 336 26.22 -2.05 -59.98
CA VAL D 336 26.89 -3.31 -59.68
C VAL D 336 26.38 -3.90 -58.38
N LEU D 337 26.29 -3.08 -57.34
CA LEU D 337 25.64 -3.51 -56.11
C LEU D 337 24.13 -3.42 -56.27
N ASP D 338 23.42 -4.46 -55.88
CA ASP D 338 21.99 -4.57 -56.16
C ASP D 338 21.46 -5.80 -55.43
N TYR D 339 20.15 -5.98 -55.50
CA TYR D 339 19.49 -7.23 -55.11
C TYR D 339 18.78 -7.73 -56.36
N ASP D 340 19.52 -8.43 -57.21
CA ASP D 340 19.02 -8.92 -58.49
C ASP D 340 19.29 -10.41 -58.55
N PRO D 341 18.38 -11.23 -58.01
CA PRO D 341 18.60 -12.68 -58.01
C PRO D 341 18.91 -13.24 -59.39
N GLN D 342 18.36 -12.65 -60.45
CA GLN D 342 18.72 -13.02 -61.80
C GLN D 342 20.24 -12.97 -61.99
N ARG D 343 20.82 -11.78 -61.78
CA ARG D 343 22.26 -11.62 -61.97
C ARG D 343 23.04 -12.47 -60.98
N ALA D 344 22.56 -12.58 -59.75
CA ALA D 344 23.27 -13.37 -58.74
C ALA D 344 23.41 -14.83 -59.17
N ARG D 345 22.28 -15.46 -59.53
CA ARG D 345 22.33 -16.86 -59.93
C ARG D 345 23.11 -17.05 -61.22
N ARG D 346 22.90 -16.20 -62.23
CA ARG D 346 23.63 -16.38 -63.48
C ARG D 346 25.12 -16.17 -63.29
N LEU D 347 25.52 -15.25 -62.40
CA LEU D 347 26.93 -15.00 -62.17
C LEU D 347 27.55 -16.14 -61.38
N TRP D 348 26.83 -16.71 -60.42
CA TRP D 348 27.34 -17.88 -59.73
C TRP D 348 27.54 -19.03 -60.71
N ALA D 349 26.58 -19.22 -61.63
CA ALA D 349 26.70 -20.28 -62.62
C ALA D 349 27.84 -20.02 -63.59
N GLN D 350 28.14 -18.75 -63.84
CA GLN D 350 29.25 -18.41 -64.71
C GLN D 350 30.58 -18.58 -64.00
N ALA D 351 30.60 -18.37 -62.68
CA ALA D 351 31.82 -18.32 -61.90
C ALA D 351 32.24 -19.68 -61.36
N ASP D 352 31.31 -20.61 -61.20
CA ASP D 352 31.68 -21.94 -60.71
C ASP D 352 32.41 -22.77 -61.76
N ALA D 353 32.73 -22.18 -62.92
CA ALA D 353 33.48 -22.86 -63.96
C ALA D 353 34.95 -23.06 -63.59
N ILE D 354 35.39 -22.45 -62.49
CA ILE D 354 36.72 -22.72 -61.95
C ILE D 354 36.67 -23.70 -60.78
N SER D 355 35.59 -23.68 -59.98
CA SER D 355 35.40 -24.63 -58.89
C SER D 355 33.96 -24.51 -58.42
N PRO D 356 33.28 -25.62 -58.17
CA PRO D 356 31.89 -25.54 -57.69
C PRO D 356 31.80 -24.92 -56.30
N TRP D 357 32.54 -25.48 -55.36
CA TRP D 357 32.57 -24.96 -53.99
C TRP D 357 33.64 -25.69 -53.21
N SER D 358 34.10 -25.05 -52.13
CA SER D 358 35.15 -25.60 -51.28
C SER D 358 34.58 -26.29 -50.04
N GLY D 359 33.66 -25.63 -49.34
CA GLY D 359 33.15 -26.14 -48.09
C GLY D 359 32.28 -25.14 -47.35
N ARG D 360 32.56 -24.93 -46.07
CA ARG D 360 31.76 -24.00 -45.28
C ARG D 360 31.95 -22.56 -45.75
N TYR D 361 31.21 -21.66 -45.13
CA TYR D 361 31.35 -20.22 -45.31
C TYR D 361 31.00 -19.67 -43.94
N ALA D 362 32.00 -19.27 -43.17
CA ALA D 362 31.77 -18.70 -41.85
C ALA D 362 31.85 -17.18 -41.91
N ILE D 363 31.13 -16.54 -40.99
CA ILE D 363 31.21 -15.11 -40.78
C ILE D 363 31.58 -14.89 -39.32
N ALA D 364 32.80 -14.40 -39.10
CA ALA D 364 33.34 -14.19 -37.76
C ALA D 364 33.17 -12.73 -37.36
N TYR D 365 32.86 -12.52 -36.09
CA TYR D 365 32.52 -11.18 -35.64
C TYR D 365 32.64 -11.11 -34.12
N ASN D 366 33.02 -9.94 -33.63
CA ASN D 366 32.86 -9.63 -32.22
C ASN D 366 31.39 -9.79 -31.84
N ALA D 367 31.14 -10.40 -30.68
CA ALA D 367 29.77 -10.68 -30.26
C ALA D 367 29.41 -10.09 -28.90
N ASP D 368 29.94 -8.92 -28.56
CA ASP D 368 29.61 -8.28 -27.29
C ASP D 368 28.73 -7.06 -27.43
N ALA D 369 28.93 -6.25 -28.47
CA ALA D 369 28.16 -5.03 -28.64
C ALA D 369 26.82 -5.28 -29.30
N GLY D 370 26.64 -6.40 -29.98
CA GLY D 370 25.38 -6.75 -30.61
C GLY D 370 25.43 -6.74 -32.11
N HIS D 371 25.57 -7.93 -32.70
CA HIS D 371 25.52 -8.12 -34.14
C HIS D 371 24.75 -9.35 -34.56
N ARG D 372 24.30 -10.18 -33.61
CA ARG D 372 23.63 -11.42 -33.93
C ARG D 372 22.52 -11.25 -34.94
N ASP D 373 21.67 -10.24 -34.75
CA ASP D 373 20.49 -10.10 -35.58
C ASP D 373 20.84 -9.91 -37.05
N TRP D 374 21.54 -8.82 -37.36
CA TRP D 374 21.82 -8.55 -38.76
C TRP D 374 22.81 -9.54 -39.35
N VAL D 375 23.69 -10.11 -38.52
CA VAL D 375 24.62 -11.11 -39.06
C VAL D 375 23.86 -12.38 -39.46
N ASP D 376 22.94 -12.83 -38.60
CA ASP D 376 22.11 -13.98 -38.95
C ASP D 376 21.25 -13.67 -40.17
N ALA D 377 20.73 -12.45 -40.26
CA ALA D 377 19.87 -12.09 -41.38
C ALA D 377 20.64 -12.10 -42.69
N VAL D 378 21.85 -11.53 -42.71
CA VAL D 378 22.63 -11.54 -43.95
C VAL D 378 23.08 -12.95 -44.28
N ALA D 379 23.43 -13.74 -43.25
CA ALA D 379 23.81 -15.13 -43.51
C ALA D 379 22.66 -15.91 -44.13
N ASN D 380 21.46 -15.73 -43.62
CA ASN D 380 20.31 -16.44 -44.18
C ASN D 380 20.00 -15.96 -45.59
N SER D 381 19.93 -14.64 -45.79
CA SER D 381 19.62 -14.13 -47.13
C SER D 381 20.74 -14.35 -48.12
N ILE D 382 21.92 -14.75 -47.68
CA ILE D 382 23.01 -15.06 -48.59
C ILE D 382 22.98 -16.56 -48.86
N LYS D 383 22.50 -17.32 -47.89
CA LYS D 383 22.28 -18.75 -48.06
C LYS D 383 20.95 -18.97 -48.76
N ASN D 384 20.77 -20.18 -49.32
CA ASN D 384 19.52 -20.62 -49.93
C ASN D 384 19.00 -19.59 -50.94
N VAL D 385 19.85 -18.73 -51.47
CA VAL D 385 19.46 -17.84 -52.55
C VAL D 385 20.37 -18.12 -53.74
N LEU D 386 21.60 -18.53 -53.47
CA LEU D 386 22.57 -18.85 -54.51
C LEU D 386 23.11 -20.26 -54.39
N GLY D 387 22.55 -21.08 -53.51
CA GLY D 387 23.04 -22.43 -53.33
C GLY D 387 24.37 -22.47 -52.62
N ILE D 388 24.40 -21.98 -51.38
CA ILE D 388 25.57 -22.05 -50.52
C ILE D 388 25.12 -22.39 -49.11
N ASP D 389 26.08 -22.43 -48.18
CA ASP D 389 25.86 -22.89 -46.82
C ASP D 389 26.52 -22.01 -45.76
N ALA D 390 26.34 -20.69 -45.84
CA ALA D 390 27.02 -19.80 -44.91
C ALA D 390 26.39 -19.88 -43.53
N VAL D 391 27.20 -19.58 -42.50
CA VAL D 391 26.76 -19.53 -41.12
C VAL D 391 27.67 -18.58 -40.35
N ALA D 392 27.27 -18.24 -39.13
CA ALA D 392 28.05 -17.38 -38.26
C ALA D 392 29.07 -18.18 -37.46
N ALA D 393 29.99 -17.45 -36.82
CA ALA D 393 31.01 -18.04 -35.95
C ALA D 393 31.59 -16.96 -35.05
N PRO D 394 30.91 -16.60 -33.97
CA PRO D 394 31.31 -15.42 -33.20
C PRO D 394 32.60 -15.63 -32.42
N GLN D 395 33.20 -14.50 -32.04
CA GLN D 395 34.32 -14.44 -31.11
C GLN D 395 33.94 -13.48 -29.99
N PRO D 396 33.87 -13.94 -28.74
CA PRO D 396 33.26 -13.10 -27.70
C PRO D 396 34.10 -11.92 -27.27
N THR D 397 35.42 -11.96 -27.48
CA THR D 397 36.32 -10.95 -26.96
C THR D 397 36.75 -9.97 -28.06
N PHE D 398 36.75 -8.69 -27.71
CA PHE D 398 37.15 -7.66 -28.67
C PHE D 398 38.61 -7.84 -29.08
N ALA D 399 39.51 -7.96 -28.10
CA ALA D 399 40.91 -8.19 -28.40
C ALA D 399 41.09 -9.47 -29.21
N GLY D 400 40.33 -10.51 -28.88
CA GLY D 400 40.43 -11.75 -29.64
C GLY D 400 40.05 -11.57 -31.10
N PHE D 401 38.91 -10.91 -31.35
CA PHE D 401 38.48 -10.71 -32.73
C PHE D 401 39.46 -9.82 -33.49
N ARG D 402 39.98 -8.78 -32.83
CA ARG D 402 40.93 -7.90 -33.50
C ARG D 402 42.22 -8.63 -33.83
N THR D 403 42.72 -9.44 -32.88
CA THR D 403 43.94 -10.20 -33.13
C THR D 403 43.72 -11.27 -34.18
N GLN D 404 42.49 -11.77 -34.32
CA GLN D 404 42.22 -12.81 -35.30
C GLN D 404 42.42 -12.31 -36.72
N ILE D 405 42.29 -11.01 -36.95
CA ILE D 405 42.51 -10.48 -38.30
C ILE D 405 43.89 -9.83 -38.36
N THR D 406 44.37 -9.27 -37.26
CA THR D 406 45.76 -8.84 -37.27
C THR D 406 46.71 -10.03 -37.31
N ASN D 407 46.17 -11.25 -37.33
CA ASN D 407 46.81 -12.52 -37.66
C ASN D 407 47.06 -12.64 -39.18
N ARG D 408 46.88 -11.48 -39.81
CA ARG D 408 47.14 -11.27 -41.22
C ARG D 408 46.29 -12.19 -42.11
N ALA D 409 44.97 -12.00 -42.00
CA ALA D 409 44.01 -12.52 -42.96
C ALA D 409 44.07 -14.05 -43.06
N ILE D 410 43.65 -14.71 -41.99
CA ILE D 410 43.70 -16.17 -41.92
C ILE D 410 42.52 -16.82 -42.66
N ASP D 411 41.31 -16.62 -42.15
CA ASP D 411 40.12 -17.33 -42.62
C ASP D 411 38.91 -16.70 -41.92
N SER D 412 37.74 -17.31 -42.10
CA SER D 412 36.52 -16.92 -41.41
C SER D 412 36.14 -15.47 -41.73
N ALA D 413 35.71 -15.27 -42.97
CA ALA D 413 35.33 -13.96 -43.51
C ALA D 413 34.49 -13.12 -42.57
N PHE D 414 34.80 -11.83 -42.49
CA PHE D 414 34.45 -11.00 -41.35
C PHE D 414 33.95 -9.65 -41.82
N ARG D 415 33.42 -8.88 -40.85
CA ARG D 415 32.84 -7.57 -41.12
C ARG D 415 33.82 -6.48 -40.71
N ALA D 416 33.68 -5.31 -41.33
CA ALA D 416 34.59 -4.20 -41.10
C ALA D 416 33.83 -2.89 -41.25
N GLY D 417 33.93 -2.03 -40.26
CA GLY D 417 33.43 -0.67 -40.34
C GLY D 417 34.57 0.32 -40.23
N TRP D 418 34.51 1.39 -41.01
CA TRP D 418 35.57 2.37 -41.06
C TRP D 418 35.00 3.76 -40.79
N ARG D 419 35.01 4.17 -39.53
CA ARG D 419 34.56 5.50 -39.17
C ARG D 419 35.56 6.55 -39.65
N GLY D 420 35.06 7.57 -40.32
CA GLY D 420 35.90 8.64 -40.81
C GLY D 420 36.31 9.60 -39.72
N ASP D 421 37.42 10.30 -39.94
CA ASP D 421 37.96 11.23 -38.96
C ASP D 421 37.66 12.68 -39.30
N TYR D 422 37.98 13.12 -40.51
CA TYR D 422 37.66 14.45 -40.99
C TYR D 422 37.00 14.34 -42.36
N PRO D 423 36.09 15.25 -42.67
CA PRO D 423 35.17 15.00 -43.80
C PRO D 423 35.78 15.13 -45.18
N SER D 424 36.41 14.07 -45.66
CA SER D 424 36.84 14.00 -47.05
C SER D 424 36.75 12.56 -47.51
N MET D 425 36.39 12.36 -48.78
CA MET D 425 36.16 11.01 -49.29
C MET D 425 37.47 10.24 -49.44
N ILE D 426 38.57 10.92 -49.77
CA ILE D 426 39.84 10.25 -49.91
C ILE D 426 40.25 9.61 -48.60
N GLU D 427 39.87 10.21 -47.47
CA GLU D 427 40.15 9.62 -46.18
C GLU D 427 39.40 8.30 -45.98
N PHE D 428 38.36 8.05 -46.78
CA PHE D 428 37.69 6.76 -46.77
C PHE D 428 38.27 5.78 -47.78
N LEU D 429 38.68 6.29 -48.94
CA LEU D 429 39.21 5.39 -49.95
C LEU D 429 40.64 4.95 -49.63
N ALA D 430 41.56 5.92 -49.55
CA ALA D 430 42.98 5.58 -49.51
C ALA D 430 43.39 4.74 -48.30
N PRO D 431 43.04 5.08 -47.06
CA PRO D 431 43.50 4.24 -45.93
C PRO D 431 42.99 2.81 -45.97
N LEU D 432 42.10 2.48 -46.91
CA LEU D 432 41.60 1.11 -47.04
C LEU D 432 42.14 0.39 -48.25
N PHE D 433 42.05 0.98 -49.44
CA PHE D 433 42.40 0.30 -50.69
C PHE D 433 43.65 0.97 -51.26
N THR D 434 44.81 0.49 -50.83
CA THR D 434 46.09 0.96 -51.32
C THR D 434 47.09 -0.18 -51.15
N ALA D 435 48.11 -0.21 -52.02
CA ALA D 435 49.06 -1.31 -52.10
C ALA D 435 49.46 -1.87 -50.74
N GLY D 436 49.92 -1.01 -49.84
CA GLY D 436 50.34 -1.48 -48.53
C GLY D 436 50.01 -0.55 -47.39
N ALA D 437 49.05 0.36 -47.61
CA ALA D 437 48.72 1.39 -46.63
C ALA D 437 47.90 0.76 -45.51
N GLY D 438 48.57 -0.06 -44.69
CA GLY D 438 47.95 -0.55 -43.47
C GLY D 438 46.73 -1.41 -43.69
N SER D 439 45.56 -0.85 -43.37
CA SER D 439 44.31 -1.61 -43.36
C SER D 439 43.91 -1.93 -44.79
N ASN D 440 44.50 -3.01 -45.30
CA ASN D 440 44.21 -3.55 -46.61
C ASN D 440 43.95 -5.05 -46.48
N ASP D 441 43.09 -5.41 -45.52
CA ASP D 441 42.95 -6.78 -45.05
C ASP D 441 42.33 -7.71 -46.08
N VAL D 442 42.10 -7.23 -47.30
CA VAL D 442 41.53 -8.03 -48.37
C VAL D 442 42.53 -8.33 -49.47
N GLY D 443 43.79 -7.96 -49.27
CA GLY D 443 44.81 -8.27 -50.26
C GLY D 443 44.62 -7.63 -51.61
N TYR D 444 43.80 -6.59 -51.70
CA TYR D 444 43.55 -5.93 -52.97
C TYR D 444 44.74 -5.05 -53.33
N ILE D 445 45.34 -5.33 -54.48
CA ILE D 445 46.48 -4.57 -54.99
C ILE D 445 46.12 -4.06 -56.37
N ASN D 446 46.25 -2.76 -56.58
CA ASN D 446 46.01 -2.22 -57.91
C ASN D 446 46.87 -0.97 -58.04
N PRO D 447 47.90 -1.00 -58.89
CA PRO D 447 48.63 0.24 -59.22
C PRO D 447 47.79 1.21 -60.01
N GLU D 448 46.84 0.73 -60.81
CA GLU D 448 45.92 1.62 -61.50
C GLU D 448 45.09 2.42 -60.50
N PHE D 449 44.57 1.75 -59.47
CA PHE D 449 43.81 2.45 -58.44
C PHE D 449 44.68 3.44 -57.69
N ASP D 450 45.91 3.03 -57.34
CA ASP D 450 46.80 3.94 -56.62
C ASP D 450 47.13 5.18 -57.45
N ALA D 451 47.38 4.99 -58.75
CA ALA D 451 47.66 6.13 -59.61
C ALA D 451 46.42 7.02 -59.77
N ALA D 452 45.23 6.41 -59.82
CA ALA D 452 44.01 7.21 -59.89
C ALA D 452 43.86 8.08 -58.65
N LEU D 453 44.11 7.51 -57.47
CA LEU D 453 44.02 8.30 -56.25
C LEU D 453 45.09 9.38 -56.20
N ALA D 454 46.30 9.08 -56.68
CA ALA D 454 47.34 10.08 -56.73
C ALA D 454 46.94 11.25 -57.61
N ALA D 455 46.42 10.95 -58.80
CA ALA D 455 45.96 12.01 -59.71
C ALA D 455 44.80 12.79 -59.11
N ALA D 456 43.94 12.12 -58.34
CA ALA D 456 42.85 12.82 -57.68
C ALA D 456 43.38 13.79 -56.63
N GLU D 457 44.43 13.40 -55.91
CA GLU D 457 45.00 14.30 -54.91
C GLU D 457 45.71 15.48 -55.57
N ALA D 458 46.44 15.22 -56.65
CA ALA D 458 47.24 16.28 -57.30
C ALA D 458 46.33 17.11 -58.22
N ALA D 459 45.35 17.75 -57.61
CA ALA D 459 44.34 18.50 -58.34
C ALA D 459 44.48 19.99 -58.05
N PRO D 460 44.10 20.84 -59.01
CA PRO D 460 44.20 22.28 -58.76
C PRO D 460 43.18 22.81 -57.75
N THR D 461 41.93 22.39 -57.88
CA THR D 461 40.85 22.85 -57.02
C THR D 461 40.23 21.64 -56.32
N LEU D 462 39.14 21.86 -55.59
CA LEU D 462 38.51 20.81 -54.82
C LEU D 462 37.41 20.07 -55.58
N THR D 463 36.64 20.77 -56.41
CA THR D 463 35.61 20.09 -57.19
C THR D 463 36.21 19.18 -58.25
N GLU D 464 37.34 19.59 -58.85
CA GLU D 464 38.02 18.72 -59.79
C GLU D 464 38.47 17.43 -59.11
N SER D 465 39.01 17.55 -57.90
CA SER D 465 39.40 16.35 -57.16
C SER D 465 38.18 15.53 -56.76
N HIS D 466 37.06 16.18 -56.47
CA HIS D 466 35.82 15.44 -56.23
C HIS D 466 35.47 14.57 -57.42
N GLU D 467 35.52 15.14 -58.63
CA GLU D 467 35.18 14.36 -59.81
C GLU D 467 36.18 13.24 -60.06
N LEU D 468 37.48 13.53 -59.88
CA LEU D 468 38.49 12.50 -60.05
C LEU D 468 38.29 11.36 -59.06
N VAL D 469 37.89 11.70 -57.83
CA VAL D 469 37.61 10.67 -56.83
C VAL D 469 36.39 9.86 -57.24
N ASN D 470 35.39 10.51 -57.82
CA ASN D 470 34.22 9.78 -58.31
C ASN D 470 34.63 8.75 -59.36
N ASP D 471 35.51 9.13 -60.27
CA ASP D 471 35.93 8.20 -61.32
C ASP D 471 36.80 7.07 -60.76
N ALA D 472 37.73 7.42 -59.87
CA ALA D 472 38.54 6.39 -59.21
C ALA D 472 37.68 5.46 -58.36
N GLN D 473 36.53 5.93 -57.91
CA GLN D 473 35.58 5.07 -57.21
C GLN D 473 34.84 4.15 -58.19
N ARG D 474 34.44 4.70 -59.34
CA ARG D 474 33.87 3.88 -60.39
C ARG D 474 34.79 2.72 -60.75
N ILE D 475 36.09 2.96 -60.77
CA ILE D 475 37.04 1.89 -61.09
C ILE D 475 36.97 0.77 -60.05
N LEU D 476 36.52 1.07 -58.83
CA LEU D 476 36.45 0.05 -57.79
C LEU D 476 35.35 -0.97 -58.01
N PHE D 477 34.26 -0.58 -58.68
CA PHE D 477 33.12 -1.48 -58.87
C PHE D 477 33.52 -2.72 -59.67
N HIS D 478 34.50 -2.58 -60.56
CA HIS D 478 34.86 -3.69 -61.42
C HIS D 478 35.55 -4.83 -60.66
N ASP D 479 35.98 -4.59 -59.44
CA ASP D 479 36.63 -5.63 -58.64
C ASP D 479 35.95 -5.92 -57.32
N MET D 480 35.33 -4.92 -56.69
CA MET D 480 34.65 -5.12 -55.41
C MET D 480 35.57 -5.78 -54.38
N PRO D 481 36.52 -5.03 -53.82
CA PRO D 481 37.40 -5.61 -52.79
C PRO D 481 36.62 -6.10 -51.59
N VAL D 482 35.86 -5.20 -50.97
CA VAL D 482 34.89 -5.56 -49.95
C VAL D 482 33.51 -5.35 -50.55
N VAL D 483 32.50 -5.92 -49.91
CA VAL D 483 31.11 -5.69 -50.32
C VAL D 483 30.47 -4.75 -49.31
N PRO D 484 29.99 -3.58 -49.73
CA PRO D 484 29.51 -2.57 -48.79
C PRO D 484 28.05 -2.76 -48.44
N LEU D 485 27.71 -2.70 -47.15
CA LEU D 485 26.36 -3.00 -46.74
C LEU D 485 25.50 -1.74 -46.62
N TRP D 486 25.88 -0.83 -45.72
CA TRP D 486 25.02 0.33 -45.49
C TRP D 486 25.78 1.38 -44.68
N ASP D 487 25.40 2.63 -44.91
CA ASP D 487 25.90 3.77 -44.16
C ASP D 487 25.07 3.95 -42.90
N TYR D 488 25.59 4.73 -41.96
CA TYR D 488 24.91 4.92 -40.69
C TYR D 488 23.90 6.05 -40.76
N ILE D 489 22.99 6.06 -39.78
CA ILE D 489 22.11 7.18 -39.51
C ILE D 489 21.96 7.27 -38.00
N SER D 490 22.19 8.45 -37.46
CA SER D 490 22.15 8.65 -36.01
C SER D 490 20.87 9.34 -35.61
N VAL D 491 20.43 9.07 -34.37
CA VAL D 491 19.22 9.65 -33.83
C VAL D 491 19.57 10.39 -32.54
N VAL D 492 18.91 11.51 -32.32
CA VAL D 492 19.18 12.38 -31.18
C VAL D 492 17.86 12.82 -30.57
N GLY D 493 17.73 12.68 -29.27
CA GLY D 493 16.51 13.06 -28.59
C GLY D 493 16.80 13.99 -27.42
N TRP D 494 16.11 15.13 -27.42
CA TRP D 494 16.26 16.10 -26.35
C TRP D 494 14.96 16.18 -25.56
N SER D 495 15.00 16.83 -24.39
CA SER D 495 13.91 16.58 -23.47
C SER D 495 12.75 17.56 -23.54
N SER D 496 12.92 18.77 -23.00
CA SER D 496 11.84 19.74 -23.14
C SER D 496 12.30 21.19 -23.14
N GLN D 497 13.58 21.41 -22.83
CA GLN D 497 14.08 22.76 -22.57
C GLN D 497 15.17 23.20 -23.52
N VAL D 498 16.17 22.37 -23.75
CA VAL D 498 17.10 22.62 -24.83
C VAL D 498 16.31 22.71 -26.13
N SER D 499 16.77 23.56 -27.05
CA SER D 499 15.90 23.95 -28.15
C SER D 499 16.54 23.91 -29.53
N ASN D 500 17.85 23.92 -29.65
CA ASN D 500 18.48 24.09 -30.96
C ASN D 500 19.49 23.01 -31.28
N VAL D 501 19.13 21.74 -31.09
CA VAL D 501 20.08 20.66 -31.35
C VAL D 501 20.09 20.32 -32.83
N THR D 502 21.26 19.96 -33.35
CA THR D 502 21.40 19.45 -34.71
C THR D 502 22.47 18.36 -34.68
N VAL D 503 22.38 17.44 -35.65
CA VAL D 503 23.35 16.36 -35.80
C VAL D 503 24.34 16.79 -36.87
N THR D 504 25.63 16.82 -36.54
CA THR D 504 26.52 17.64 -37.35
C THR D 504 26.97 16.96 -38.64
N TRP D 505 27.96 16.08 -38.55
CA TRP D 505 28.32 15.29 -39.73
C TRP D 505 28.81 13.91 -39.33
N ASN D 506 29.11 13.72 -38.05
CA ASN D 506 29.60 12.44 -37.57
C ASN D 506 28.67 11.86 -36.51
N GLY D 507 27.42 12.28 -36.52
CA GLY D 507 26.43 11.78 -35.60
C GLY D 507 26.30 12.54 -34.30
N LEU D 508 27.38 13.15 -33.83
CA LEU D 508 27.36 13.84 -32.56
C LEU D 508 26.62 15.17 -32.70
N PRO D 509 25.88 15.59 -31.67
CA PRO D 509 25.18 16.88 -31.74
C PRO D 509 26.12 18.06 -31.82
N ASP D 510 25.58 19.27 -31.95
CA ASP D 510 26.38 20.48 -32.07
C ASP D 510 26.33 21.08 -30.67
N TYR D 511 27.19 20.57 -29.79
CA TYR D 511 27.13 20.92 -28.38
C TYR D 511 27.30 22.42 -28.15
N GLU D 512 27.98 23.11 -29.06
CA GLU D 512 28.31 24.50 -28.82
C GLU D 512 27.11 25.41 -28.90
N ASN D 513 26.06 25.02 -29.61
CA ASN D 513 24.91 25.90 -29.79
C ASN D 513 23.59 25.21 -29.47
N ILE D 514 23.53 24.50 -28.35
CA ILE D 514 22.29 23.97 -27.82
C ILE D 514 21.81 24.90 -26.71
N VAL D 515 21.00 25.89 -27.07
CA VAL D 515 20.58 26.89 -26.09
C VAL D 515 19.53 26.31 -25.16
N LYS D 516 19.81 26.36 -23.87
CA LYS D 516 18.91 25.82 -22.86
C LYS D 516 18.11 26.97 -22.23
N ALA D 517 16.80 26.80 -22.17
CA ALA D 517 15.94 27.84 -21.61
C ALA D 517 14.81 27.22 -20.79
#